data_2BTX
# 
_entry.id   2BTX 
# 
_audit_conform.dict_name       mmcif_pdbx.dic 
_audit_conform.dict_version    5.397 
_audit_conform.dict_location   http://mmcif.pdb.org/dictionaries/ascii/mmcif_pdbx.dic 
# 
loop_
_database_2.database_id 
_database_2.database_code 
_database_2.pdbx_database_accession 
_database_2.pdbx_DOI 
PDB   2BTX         pdb_00002btx 10.2210/pdb2btx/pdb 
WWPDB D_1000177880 ?            ?                   
# 
loop_
_pdbx_audit_revision_history.ordinal 
_pdbx_audit_revision_history.data_content_type 
_pdbx_audit_revision_history.major_revision 
_pdbx_audit_revision_history.minor_revision 
_pdbx_audit_revision_history.revision_date 
1 'Structure model' 1 0 1999-01-27 
2 'Structure model' 1 1 2008-03-24 
3 'Structure model' 1 2 2011-07-13 
4 'Structure model' 1 3 2022-03-09 
5 'Structure model' 1 4 2024-10-23 
# 
_pdbx_audit_revision_details.ordinal             1 
_pdbx_audit_revision_details.revision_ordinal    1 
_pdbx_audit_revision_details.data_content_type   'Structure model' 
_pdbx_audit_revision_details.provider            repository 
_pdbx_audit_revision_details.type                'Initial release' 
_pdbx_audit_revision_details.description         ? 
_pdbx_audit_revision_details.details             ? 
# 
loop_
_pdbx_audit_revision_group.ordinal 
_pdbx_audit_revision_group.revision_ordinal 
_pdbx_audit_revision_group.data_content_type 
_pdbx_audit_revision_group.group 
1 2 'Structure model' 'Version format compliance' 
2 3 'Structure model' 'Version format compliance' 
3 4 'Structure model' 'Database references'       
4 4 'Structure model' 'Derived calculations'      
5 4 'Structure model' Other                       
6 5 'Structure model' 'Data collection'           
7 5 'Structure model' 'Structure summary'         
# 
loop_
_pdbx_audit_revision_category.ordinal 
_pdbx_audit_revision_category.revision_ordinal 
_pdbx_audit_revision_category.data_content_type 
_pdbx_audit_revision_category.category 
1 4 'Structure model' database_2                
2 4 'Structure model' pdbx_database_status      
3 4 'Structure model' pdbx_struct_assembly      
4 4 'Structure model' pdbx_struct_oper_list     
5 5 'Structure model' chem_comp_atom            
6 5 'Structure model' chem_comp_bond            
7 5 'Structure model' pdbx_entry_details        
8 5 'Structure model' pdbx_modification_feature 
# 
loop_
_pdbx_audit_revision_item.ordinal 
_pdbx_audit_revision_item.revision_ordinal 
_pdbx_audit_revision_item.data_content_type 
_pdbx_audit_revision_item.item 
1 4 'Structure model' '_database_2.pdbx_DOI'                
2 4 'Structure model' '_database_2.pdbx_database_accession' 
3 4 'Structure model' '_pdbx_database_status.process_site'  
# 
_pdbx_database_status.status_code                     REL 
_pdbx_database_status.entry_id                        2BTX 
_pdbx_database_status.recvd_initial_deposition_date   1998-08-23 
_pdbx_database_status.deposit_site                    ? 
_pdbx_database_status.process_site                    BNL 
_pdbx_database_status.status_code_sf                  ? 
_pdbx_database_status.status_code_mr                  REL 
_pdbx_database_status.SG_entry                        ? 
_pdbx_database_status.pdb_format_compatible           Y 
_pdbx_database_status.status_code_cs                  ? 
_pdbx_database_status.status_code_nmr_data            ? 
_pdbx_database_status.methods_development_category    ? 
# 
loop_
_audit_author.name 
_audit_author.pdbx_ordinal 
'Scherf, T.'            1 
'Balass, M.'            2 
'Fuchs, S.'             3 
'Katchalski-Katzir, E.' 4 
'Anglister, J.'         5 
# 
loop_
_citation.id 
_citation.title 
_citation.journal_abbrev 
_citation.journal_volume 
_citation.page_first 
_citation.page_last 
_citation.year 
_citation.journal_id_ASTM 
_citation.country 
_citation.journal_id_ISSN 
_citation.journal_id_CSD 
_citation.book_publisher 
_citation.pdbx_database_id_PubMed 
_citation.pdbx_database_id_DOI 
primary 'Three-dimensional solution structure of the complex of alpha-bungarotoxin with a library-derived peptide.'           
Proc.Natl.Acad.Sci.USA 94 6059 6064 1997 PNASA6 US 0027-8424 0040 ? 9177168 10.1073/pnas.94.12.6059 
1       'The Alpha-Bungarotoxin Binding Site on the Nicotinic Acetylcholine Receptor: Analysis Using a Phage-Epitope Library' 
Proc.Natl.Acad.Sci.USA 94 6054 ?    1997 PNASA6 US 0027-8424 0040 ? ?       ?                       
# 
loop_
_citation_author.citation_id 
_citation_author.name 
_citation_author.ordinal 
_citation_author.identifier_ORCID 
primary 'Scherf, T.'            1 ? 
primary 'Balass, M.'            2 ? 
primary 'Fuchs, S.'             3 ? 
primary 'Katchalski-Katzir, E.' 4 ? 
primary 'Anglister, J.'         5 ? 
1       'Balass, M.'            6 ? 
1       'Katchalski-Katzir, E.' 7 ? 
1       'Fuchs, S.'             8 ? 
# 
loop_
_entity.id 
_entity.type 
_entity.src_method 
_entity.pdbx_description 
_entity.formula_weight 
_entity.pdbx_number_of_molecules 
_entity.pdbx_ec 
_entity.pdbx_mutation 
_entity.pdbx_fragment 
_entity.details 
1 polymer nat ALPHA-BUNGAROTOXIN        8005.281 1 ? ? ? ? 
2 polymer man 'LIBRARY DERIVED PEPTIDE' 1640.814 1 ? ? ? ? 
# 
loop_
_entity_poly.entity_id 
_entity_poly.type 
_entity_poly.nstd_linkage 
_entity_poly.nstd_monomer 
_entity_poly.pdbx_seq_one_letter_code 
_entity_poly.pdbx_seq_one_letter_code_can 
_entity_poly.pdbx_strand_id 
_entity_poly.pdbx_target_identifier 
1 'polypeptide(L)' no no IVCHTTATSPISAVTCPPGENLCYRKMWCDAFCSSRGKVVELGCAATCPSKKPYEEVTCCSTDKCNPHPKQRPG 
IVCHTTATSPISAVTCPPGENLCYRKMWCDAFCSSRGKVVELGCAATCPSKKPYEEVTCCSTDKCNPHPKQRPG A ? 
2 'polypeptide(L)' no no MRYYESSLKSYPD                                                              MRYYESSLKSYPD B ? 
# 
loop_
_entity_poly_seq.entity_id 
_entity_poly_seq.num 
_entity_poly_seq.mon_id 
_entity_poly_seq.hetero 
1 1  ILE n 
1 2  VAL n 
1 3  CYS n 
1 4  HIS n 
1 5  THR n 
1 6  THR n 
1 7  ALA n 
1 8  THR n 
1 9  SER n 
1 10 PRO n 
1 11 ILE n 
1 12 SER n 
1 13 ALA n 
1 14 VAL n 
1 15 THR n 
1 16 CYS n 
1 17 PRO n 
1 18 PRO n 
1 19 GLY n 
1 20 GLU n 
1 21 ASN n 
1 22 LEU n 
1 23 CYS n 
1 24 TYR n 
1 25 ARG n 
1 26 LYS n 
1 27 MET n 
1 28 TRP n 
1 29 CYS n 
1 30 ASP n 
1 31 ALA n 
1 32 PHE n 
1 33 CYS n 
1 34 SER n 
1 35 SER n 
1 36 ARG n 
1 37 GLY n 
1 38 LYS n 
1 39 VAL n 
1 40 VAL n 
1 41 GLU n 
1 42 LEU n 
1 43 GLY n 
1 44 CYS n 
1 45 ALA n 
1 46 ALA n 
1 47 THR n 
1 48 CYS n 
1 49 PRO n 
1 50 SER n 
1 51 LYS n 
1 52 LYS n 
1 53 PRO n 
1 54 TYR n 
1 55 GLU n 
1 56 GLU n 
1 57 VAL n 
1 58 THR n 
1 59 CYS n 
1 60 CYS n 
1 61 SER n 
1 62 THR n 
1 63 ASP n 
1 64 LYS n 
1 65 CYS n 
1 66 ASN n 
1 67 PRO n 
1 68 HIS n 
1 69 PRO n 
1 70 LYS n 
1 71 GLN n 
1 72 ARG n 
1 73 PRO n 
1 74 GLY n 
2 1  MET n 
2 2  ARG n 
2 3  TYR n 
2 4  TYR n 
2 5  GLU n 
2 6  SER n 
2 7  SER n 
2 8  LEU n 
2 9  LYS n 
2 10 SER n 
2 11 TYR n 
2 12 PRO n 
2 13 ASP n 
# 
_entity_src_nat.entity_id                  1 
_entity_src_nat.pdbx_src_id                1 
_entity_src_nat.pdbx_alt_source_flag       sample 
_entity_src_nat.pdbx_beg_seq_num           ? 
_entity_src_nat.pdbx_end_seq_num           ? 
_entity_src_nat.common_name                'many-banded krait' 
_entity_src_nat.pdbx_organism_scientific   'Bungarus multicinctus' 
_entity_src_nat.pdbx_ncbi_taxonomy_id      8616 
_entity_src_nat.genus                      Bungarus 
_entity_src_nat.species                    ? 
_entity_src_nat.strain                     ? 
_entity_src_nat.tissue                     ? 
_entity_src_nat.tissue_fraction            ? 
_entity_src_nat.pdbx_secretion             VENOM 
_entity_src_nat.pdbx_fragment              ? 
_entity_src_nat.pdbx_variant               ? 
_entity_src_nat.pdbx_cell_line             ? 
_entity_src_nat.pdbx_atcc                  ? 
_entity_src_nat.pdbx_cellular_location     ? 
_entity_src_nat.pdbx_organ                 ? 
_entity_src_nat.pdbx_organelle             ? 
_entity_src_nat.pdbx_cell                  ? 
_entity_src_nat.pdbx_plasmid_name          ? 
_entity_src_nat.pdbx_plasmid_details       ? 
_entity_src_nat.details                    ? 
# 
loop_
_chem_comp.id 
_chem_comp.type 
_chem_comp.mon_nstd_flag 
_chem_comp.name 
_chem_comp.pdbx_synonyms 
_chem_comp.formula 
_chem_comp.formula_weight 
ALA 'L-peptide linking' y ALANINE         ? 'C3 H7 N O2'     89.093  
ARG 'L-peptide linking' y ARGININE        ? 'C6 H15 N4 O2 1' 175.209 
ASN 'L-peptide linking' y ASPARAGINE      ? 'C4 H8 N2 O3'    132.118 
ASP 'L-peptide linking' y 'ASPARTIC ACID' ? 'C4 H7 N O4'     133.103 
CYS 'L-peptide linking' y CYSTEINE        ? 'C3 H7 N O2 S'   121.158 
GLN 'L-peptide linking' y GLUTAMINE       ? 'C5 H10 N2 O3'   146.144 
GLU 'L-peptide linking' y 'GLUTAMIC ACID' ? 'C5 H9 N O4'     147.129 
GLY 'peptide linking'   y GLYCINE         ? 'C2 H5 N O2'     75.067  
HIS 'L-peptide linking' y HISTIDINE       ? 'C6 H10 N3 O2 1' 156.162 
ILE 'L-peptide linking' y ISOLEUCINE      ? 'C6 H13 N O2'    131.173 
LEU 'L-peptide linking' y LEUCINE         ? 'C6 H13 N O2'    131.173 
LYS 'L-peptide linking' y LYSINE          ? 'C6 H15 N2 O2 1' 147.195 
MET 'L-peptide linking' y METHIONINE      ? 'C5 H11 N O2 S'  149.211 
PHE 'L-peptide linking' y PHENYLALANINE   ? 'C9 H11 N O2'    165.189 
PRO 'L-peptide linking' y PROLINE         ? 'C5 H9 N O2'     115.130 
SER 'L-peptide linking' y SERINE          ? 'C3 H7 N O3'     105.093 
THR 'L-peptide linking' y THREONINE       ? 'C4 H9 N O3'     119.119 
TRP 'L-peptide linking' y TRYPTOPHAN      ? 'C11 H12 N2 O2'  204.225 
TYR 'L-peptide linking' y TYROSINE        ? 'C9 H11 N O3'    181.189 
VAL 'L-peptide linking' y VALINE          ? 'C5 H11 N O2'    117.146 
# 
loop_
_pdbx_poly_seq_scheme.asym_id 
_pdbx_poly_seq_scheme.entity_id 
_pdbx_poly_seq_scheme.seq_id 
_pdbx_poly_seq_scheme.mon_id 
_pdbx_poly_seq_scheme.ndb_seq_num 
_pdbx_poly_seq_scheme.pdb_seq_num 
_pdbx_poly_seq_scheme.auth_seq_num 
_pdbx_poly_seq_scheme.pdb_mon_id 
_pdbx_poly_seq_scheme.auth_mon_id 
_pdbx_poly_seq_scheme.pdb_strand_id 
_pdbx_poly_seq_scheme.pdb_ins_code 
_pdbx_poly_seq_scheme.hetero 
A 1 1  ILE 1  1  1  ILE ILE A . n 
A 1 2  VAL 2  2  2  VAL VAL A . n 
A 1 3  CYS 3  3  3  CYS CYS A . n 
A 1 4  HIS 4  4  4  HIS HIS A . n 
A 1 5  THR 5  5  5  THR THR A . n 
A 1 6  THR 6  6  6  THR THR A . n 
A 1 7  ALA 7  7  7  ALA ALA A . n 
A 1 8  THR 8  8  8  THR THR A . n 
A 1 9  SER 9  9  9  SER SER A . n 
A 1 10 PRO 10 10 10 PRO PRO A . n 
A 1 11 ILE 11 11 11 ILE ILE A . n 
A 1 12 SER 12 12 12 SER SER A . n 
A 1 13 ALA 13 13 13 ALA ALA A . n 
A 1 14 VAL 14 14 14 VAL VAL A . n 
A 1 15 THR 15 15 15 THR THR A . n 
A 1 16 CYS 16 16 16 CYS CYS A . n 
A 1 17 PRO 17 17 17 PRO PRO A . n 
A 1 18 PRO 18 18 18 PRO PRO A . n 
A 1 19 GLY 19 19 19 GLY GLY A . n 
A 1 20 GLU 20 20 20 GLU GLU A . n 
A 1 21 ASN 21 21 21 ASN ASN A . n 
A 1 22 LEU 22 22 22 LEU LEU A . n 
A 1 23 CYS 23 23 23 CYS CYS A . n 
A 1 24 TYR 24 24 24 TYR TYR A . n 
A 1 25 ARG 25 25 25 ARG ARG A . n 
A 1 26 LYS 26 26 26 LYS LYS A . n 
A 1 27 MET 27 27 27 MET MET A . n 
A 1 28 TRP 28 28 28 TRP TRP A . n 
A 1 29 CYS 29 29 29 CYS CYS A . n 
A 1 30 ASP 30 30 30 ASP ASP A . n 
A 1 31 ALA 31 31 31 ALA ALA A . n 
A 1 32 PHE 32 32 32 PHE PHE A . n 
A 1 33 CYS 33 33 33 CYS CYS A . n 
A 1 34 SER 34 34 34 SER SER A . n 
A 1 35 SER 35 35 35 SER SER A . n 
A 1 36 ARG 36 36 36 ARG ARG A . n 
A 1 37 GLY 37 37 37 GLY GLY A . n 
A 1 38 LYS 38 38 38 LYS LYS A . n 
A 1 39 VAL 39 39 39 VAL VAL A . n 
A 1 40 VAL 40 40 40 VAL VAL A . n 
A 1 41 GLU 41 41 41 GLU GLU A . n 
A 1 42 LEU 42 42 42 LEU LEU A . n 
A 1 43 GLY 43 43 43 GLY GLY A . n 
A 1 44 CYS 44 44 44 CYS CYS A . n 
A 1 45 ALA 45 45 45 ALA ALA A . n 
A 1 46 ALA 46 46 46 ALA ALA A . n 
A 1 47 THR 47 47 47 THR THR A . n 
A 1 48 CYS 48 48 48 CYS CYS A . n 
A 1 49 PRO 49 49 49 PRO PRO A . n 
A 1 50 SER 50 50 50 SER SER A . n 
A 1 51 LYS 51 51 51 LYS LYS A . n 
A 1 52 LYS 52 52 52 LYS LYS A . n 
A 1 53 PRO 53 53 53 PRO PRO A . n 
A 1 54 TYR 54 54 54 TYR TYR A . n 
A 1 55 GLU 55 55 55 GLU GLU A . n 
A 1 56 GLU 56 56 56 GLU GLU A . n 
A 1 57 VAL 57 57 57 VAL VAL A . n 
A 1 58 THR 58 58 58 THR THR A . n 
A 1 59 CYS 59 59 59 CYS CYS A . n 
A 1 60 CYS 60 60 60 CYS CYS A . n 
A 1 61 SER 61 61 61 SER SER A . n 
A 1 62 THR 62 62 62 THR THR A . n 
A 1 63 ASP 63 63 63 ASP ASP A . n 
A 1 64 LYS 64 64 64 LYS LYS A . n 
A 1 65 CYS 65 65 65 CYS CYS A . n 
A 1 66 ASN 66 66 66 ASN ASN A . n 
A 1 67 PRO 67 67 67 PRO PRO A . n 
A 1 68 HIS 68 68 68 HIS HIS A . n 
A 1 69 PRO 69 69 69 PRO PRO A . n 
A 1 70 LYS 70 70 70 LYS LYS A . n 
A 1 71 GLN 71 71 71 GLN GLN A . n 
A 1 72 ARG 72 72 72 ARG ARG A . n 
A 1 73 PRO 73 73 73 PRO PRO A . n 
A 1 74 GLY 74 74 74 GLY GLY A . n 
B 2 1  MET 1  1  1  MET MET B . n 
B 2 2  ARG 2  2  2  ARG ARG B . n 
B 2 3  TYR 3  3  3  TYR TYR B . n 
B 2 4  TYR 4  4  4  TYR TYR B . n 
B 2 5  GLU 5  5  5  GLU GLU B . n 
B 2 6  SER 6  6  6  SER SER B . n 
B 2 7  SER 7  7  7  SER SER B . n 
B 2 8  LEU 8  8  8  LEU LEU B . n 
B 2 9  LYS 9  9  9  LYS LYS B . n 
B 2 10 SER 10 10 10 SER SER B . n 
B 2 11 TYR 11 11 11 TYR TYR B . n 
B 2 12 PRO 12 12 12 PRO PRO B . n 
B 2 13 ASP 13 13 13 ASP ASP B . n 
# 
loop_
_software.name 
_software.classification 
_software.version 
_software.citation_id 
_software.pdbx_ordinal 
X-PLOR 'model building' 3.1 ? 1 
X-PLOR refinement       3.1 ? 2 
X-PLOR phasing          3.1 ? 3 
# 
_cell.entry_id           2BTX 
_cell.length_a           1.000 
_cell.length_b           1.000 
_cell.length_c           1.000 
_cell.angle_alpha        90.00 
_cell.angle_beta         90.00 
_cell.angle_gamma        90.00 
_cell.Z_PDB              1 
_cell.pdbx_unique_axis   ? 
# 
_symmetry.entry_id                         2BTX 
_symmetry.space_group_name_H-M             'P 1' 
_symmetry.pdbx_full_space_group_name_H-M   ? 
_symmetry.cell_setting                     ? 
_symmetry.Int_Tables_number                1 
# 
_exptl.entry_id          2BTX 
_exptl.method            'SOLUTION NMR' 
_exptl.crystals_number   ? 
# 
_struct.entry_id                  2BTX 
_struct.title                     
'SOLUTION NMR STRUCTURE OF THE COMPLEX OF ALPHA-BUNGAROTOXIN WITH A LIBRARY DERIVED PEPTIDE, NMR, MINIMIZED AVERAGE STRUCTURE' 
_struct.pdbx_model_details        ? 
_struct.pdbx_CASP_flag            ? 
_struct.pdbx_model_type_details   ? 
# 
_struct_keywords.entry_id        2BTX 
_struct_keywords.pdbx_keywords   'COMPLEX (TOXIN/PEPTIDE)' 
_struct_keywords.text            'COMPLEX (TOXIN-PEPTIDE), ALPHA-BUNGAROTOXIN, LIBRARY PEPTIDE, COMPLEX (TOXIN-PEPTIDE) complex' 
# 
loop_
_struct_asym.id 
_struct_asym.pdbx_blank_PDB_chainid_flag 
_struct_asym.pdbx_modified 
_struct_asym.entity_id 
_struct_asym.details 
A N N 1 ? 
B N N 2 ? 
# 
loop_
_struct_ref.id 
_struct_ref.db_name 
_struct_ref.db_code 
_struct_ref.entity_id 
_struct_ref.pdbx_db_accession 
_struct_ref.pdbx_align_begin 
_struct_ref.pdbx_seq_one_letter_code 
_struct_ref.pdbx_db_isoform 
1 UNP NXL1A_BUNMU 1 P60615 1 IVCHTTATSPISAVTCPPGENLCYRKMWCDAFCSSRGKVVELGCAATCPSKKPYEEVTCCSTDKCNPHPKQRPG ? 
2 PDB 2BTX        2 2BTX   ? ?                                                                          ? 
# 
loop_
_struct_ref_seq.align_id 
_struct_ref_seq.ref_id 
_struct_ref_seq.pdbx_PDB_id_code 
_struct_ref_seq.pdbx_strand_id 
_struct_ref_seq.seq_align_beg 
_struct_ref_seq.pdbx_seq_align_beg_ins_code 
_struct_ref_seq.seq_align_end 
_struct_ref_seq.pdbx_seq_align_end_ins_code 
_struct_ref_seq.pdbx_db_accession 
_struct_ref_seq.db_align_beg 
_struct_ref_seq.pdbx_db_align_beg_ins_code 
_struct_ref_seq.db_align_end 
_struct_ref_seq.pdbx_db_align_end_ins_code 
_struct_ref_seq.pdbx_auth_seq_align_beg 
_struct_ref_seq.pdbx_auth_seq_align_end 
1 1 2BTX A 1 ? 74 ? P60615 1 ? 74 ? 1 74 
2 2 2BTX B 1 ? 13 ? 2BTX   1 ? 13 ? 1 13 
# 
_pdbx_struct_assembly.id                   1 
_pdbx_struct_assembly.details              author_defined_assembly 
_pdbx_struct_assembly.method_details       ? 
_pdbx_struct_assembly.oligomeric_details   dimeric 
_pdbx_struct_assembly.oligomeric_count     2 
# 
_pdbx_struct_assembly_gen.assembly_id       1 
_pdbx_struct_assembly_gen.oper_expression   1 
_pdbx_struct_assembly_gen.asym_id_list      A,B 
# 
_pdbx_struct_oper_list.id                   1 
_pdbx_struct_oper_list.type                 'identity operation' 
_pdbx_struct_oper_list.name                 1_555 
_pdbx_struct_oper_list.symmetry_operation   x,y,z 
_pdbx_struct_oper_list.matrix[1][1]         1.0000000000 
_pdbx_struct_oper_list.matrix[1][2]         0.0000000000 
_pdbx_struct_oper_list.matrix[1][3]         0.0000000000 
_pdbx_struct_oper_list.vector[1]            0.0000000000 
_pdbx_struct_oper_list.matrix[2][1]         0.0000000000 
_pdbx_struct_oper_list.matrix[2][2]         1.0000000000 
_pdbx_struct_oper_list.matrix[2][3]         0.0000000000 
_pdbx_struct_oper_list.vector[2]            0.0000000000 
_pdbx_struct_oper_list.matrix[3][1]         0.0000000000 
_pdbx_struct_oper_list.matrix[3][2]         0.0000000000 
_pdbx_struct_oper_list.matrix[3][3]         1.0000000000 
_pdbx_struct_oper_list.vector[3]            0.0000000000 
# 
_struct_biol.id   1 
# 
loop_
_struct_conn.id 
_struct_conn.conn_type_id 
_struct_conn.pdbx_leaving_atom_flag 
_struct_conn.pdbx_PDB_id 
_struct_conn.ptnr1_label_asym_id 
_struct_conn.ptnr1_label_comp_id 
_struct_conn.ptnr1_label_seq_id 
_struct_conn.ptnr1_label_atom_id 
_struct_conn.pdbx_ptnr1_label_alt_id 
_struct_conn.pdbx_ptnr1_PDB_ins_code 
_struct_conn.pdbx_ptnr1_standard_comp_id 
_struct_conn.ptnr1_symmetry 
_struct_conn.ptnr2_label_asym_id 
_struct_conn.ptnr2_label_comp_id 
_struct_conn.ptnr2_label_seq_id 
_struct_conn.ptnr2_label_atom_id 
_struct_conn.pdbx_ptnr2_label_alt_id 
_struct_conn.pdbx_ptnr2_PDB_ins_code 
_struct_conn.ptnr1_auth_asym_id 
_struct_conn.ptnr1_auth_comp_id 
_struct_conn.ptnr1_auth_seq_id 
_struct_conn.ptnr2_auth_asym_id 
_struct_conn.ptnr2_auth_comp_id 
_struct_conn.ptnr2_auth_seq_id 
_struct_conn.ptnr2_symmetry 
_struct_conn.pdbx_ptnr3_label_atom_id 
_struct_conn.pdbx_ptnr3_label_seq_id 
_struct_conn.pdbx_ptnr3_label_comp_id 
_struct_conn.pdbx_ptnr3_label_asym_id 
_struct_conn.pdbx_ptnr3_label_alt_id 
_struct_conn.pdbx_ptnr3_PDB_ins_code 
_struct_conn.details 
_struct_conn.pdbx_dist_value 
_struct_conn.pdbx_value_order 
_struct_conn.pdbx_role 
disulf1 disulf ? ? A CYS 3  SG ? ? ? 1_555 A CYS 23 SG ? ? A CYS 3  A CYS 23 1_555 ? ? ? ? ? ? ? 2.016 ? ? 
disulf2 disulf ? ? A CYS 16 SG ? ? ? 1_555 A CYS 44 SG ? ? A CYS 16 A CYS 44 1_555 ? ? ? ? ? ? ? 2.022 ? ? 
disulf3 disulf ? ? A CYS 29 SG ? ? ? 1_555 A CYS 33 SG ? ? A CYS 29 A CYS 33 1_555 ? ? ? ? ? ? ? 2.018 ? ? 
disulf4 disulf ? ? A CYS 48 SG ? ? ? 1_555 A CYS 59 SG ? ? A CYS 48 A CYS 59 1_555 ? ? ? ? ? ? ? 2.025 ? ? 
disulf5 disulf ? ? A CYS 60 SG ? ? ? 1_555 A CYS 65 SG ? ? A CYS 60 A CYS 65 1_555 ? ? ? ? ? ? ? 2.012 ? ? 
# 
_struct_conn_type.id          disulf 
_struct_conn_type.criteria    ? 
_struct_conn_type.reference   ? 
# 
loop_
_pdbx_modification_feature.ordinal 
_pdbx_modification_feature.label_comp_id 
_pdbx_modification_feature.label_asym_id 
_pdbx_modification_feature.label_seq_id 
_pdbx_modification_feature.label_alt_id 
_pdbx_modification_feature.modified_residue_label_comp_id 
_pdbx_modification_feature.modified_residue_label_asym_id 
_pdbx_modification_feature.modified_residue_label_seq_id 
_pdbx_modification_feature.modified_residue_label_alt_id 
_pdbx_modification_feature.auth_comp_id 
_pdbx_modification_feature.auth_asym_id 
_pdbx_modification_feature.auth_seq_id 
_pdbx_modification_feature.PDB_ins_code 
_pdbx_modification_feature.symmetry 
_pdbx_modification_feature.modified_residue_auth_comp_id 
_pdbx_modification_feature.modified_residue_auth_asym_id 
_pdbx_modification_feature.modified_residue_auth_seq_id 
_pdbx_modification_feature.modified_residue_PDB_ins_code 
_pdbx_modification_feature.modified_residue_symmetry 
_pdbx_modification_feature.comp_id_linking_atom 
_pdbx_modification_feature.modified_residue_id_linking_atom 
_pdbx_modification_feature.modified_residue_id 
_pdbx_modification_feature.ref_pcm_id 
_pdbx_modification_feature.ref_comp_id 
_pdbx_modification_feature.type 
_pdbx_modification_feature.category 
1 CYS A 3  ? CYS A 23 ? CYS A 3  ? 1_555 CYS A 23 ? 1_555 SG SG . . . None 'Disulfide bridge' 
2 CYS A 16 ? CYS A 44 ? CYS A 16 ? 1_555 CYS A 44 ? 1_555 SG SG . . . None 'Disulfide bridge' 
3 CYS A 29 ? CYS A 33 ? CYS A 29 ? 1_555 CYS A 33 ? 1_555 SG SG . . . None 'Disulfide bridge' 
4 CYS A 48 ? CYS A 59 ? CYS A 48 ? 1_555 CYS A 59 ? 1_555 SG SG . . . None 'Disulfide bridge' 
5 CYS A 60 ? CYS A 65 ? CYS A 60 ? 1_555 CYS A 65 ? 1_555 SG SG . . . None 'Disulfide bridge' 
# 
loop_
_struct_sheet.id 
_struct_sheet.type 
_struct_sheet.number_strands 
_struct_sheet.details 
A ? 2 ? 
B ? 3 ? 
# 
loop_
_struct_sheet_order.sheet_id 
_struct_sheet_order.range_id_1 
_struct_sheet_order.range_id_2 
_struct_sheet_order.offset 
_struct_sheet_order.sense 
A 1 2 ? anti-parallel 
B 1 2 ? anti-parallel 
B 2 3 ? anti-parallel 
# 
loop_
_struct_sheet_range.sheet_id 
_struct_sheet_range.id 
_struct_sheet_range.beg_label_comp_id 
_struct_sheet_range.beg_label_asym_id 
_struct_sheet_range.beg_label_seq_id 
_struct_sheet_range.pdbx_beg_PDB_ins_code 
_struct_sheet_range.end_label_comp_id 
_struct_sheet_range.end_label_asym_id 
_struct_sheet_range.end_label_seq_id 
_struct_sheet_range.pdbx_end_PDB_ins_code 
_struct_sheet_range.beg_auth_comp_id 
_struct_sheet_range.beg_auth_asym_id 
_struct_sheet_range.beg_auth_seq_id 
_struct_sheet_range.end_auth_comp_id 
_struct_sheet_range.end_auth_asym_id 
_struct_sheet_range.end_auth_seq_id 
A 1 VAL A 2  ? HIS A 4  ? VAL A 2  HIS A 4  
A 2 ALA A 13 ? THR A 15 ? ALA A 13 THR A 15 
B 1 GLU A 41 ? ALA A 45 ? GLU A 41 ALA A 45 
B 2 LEU A 22 ? LYS A 26 ? LEU A 22 LYS A 26 
B 3 THR A 58 ? CYS A 60 ? THR A 58 CYS A 60 
# 
loop_
_pdbx_struct_sheet_hbond.sheet_id 
_pdbx_struct_sheet_hbond.range_id_1 
_pdbx_struct_sheet_hbond.range_id_2 
_pdbx_struct_sheet_hbond.range_1_label_atom_id 
_pdbx_struct_sheet_hbond.range_1_label_comp_id 
_pdbx_struct_sheet_hbond.range_1_label_asym_id 
_pdbx_struct_sheet_hbond.range_1_label_seq_id 
_pdbx_struct_sheet_hbond.range_1_PDB_ins_code 
_pdbx_struct_sheet_hbond.range_1_auth_atom_id 
_pdbx_struct_sheet_hbond.range_1_auth_comp_id 
_pdbx_struct_sheet_hbond.range_1_auth_asym_id 
_pdbx_struct_sheet_hbond.range_1_auth_seq_id 
_pdbx_struct_sheet_hbond.range_2_label_atom_id 
_pdbx_struct_sheet_hbond.range_2_label_comp_id 
_pdbx_struct_sheet_hbond.range_2_label_asym_id 
_pdbx_struct_sheet_hbond.range_2_label_seq_id 
_pdbx_struct_sheet_hbond.range_2_PDB_ins_code 
_pdbx_struct_sheet_hbond.range_2_auth_atom_id 
_pdbx_struct_sheet_hbond.range_2_auth_comp_id 
_pdbx_struct_sheet_hbond.range_2_auth_asym_id 
_pdbx_struct_sheet_hbond.range_2_auth_seq_id 
A 1 2 O CYS A 3  ? O CYS A 3  N VAL A 14 ? N VAL A 14 
B 1 2 O GLU A 41 ? O GLU A 41 N LYS A 26 ? N LYS A 26 
B 2 3 O CYS A 23 ? O CYS A 23 N CYS A 60 ? N CYS A 60 
# 
_pdbx_entry_details.entry_id                   2BTX 
_pdbx_entry_details.compound_details           ? 
_pdbx_entry_details.source_details             ? 
_pdbx_entry_details.nonpolymer_details         ? 
_pdbx_entry_details.sequence_details           ? 
_pdbx_entry_details.has_ligand_of_interest     ? 
_pdbx_entry_details.has_protein_modification   Y 
# 
loop_
_pdbx_validate_torsion.id 
_pdbx_validate_torsion.PDB_model_num 
_pdbx_validate_torsion.auth_comp_id 
_pdbx_validate_torsion.auth_asym_id 
_pdbx_validate_torsion.auth_seq_id 
_pdbx_validate_torsion.PDB_ins_code 
_pdbx_validate_torsion.label_alt_id 
_pdbx_validate_torsion.phi 
_pdbx_validate_torsion.psi 
1  1 THR A 8  ? ? -98.94  -94.52  
2  1 SER A 9  ? ? -69.24  -157.46 
3  1 PRO A 10 ? ? -75.77  -70.41  
4  1 ILE A 11 ? ? -173.54 108.19  
5  1 TRP A 28 ? ? -168.76 -99.00  
6  1 CYS A 29 ? ? -178.77 127.41  
7  1 ASP A 30 ? ? -68.74  -174.20 
8  1 CYS A 33 ? ? 52.14   76.91   
9  1 LYS A 38 ? ? -90.77  -150.15 
10 1 VAL A 39 ? ? -114.21 -158.88 
11 1 VAL A 40 ? ? -152.02 84.55   
12 1 GLU A 41 ? ? -101.71 75.94   
13 1 CYS A 48 ? ? -43.09  100.72  
14 1 LYS A 51 ? ? -125.03 -112.39 
15 1 LYS A 52 ? ? -123.60 -70.50  
16 1 PRO A 53 ? ? -67.41  -96.67  
17 1 GLU A 55 ? ? -68.99  89.47   
18 1 CYS A 60 ? ? -170.66 111.95  
19 1 HIS A 68 ? ? -52.44  171.31  
20 1 LYS A 70 ? ? -153.27 -24.99  
21 1 GLN A 71 ? ? -64.89  87.95   
22 1 ARG A 72 ? ? 178.70  128.36  
23 1 TYR B 3  ? ? -104.81 53.43   
24 1 TYR B 4  ? ? -64.56  -174.96 
25 1 GLU B 5  ? ? -86.87  32.28   
26 1 SER B 6  ? ? -153.52 14.46   
27 1 SER B 7  ? ? 174.46  173.45  
28 1 LEU B 8  ? ? -137.23 -31.78  
29 1 SER B 10 ? ? -35.13  110.48  
# 
loop_
_pdbx_validate_planes.id 
_pdbx_validate_planes.PDB_model_num 
_pdbx_validate_planes.auth_comp_id 
_pdbx_validate_planes.auth_asym_id 
_pdbx_validate_planes.auth_seq_id 
_pdbx_validate_planes.PDB_ins_code 
_pdbx_validate_planes.label_alt_id 
_pdbx_validate_planes.rmsd 
_pdbx_validate_planes.type 
1 1 ARG A 25 ? ? 0.283 'SIDE CHAIN' 
2 1 ARG A 36 ? ? 0.105 'SIDE CHAIN' 
3 1 ARG A 72 ? ? 0.312 'SIDE CHAIN' 
4 1 ARG B 2  ? ? 0.239 'SIDE CHAIN' 
# 
_pdbx_nmr_ensemble.entry_id                             2BTX 
_pdbx_nmr_ensemble.conformers_calculated_total_number   20 
_pdbx_nmr_ensemble.conformers_submitted_total_number    1 
_pdbx_nmr_ensemble.conformer_selection_criteria         'MINIMIZED AVERAGE STRUCTURE' 
# 
_pdbx_nmr_exptl_sample_conditions.conditions_id       1 
_pdbx_nmr_exptl_sample_conditions.temperature         303 
_pdbx_nmr_exptl_sample_conditions.pressure            ? 
_pdbx_nmr_exptl_sample_conditions.pH                  5.8 
_pdbx_nmr_exptl_sample_conditions.ionic_strength      ? 
_pdbx_nmr_exptl_sample_conditions.pressure_units      ? 
_pdbx_nmr_exptl_sample_conditions.temperature_units   K 
# 
loop_
_pdbx_nmr_exptl.experiment_id 
_pdbx_nmr_exptl.conditions_id 
_pdbx_nmr_exptl.type 
_pdbx_nmr_exptl.solution_id 
1 1 COSY     1 
2 1 DQF-COSY 1 
3 1 TOCSY    1 
4 1 NOESY    1 
# 
_pdbx_nmr_details.entry_id   2BTX 
_pdbx_nmr_details.text       'THE STRUCTURE WAS DETERMINED USING 2D 1H-NMR' 
# 
_pdbx_nmr_refine.entry_id           2BTX 
_pdbx_nmr_refine.method             'DISTANCE GEOMETRY/ DYNAMICAL SIMMULATED ANNEALING' 
_pdbx_nmr_refine.details            
;DETAILS OF THE STRUCTURE DETERMINATION AND ALL STRUCTURAL STATISTICS ARE GIVEN IN THE PAPER CITED ON *JRNL* RECORDS ABOVE. THE STRUCTURE IS BASED ON 941 INTRAMOLECULAR CONSTRAINTS WITHIN THE BOUND TOXIN (INCLUDING 291 LONG-RANGE INTERACTIONS), 98 INTRAPEPTIDE INTERACTIONS (INCLUDING 7 LONG-RANGE INTERACTIONS), AND 62 INTERMOLECULAR CONSTRAINTS BETWEEN THE BUNGAROTOXIN AND THE 13-RESIDUE PEPTIDE USED IN THIS STUDY (LISTED HERE AS RESIDUES 75 B - 87 B).
;
_pdbx_nmr_refine.software_ordinal   1 
# 
loop_
_pdbx_nmr_software.classification 
_pdbx_nmr_software.name 
_pdbx_nmr_software.version 
_pdbx_nmr_software.authors 
_pdbx_nmr_software.ordinal 
refinement           X-PLOR 3.1 BRUNGER 1 
'structure solution' X-PLOR ?   ?       2 
# 
loop_
_chem_comp_atom.comp_id 
_chem_comp_atom.atom_id 
_chem_comp_atom.type_symbol 
_chem_comp_atom.pdbx_aromatic_flag 
_chem_comp_atom.pdbx_stereo_config 
_chem_comp_atom.pdbx_ordinal 
ALA N    N N N 1   
ALA CA   C N S 2   
ALA C    C N N 3   
ALA O    O N N 4   
ALA CB   C N N 5   
ALA OXT  O N N 6   
ALA H    H N N 7   
ALA H2   H N N 8   
ALA HA   H N N 9   
ALA HB1  H N N 10  
ALA HB2  H N N 11  
ALA HB3  H N N 12  
ALA HXT  H N N 13  
ARG N    N N N 14  
ARG CA   C N S 15  
ARG C    C N N 16  
ARG O    O N N 17  
ARG CB   C N N 18  
ARG CG   C N N 19  
ARG CD   C N N 20  
ARG NE   N N N 21  
ARG CZ   C N N 22  
ARG NH1  N N N 23  
ARG NH2  N N N 24  
ARG OXT  O N N 25  
ARG H    H N N 26  
ARG H2   H N N 27  
ARG HA   H N N 28  
ARG HB2  H N N 29  
ARG HB3  H N N 30  
ARG HG2  H N N 31  
ARG HG3  H N N 32  
ARG HD2  H N N 33  
ARG HD3  H N N 34  
ARG HE   H N N 35  
ARG HH11 H N N 36  
ARG HH12 H N N 37  
ARG HH21 H N N 38  
ARG HH22 H N N 39  
ARG HXT  H N N 40  
ASN N    N N N 41  
ASN CA   C N S 42  
ASN C    C N N 43  
ASN O    O N N 44  
ASN CB   C N N 45  
ASN CG   C N N 46  
ASN OD1  O N N 47  
ASN ND2  N N N 48  
ASN OXT  O N N 49  
ASN H    H N N 50  
ASN H2   H N N 51  
ASN HA   H N N 52  
ASN HB2  H N N 53  
ASN HB3  H N N 54  
ASN HD21 H N N 55  
ASN HD22 H N N 56  
ASN HXT  H N N 57  
ASP N    N N N 58  
ASP CA   C N S 59  
ASP C    C N N 60  
ASP O    O N N 61  
ASP CB   C N N 62  
ASP CG   C N N 63  
ASP OD1  O N N 64  
ASP OD2  O N N 65  
ASP OXT  O N N 66  
ASP H    H N N 67  
ASP H2   H N N 68  
ASP HA   H N N 69  
ASP HB2  H N N 70  
ASP HB3  H N N 71  
ASP HD2  H N N 72  
ASP HXT  H N N 73  
CYS N    N N N 74  
CYS CA   C N R 75  
CYS C    C N N 76  
CYS O    O N N 77  
CYS CB   C N N 78  
CYS SG   S N N 79  
CYS OXT  O N N 80  
CYS H    H N N 81  
CYS H2   H N N 82  
CYS HA   H N N 83  
CYS HB2  H N N 84  
CYS HB3  H N N 85  
CYS HG   H N N 86  
CYS HXT  H N N 87  
GLN N    N N N 88  
GLN CA   C N S 89  
GLN C    C N N 90  
GLN O    O N N 91  
GLN CB   C N N 92  
GLN CG   C N N 93  
GLN CD   C N N 94  
GLN OE1  O N N 95  
GLN NE2  N N N 96  
GLN OXT  O N N 97  
GLN H    H N N 98  
GLN H2   H N N 99  
GLN HA   H N N 100 
GLN HB2  H N N 101 
GLN HB3  H N N 102 
GLN HG2  H N N 103 
GLN HG3  H N N 104 
GLN HE21 H N N 105 
GLN HE22 H N N 106 
GLN HXT  H N N 107 
GLU N    N N N 108 
GLU CA   C N S 109 
GLU C    C N N 110 
GLU O    O N N 111 
GLU CB   C N N 112 
GLU CG   C N N 113 
GLU CD   C N N 114 
GLU OE1  O N N 115 
GLU OE2  O N N 116 
GLU OXT  O N N 117 
GLU H    H N N 118 
GLU H2   H N N 119 
GLU HA   H N N 120 
GLU HB2  H N N 121 
GLU HB3  H N N 122 
GLU HG2  H N N 123 
GLU HG3  H N N 124 
GLU HE2  H N N 125 
GLU HXT  H N N 126 
GLY N    N N N 127 
GLY CA   C N N 128 
GLY C    C N N 129 
GLY O    O N N 130 
GLY OXT  O N N 131 
GLY H    H N N 132 
GLY H2   H N N 133 
GLY HA2  H N N 134 
GLY HA3  H N N 135 
GLY HXT  H N N 136 
HIS N    N N N 137 
HIS CA   C N S 138 
HIS C    C N N 139 
HIS O    O N N 140 
HIS CB   C N N 141 
HIS CG   C Y N 142 
HIS ND1  N Y N 143 
HIS CD2  C Y N 144 
HIS CE1  C Y N 145 
HIS NE2  N Y N 146 
HIS OXT  O N N 147 
HIS H    H N N 148 
HIS H2   H N N 149 
HIS HA   H N N 150 
HIS HB2  H N N 151 
HIS HB3  H N N 152 
HIS HD1  H N N 153 
HIS HD2  H N N 154 
HIS HE1  H N N 155 
HIS HE2  H N N 156 
HIS HXT  H N N 157 
ILE N    N N N 158 
ILE CA   C N S 159 
ILE C    C N N 160 
ILE O    O N N 161 
ILE CB   C N S 162 
ILE CG1  C N N 163 
ILE CG2  C N N 164 
ILE CD1  C N N 165 
ILE OXT  O N N 166 
ILE H    H N N 167 
ILE H2   H N N 168 
ILE HA   H N N 169 
ILE HB   H N N 170 
ILE HG12 H N N 171 
ILE HG13 H N N 172 
ILE HG21 H N N 173 
ILE HG22 H N N 174 
ILE HG23 H N N 175 
ILE HD11 H N N 176 
ILE HD12 H N N 177 
ILE HD13 H N N 178 
ILE HXT  H N N 179 
LEU N    N N N 180 
LEU CA   C N S 181 
LEU C    C N N 182 
LEU O    O N N 183 
LEU CB   C N N 184 
LEU CG   C N N 185 
LEU CD1  C N N 186 
LEU CD2  C N N 187 
LEU OXT  O N N 188 
LEU H    H N N 189 
LEU H2   H N N 190 
LEU HA   H N N 191 
LEU HB2  H N N 192 
LEU HB3  H N N 193 
LEU HG   H N N 194 
LEU HD11 H N N 195 
LEU HD12 H N N 196 
LEU HD13 H N N 197 
LEU HD21 H N N 198 
LEU HD22 H N N 199 
LEU HD23 H N N 200 
LEU HXT  H N N 201 
LYS N    N N N 202 
LYS CA   C N S 203 
LYS C    C N N 204 
LYS O    O N N 205 
LYS CB   C N N 206 
LYS CG   C N N 207 
LYS CD   C N N 208 
LYS CE   C N N 209 
LYS NZ   N N N 210 
LYS OXT  O N N 211 
LYS H    H N N 212 
LYS H2   H N N 213 
LYS HA   H N N 214 
LYS HB2  H N N 215 
LYS HB3  H N N 216 
LYS HG2  H N N 217 
LYS HG3  H N N 218 
LYS HD2  H N N 219 
LYS HD3  H N N 220 
LYS HE2  H N N 221 
LYS HE3  H N N 222 
LYS HZ1  H N N 223 
LYS HZ2  H N N 224 
LYS HZ3  H N N 225 
LYS HXT  H N N 226 
MET N    N N N 227 
MET CA   C N S 228 
MET C    C N N 229 
MET O    O N N 230 
MET CB   C N N 231 
MET CG   C N N 232 
MET SD   S N N 233 
MET CE   C N N 234 
MET OXT  O N N 235 
MET H    H N N 236 
MET H2   H N N 237 
MET HA   H N N 238 
MET HB2  H N N 239 
MET HB3  H N N 240 
MET HG2  H N N 241 
MET HG3  H N N 242 
MET HE1  H N N 243 
MET HE2  H N N 244 
MET HE3  H N N 245 
MET HXT  H N N 246 
PHE N    N N N 247 
PHE CA   C N S 248 
PHE C    C N N 249 
PHE O    O N N 250 
PHE CB   C N N 251 
PHE CG   C Y N 252 
PHE CD1  C Y N 253 
PHE CD2  C Y N 254 
PHE CE1  C Y N 255 
PHE CE2  C Y N 256 
PHE CZ   C Y N 257 
PHE OXT  O N N 258 
PHE H    H N N 259 
PHE H2   H N N 260 
PHE HA   H N N 261 
PHE HB2  H N N 262 
PHE HB3  H N N 263 
PHE HD1  H N N 264 
PHE HD2  H N N 265 
PHE HE1  H N N 266 
PHE HE2  H N N 267 
PHE HZ   H N N 268 
PHE HXT  H N N 269 
PRO N    N N N 270 
PRO CA   C N S 271 
PRO C    C N N 272 
PRO O    O N N 273 
PRO CB   C N N 274 
PRO CG   C N N 275 
PRO CD   C N N 276 
PRO OXT  O N N 277 
PRO H    H N N 278 
PRO HA   H N N 279 
PRO HB2  H N N 280 
PRO HB3  H N N 281 
PRO HG2  H N N 282 
PRO HG3  H N N 283 
PRO HD2  H N N 284 
PRO HD3  H N N 285 
PRO HXT  H N N 286 
SER N    N N N 287 
SER CA   C N S 288 
SER C    C N N 289 
SER O    O N N 290 
SER CB   C N N 291 
SER OG   O N N 292 
SER OXT  O N N 293 
SER H    H N N 294 
SER H2   H N N 295 
SER HA   H N N 296 
SER HB2  H N N 297 
SER HB3  H N N 298 
SER HG   H N N 299 
SER HXT  H N N 300 
THR N    N N N 301 
THR CA   C N S 302 
THR C    C N N 303 
THR O    O N N 304 
THR CB   C N R 305 
THR OG1  O N N 306 
THR CG2  C N N 307 
THR OXT  O N N 308 
THR H    H N N 309 
THR H2   H N N 310 
THR HA   H N N 311 
THR HB   H N N 312 
THR HG1  H N N 313 
THR HG21 H N N 314 
THR HG22 H N N 315 
THR HG23 H N N 316 
THR HXT  H N N 317 
TRP N    N N N 318 
TRP CA   C N S 319 
TRP C    C N N 320 
TRP O    O N N 321 
TRP CB   C N N 322 
TRP CG   C Y N 323 
TRP CD1  C Y N 324 
TRP CD2  C Y N 325 
TRP NE1  N Y N 326 
TRP CE2  C Y N 327 
TRP CE3  C Y N 328 
TRP CZ2  C Y N 329 
TRP CZ3  C Y N 330 
TRP CH2  C Y N 331 
TRP OXT  O N N 332 
TRP H    H N N 333 
TRP H2   H N N 334 
TRP HA   H N N 335 
TRP HB2  H N N 336 
TRP HB3  H N N 337 
TRP HD1  H N N 338 
TRP HE1  H N N 339 
TRP HE3  H N N 340 
TRP HZ2  H N N 341 
TRP HZ3  H N N 342 
TRP HH2  H N N 343 
TRP HXT  H N N 344 
TYR N    N N N 345 
TYR CA   C N S 346 
TYR C    C N N 347 
TYR O    O N N 348 
TYR CB   C N N 349 
TYR CG   C Y N 350 
TYR CD1  C Y N 351 
TYR CD2  C Y N 352 
TYR CE1  C Y N 353 
TYR CE2  C Y N 354 
TYR CZ   C Y N 355 
TYR OH   O N N 356 
TYR OXT  O N N 357 
TYR H    H N N 358 
TYR H2   H N N 359 
TYR HA   H N N 360 
TYR HB2  H N N 361 
TYR HB3  H N N 362 
TYR HD1  H N N 363 
TYR HD2  H N N 364 
TYR HE1  H N N 365 
TYR HE2  H N N 366 
TYR HH   H N N 367 
TYR HXT  H N N 368 
VAL N    N N N 369 
VAL CA   C N S 370 
VAL C    C N N 371 
VAL O    O N N 372 
VAL CB   C N N 373 
VAL CG1  C N N 374 
VAL CG2  C N N 375 
VAL OXT  O N N 376 
VAL H    H N N 377 
VAL H2   H N N 378 
VAL HA   H N N 379 
VAL HB   H N N 380 
VAL HG11 H N N 381 
VAL HG12 H N N 382 
VAL HG13 H N N 383 
VAL HG21 H N N 384 
VAL HG22 H N N 385 
VAL HG23 H N N 386 
VAL HXT  H N N 387 
# 
loop_
_chem_comp_bond.comp_id 
_chem_comp_bond.atom_id_1 
_chem_comp_bond.atom_id_2 
_chem_comp_bond.value_order 
_chem_comp_bond.pdbx_aromatic_flag 
_chem_comp_bond.pdbx_stereo_config 
_chem_comp_bond.pdbx_ordinal 
ALA N   CA   sing N N 1   
ALA N   H    sing N N 2   
ALA N   H2   sing N N 3   
ALA CA  C    sing N N 4   
ALA CA  CB   sing N N 5   
ALA CA  HA   sing N N 6   
ALA C   O    doub N N 7   
ALA C   OXT  sing N N 8   
ALA CB  HB1  sing N N 9   
ALA CB  HB2  sing N N 10  
ALA CB  HB3  sing N N 11  
ALA OXT HXT  sing N N 12  
ARG N   CA   sing N N 13  
ARG N   H    sing N N 14  
ARG N   H2   sing N N 15  
ARG CA  C    sing N N 16  
ARG CA  CB   sing N N 17  
ARG CA  HA   sing N N 18  
ARG C   O    doub N N 19  
ARG C   OXT  sing N N 20  
ARG CB  CG   sing N N 21  
ARG CB  HB2  sing N N 22  
ARG CB  HB3  sing N N 23  
ARG CG  CD   sing N N 24  
ARG CG  HG2  sing N N 25  
ARG CG  HG3  sing N N 26  
ARG CD  NE   sing N N 27  
ARG CD  HD2  sing N N 28  
ARG CD  HD3  sing N N 29  
ARG NE  CZ   sing N N 30  
ARG NE  HE   sing N N 31  
ARG CZ  NH1  sing N N 32  
ARG CZ  NH2  doub N N 33  
ARG NH1 HH11 sing N N 34  
ARG NH1 HH12 sing N N 35  
ARG NH2 HH21 sing N N 36  
ARG NH2 HH22 sing N N 37  
ARG OXT HXT  sing N N 38  
ASN N   CA   sing N N 39  
ASN N   H    sing N N 40  
ASN N   H2   sing N N 41  
ASN CA  C    sing N N 42  
ASN CA  CB   sing N N 43  
ASN CA  HA   sing N N 44  
ASN C   O    doub N N 45  
ASN C   OXT  sing N N 46  
ASN CB  CG   sing N N 47  
ASN CB  HB2  sing N N 48  
ASN CB  HB3  sing N N 49  
ASN CG  OD1  doub N N 50  
ASN CG  ND2  sing N N 51  
ASN ND2 HD21 sing N N 52  
ASN ND2 HD22 sing N N 53  
ASN OXT HXT  sing N N 54  
ASP N   CA   sing N N 55  
ASP N   H    sing N N 56  
ASP N   H2   sing N N 57  
ASP CA  C    sing N N 58  
ASP CA  CB   sing N N 59  
ASP CA  HA   sing N N 60  
ASP C   O    doub N N 61  
ASP C   OXT  sing N N 62  
ASP CB  CG   sing N N 63  
ASP CB  HB2  sing N N 64  
ASP CB  HB3  sing N N 65  
ASP CG  OD1  doub N N 66  
ASP CG  OD2  sing N N 67  
ASP OD2 HD2  sing N N 68  
ASP OXT HXT  sing N N 69  
CYS N   CA   sing N N 70  
CYS N   H    sing N N 71  
CYS N   H2   sing N N 72  
CYS CA  C    sing N N 73  
CYS CA  CB   sing N N 74  
CYS CA  HA   sing N N 75  
CYS C   O    doub N N 76  
CYS C   OXT  sing N N 77  
CYS CB  SG   sing N N 78  
CYS CB  HB2  sing N N 79  
CYS CB  HB3  sing N N 80  
CYS SG  HG   sing N N 81  
CYS OXT HXT  sing N N 82  
GLN N   CA   sing N N 83  
GLN N   H    sing N N 84  
GLN N   H2   sing N N 85  
GLN CA  C    sing N N 86  
GLN CA  CB   sing N N 87  
GLN CA  HA   sing N N 88  
GLN C   O    doub N N 89  
GLN C   OXT  sing N N 90  
GLN CB  CG   sing N N 91  
GLN CB  HB2  sing N N 92  
GLN CB  HB3  sing N N 93  
GLN CG  CD   sing N N 94  
GLN CG  HG2  sing N N 95  
GLN CG  HG3  sing N N 96  
GLN CD  OE1  doub N N 97  
GLN CD  NE2  sing N N 98  
GLN NE2 HE21 sing N N 99  
GLN NE2 HE22 sing N N 100 
GLN OXT HXT  sing N N 101 
GLU N   CA   sing N N 102 
GLU N   H    sing N N 103 
GLU N   H2   sing N N 104 
GLU CA  C    sing N N 105 
GLU CA  CB   sing N N 106 
GLU CA  HA   sing N N 107 
GLU C   O    doub N N 108 
GLU C   OXT  sing N N 109 
GLU CB  CG   sing N N 110 
GLU CB  HB2  sing N N 111 
GLU CB  HB3  sing N N 112 
GLU CG  CD   sing N N 113 
GLU CG  HG2  sing N N 114 
GLU CG  HG3  sing N N 115 
GLU CD  OE1  doub N N 116 
GLU CD  OE2  sing N N 117 
GLU OE2 HE2  sing N N 118 
GLU OXT HXT  sing N N 119 
GLY N   CA   sing N N 120 
GLY N   H    sing N N 121 
GLY N   H2   sing N N 122 
GLY CA  C    sing N N 123 
GLY CA  HA2  sing N N 124 
GLY CA  HA3  sing N N 125 
GLY C   O    doub N N 126 
GLY C   OXT  sing N N 127 
GLY OXT HXT  sing N N 128 
HIS N   CA   sing N N 129 
HIS N   H    sing N N 130 
HIS N   H2   sing N N 131 
HIS CA  C    sing N N 132 
HIS CA  CB   sing N N 133 
HIS CA  HA   sing N N 134 
HIS C   O    doub N N 135 
HIS C   OXT  sing N N 136 
HIS CB  CG   sing N N 137 
HIS CB  HB2  sing N N 138 
HIS CB  HB3  sing N N 139 
HIS CG  ND1  sing Y N 140 
HIS CG  CD2  doub Y N 141 
HIS ND1 CE1  doub Y N 142 
HIS ND1 HD1  sing N N 143 
HIS CD2 NE2  sing Y N 144 
HIS CD2 HD2  sing N N 145 
HIS CE1 NE2  sing Y N 146 
HIS CE1 HE1  sing N N 147 
HIS NE2 HE2  sing N N 148 
HIS OXT HXT  sing N N 149 
ILE N   CA   sing N N 150 
ILE N   H    sing N N 151 
ILE N   H2   sing N N 152 
ILE CA  C    sing N N 153 
ILE CA  CB   sing N N 154 
ILE CA  HA   sing N N 155 
ILE C   O    doub N N 156 
ILE C   OXT  sing N N 157 
ILE CB  CG1  sing N N 158 
ILE CB  CG2  sing N N 159 
ILE CB  HB   sing N N 160 
ILE CG1 CD1  sing N N 161 
ILE CG1 HG12 sing N N 162 
ILE CG1 HG13 sing N N 163 
ILE CG2 HG21 sing N N 164 
ILE CG2 HG22 sing N N 165 
ILE CG2 HG23 sing N N 166 
ILE CD1 HD11 sing N N 167 
ILE CD1 HD12 sing N N 168 
ILE CD1 HD13 sing N N 169 
ILE OXT HXT  sing N N 170 
LEU N   CA   sing N N 171 
LEU N   H    sing N N 172 
LEU N   H2   sing N N 173 
LEU CA  C    sing N N 174 
LEU CA  CB   sing N N 175 
LEU CA  HA   sing N N 176 
LEU C   O    doub N N 177 
LEU C   OXT  sing N N 178 
LEU CB  CG   sing N N 179 
LEU CB  HB2  sing N N 180 
LEU CB  HB3  sing N N 181 
LEU CG  CD1  sing N N 182 
LEU CG  CD2  sing N N 183 
LEU CG  HG   sing N N 184 
LEU CD1 HD11 sing N N 185 
LEU CD1 HD12 sing N N 186 
LEU CD1 HD13 sing N N 187 
LEU CD2 HD21 sing N N 188 
LEU CD2 HD22 sing N N 189 
LEU CD2 HD23 sing N N 190 
LEU OXT HXT  sing N N 191 
LYS N   CA   sing N N 192 
LYS N   H    sing N N 193 
LYS N   H2   sing N N 194 
LYS CA  C    sing N N 195 
LYS CA  CB   sing N N 196 
LYS CA  HA   sing N N 197 
LYS C   O    doub N N 198 
LYS C   OXT  sing N N 199 
LYS CB  CG   sing N N 200 
LYS CB  HB2  sing N N 201 
LYS CB  HB3  sing N N 202 
LYS CG  CD   sing N N 203 
LYS CG  HG2  sing N N 204 
LYS CG  HG3  sing N N 205 
LYS CD  CE   sing N N 206 
LYS CD  HD2  sing N N 207 
LYS CD  HD3  sing N N 208 
LYS CE  NZ   sing N N 209 
LYS CE  HE2  sing N N 210 
LYS CE  HE3  sing N N 211 
LYS NZ  HZ1  sing N N 212 
LYS NZ  HZ2  sing N N 213 
LYS NZ  HZ3  sing N N 214 
LYS OXT HXT  sing N N 215 
MET N   CA   sing N N 216 
MET N   H    sing N N 217 
MET N   H2   sing N N 218 
MET CA  C    sing N N 219 
MET CA  CB   sing N N 220 
MET CA  HA   sing N N 221 
MET C   O    doub N N 222 
MET C   OXT  sing N N 223 
MET CB  CG   sing N N 224 
MET CB  HB2  sing N N 225 
MET CB  HB3  sing N N 226 
MET CG  SD   sing N N 227 
MET CG  HG2  sing N N 228 
MET CG  HG3  sing N N 229 
MET SD  CE   sing N N 230 
MET CE  HE1  sing N N 231 
MET CE  HE2  sing N N 232 
MET CE  HE3  sing N N 233 
MET OXT HXT  sing N N 234 
PHE N   CA   sing N N 235 
PHE N   H    sing N N 236 
PHE N   H2   sing N N 237 
PHE CA  C    sing N N 238 
PHE CA  CB   sing N N 239 
PHE CA  HA   sing N N 240 
PHE C   O    doub N N 241 
PHE C   OXT  sing N N 242 
PHE CB  CG   sing N N 243 
PHE CB  HB2  sing N N 244 
PHE CB  HB3  sing N N 245 
PHE CG  CD1  doub Y N 246 
PHE CG  CD2  sing Y N 247 
PHE CD1 CE1  sing Y N 248 
PHE CD1 HD1  sing N N 249 
PHE CD2 CE2  doub Y N 250 
PHE CD2 HD2  sing N N 251 
PHE CE1 CZ   doub Y N 252 
PHE CE1 HE1  sing N N 253 
PHE CE2 CZ   sing Y N 254 
PHE CE2 HE2  sing N N 255 
PHE CZ  HZ   sing N N 256 
PHE OXT HXT  sing N N 257 
PRO N   CA   sing N N 258 
PRO N   CD   sing N N 259 
PRO N   H    sing N N 260 
PRO CA  C    sing N N 261 
PRO CA  CB   sing N N 262 
PRO CA  HA   sing N N 263 
PRO C   O    doub N N 264 
PRO C   OXT  sing N N 265 
PRO CB  CG   sing N N 266 
PRO CB  HB2  sing N N 267 
PRO CB  HB3  sing N N 268 
PRO CG  CD   sing N N 269 
PRO CG  HG2  sing N N 270 
PRO CG  HG3  sing N N 271 
PRO CD  HD2  sing N N 272 
PRO CD  HD3  sing N N 273 
PRO OXT HXT  sing N N 274 
SER N   CA   sing N N 275 
SER N   H    sing N N 276 
SER N   H2   sing N N 277 
SER CA  C    sing N N 278 
SER CA  CB   sing N N 279 
SER CA  HA   sing N N 280 
SER C   O    doub N N 281 
SER C   OXT  sing N N 282 
SER CB  OG   sing N N 283 
SER CB  HB2  sing N N 284 
SER CB  HB3  sing N N 285 
SER OG  HG   sing N N 286 
SER OXT HXT  sing N N 287 
THR N   CA   sing N N 288 
THR N   H    sing N N 289 
THR N   H2   sing N N 290 
THR CA  C    sing N N 291 
THR CA  CB   sing N N 292 
THR CA  HA   sing N N 293 
THR C   O    doub N N 294 
THR C   OXT  sing N N 295 
THR CB  OG1  sing N N 296 
THR CB  CG2  sing N N 297 
THR CB  HB   sing N N 298 
THR OG1 HG1  sing N N 299 
THR CG2 HG21 sing N N 300 
THR CG2 HG22 sing N N 301 
THR CG2 HG23 sing N N 302 
THR OXT HXT  sing N N 303 
TRP N   CA   sing N N 304 
TRP N   H    sing N N 305 
TRP N   H2   sing N N 306 
TRP CA  C    sing N N 307 
TRP CA  CB   sing N N 308 
TRP CA  HA   sing N N 309 
TRP C   O    doub N N 310 
TRP C   OXT  sing N N 311 
TRP CB  CG   sing N N 312 
TRP CB  HB2  sing N N 313 
TRP CB  HB3  sing N N 314 
TRP CG  CD1  doub Y N 315 
TRP CG  CD2  sing Y N 316 
TRP CD1 NE1  sing Y N 317 
TRP CD1 HD1  sing N N 318 
TRP CD2 CE2  doub Y N 319 
TRP CD2 CE3  sing Y N 320 
TRP NE1 CE2  sing Y N 321 
TRP NE1 HE1  sing N N 322 
TRP CE2 CZ2  sing Y N 323 
TRP CE3 CZ3  doub Y N 324 
TRP CE3 HE3  sing N N 325 
TRP CZ2 CH2  doub Y N 326 
TRP CZ2 HZ2  sing N N 327 
TRP CZ3 CH2  sing Y N 328 
TRP CZ3 HZ3  sing N N 329 
TRP CH2 HH2  sing N N 330 
TRP OXT HXT  sing N N 331 
TYR N   CA   sing N N 332 
TYR N   H    sing N N 333 
TYR N   H2   sing N N 334 
TYR CA  C    sing N N 335 
TYR CA  CB   sing N N 336 
TYR CA  HA   sing N N 337 
TYR C   O    doub N N 338 
TYR C   OXT  sing N N 339 
TYR CB  CG   sing N N 340 
TYR CB  HB2  sing N N 341 
TYR CB  HB3  sing N N 342 
TYR CG  CD1  doub Y N 343 
TYR CG  CD2  sing Y N 344 
TYR CD1 CE1  sing Y N 345 
TYR CD1 HD1  sing N N 346 
TYR CD2 CE2  doub Y N 347 
TYR CD2 HD2  sing N N 348 
TYR CE1 CZ   doub Y N 349 
TYR CE1 HE1  sing N N 350 
TYR CE2 CZ   sing Y N 351 
TYR CE2 HE2  sing N N 352 
TYR CZ  OH   sing N N 353 
TYR OH  HH   sing N N 354 
TYR OXT HXT  sing N N 355 
VAL N   CA   sing N N 356 
VAL N   H    sing N N 357 
VAL N   H2   sing N N 358 
VAL CA  C    sing N N 359 
VAL CA  CB   sing N N 360 
VAL CA  HA   sing N N 361 
VAL C   O    doub N N 362 
VAL C   OXT  sing N N 363 
VAL CB  CG1  sing N N 364 
VAL CB  CG2  sing N N 365 
VAL CB  HB   sing N N 366 
VAL CG1 HG11 sing N N 367 
VAL CG1 HG12 sing N N 368 
VAL CG1 HG13 sing N N 369 
VAL CG2 HG21 sing N N 370 
VAL CG2 HG22 sing N N 371 
VAL CG2 HG23 sing N N 372 
VAL OXT HXT  sing N N 373 
# 
loop_
_pdbx_nmr_spectrometer.spectrometer_id 
_pdbx_nmr_spectrometer.model 
_pdbx_nmr_spectrometer.manufacturer 
_pdbx_nmr_spectrometer.field_strength 
1 AM500  Bruker 500 
2 DMX600 Bruker 600 
# 
_atom_sites.entry_id                    2BTX 
_atom_sites.fract_transf_matrix[1][1]   1.000000 
_atom_sites.fract_transf_matrix[1][2]   0.000000 
_atom_sites.fract_transf_matrix[1][3]   0.000000 
_atom_sites.fract_transf_matrix[2][1]   0.000000 
_atom_sites.fract_transf_matrix[2][2]   1.000000 
_atom_sites.fract_transf_matrix[2][3]   0.000000 
_atom_sites.fract_transf_matrix[3][1]   0.000000 
_atom_sites.fract_transf_matrix[3][2]   0.000000 
_atom_sites.fract_transf_matrix[3][3]   1.000000 
_atom_sites.fract_transf_vector[1]      0.00000 
_atom_sites.fract_transf_vector[2]      0.00000 
_atom_sites.fract_transf_vector[3]      0.00000 
# 
loop_
_atom_type.symbol 
C 
H 
N 
O 
S 
# 
loop_
_atom_site.group_PDB 
_atom_site.id 
_atom_site.type_symbol 
_atom_site.label_atom_id 
_atom_site.label_alt_id 
_atom_site.label_comp_id 
_atom_site.label_asym_id 
_atom_site.label_entity_id 
_atom_site.label_seq_id 
_atom_site.pdbx_PDB_ins_code 
_atom_site.Cartn_x 
_atom_site.Cartn_y 
_atom_site.Cartn_z 
_atom_site.occupancy 
_atom_site.B_iso_or_equiv 
_atom_site.pdbx_formal_charge 
_atom_site.auth_seq_id 
_atom_site.auth_comp_id 
_atom_site.auth_asym_id 
_atom_site.auth_atom_id 
_atom_site.pdbx_PDB_model_num 
ATOM 1    N N    . ILE A 1 1  ? -1.380  -7.098  15.090  1.00 1.23 ? 1  ILE A N    1 
ATOM 2    C CA   . ILE A 1 1  ? -1.488  -5.626  14.881  1.00 0.98 ? 1  ILE A CA   1 
ATOM 3    C C    . ILE A 1 1  ? -2.533  -5.318  13.805  1.00 0.82 ? 1  ILE A C    1 
ATOM 4    O O    . ILE A 1 1  ? -3.387  -6.129  13.504  1.00 0.94 ? 1  ILE A O    1 
ATOM 5    C CB   . ILE A 1 1  ? -0.098  -5.189  14.417  1.00 0.73 ? 1  ILE A CB   1 
ATOM 6    C CG1  . ILE A 1 1  ? 0.337   -6.051  13.229  1.00 0.68 ? 1  ILE A CG1  1 
ATOM 7    C CG2  . ILE A 1 1  ? 0.900   -5.361  15.562  1.00 0.91 ? 1  ILE A CG2  1 
ATOM 8    C CD1  . ILE A 1 1  ? 1.528   -5.396  12.530  1.00 0.79 ? 1  ILE A CD1  1 
ATOM 9    H H1   . ILE A 1 1  ? -1.708  -7.595  14.238  1.00 1.75 ? 1  ILE A H1   1 
ATOM 10   H H2   . ILE A 1 1  ? -0.388  -7.351  15.275  1.00 1.48 ? 1  ILE A H2   1 
ATOM 11   H H3   . ILE A 1 1  ? -1.967  -7.377  15.902  1.00 1.65 ? 1  ILE A H3   1 
ATOM 12   H HA   . ILE A 1 1  ? -1.740  -5.131  15.805  1.00 1.20 ? 1  ILE A HA   1 
ATOM 13   H HB   . ILE A 1 1  ? -0.128  -4.150  14.120  1.00 0.72 ? 1  ILE A HB   1 
ATOM 14   H HG12 . ILE A 1 1  ? 0.621   -7.032  13.583  1.00 0.92 ? 1  ILE A HG12 1 
ATOM 15   H HG13 . ILE A 1 1  ? -0.482  -6.143  12.532  1.00 0.84 ? 1  ILE A HG13 1 
ATOM 16   H HG21 . ILE A 1 1  ? 0.459   -5.974  16.335  1.00 1.49 ? 1  ILE A HG21 1 
ATOM 17   H HG22 . ILE A 1 1  ? 1.795   -5.838  15.191  1.00 1.33 ? 1  ILE A HG22 1 
ATOM 18   H HG23 . ILE A 1 1  ? 1.151   -4.393  15.971  1.00 1.35 ? 1  ILE A HG23 1 
ATOM 19   H HD11 . ILE A 1 1  ? 2.213   -5.009  13.271  1.00 1.26 ? 1  ILE A HD11 1 
ATOM 20   H HD12 . ILE A 1 1  ? 2.035   -6.128  11.919  1.00 1.10 ? 1  ILE A HD12 1 
ATOM 21   H HD13 . ILE A 1 1  ? 1.179   -4.586  11.906  1.00 1.46 ? 1  ILE A HD13 1 
ATOM 22   N N    . VAL A 1 2  ? -2.471  -4.153  13.223  1.00 0.70 ? 2  VAL A N    1 
ATOM 23   C CA   . VAL A 1 2  ? -3.458  -3.788  12.165  1.00 0.56 ? 2  VAL A CA   1 
ATOM 24   C C    . VAL A 1 2  ? -2.729  -3.248  10.939  1.00 0.47 ? 2  VAL A C    1 
ATOM 25   O O    . VAL A 1 2  ? -1.612  -2.779  11.025  1.00 0.51 ? 2  VAL A O    1 
ATOM 26   C CB   . VAL A 1 2  ? -4.313  -2.687  12.782  1.00 0.58 ? 2  VAL A CB   1 
ATOM 27   C CG1  . VAL A 1 2  ? -5.568  -2.468  11.938  1.00 0.53 ? 2  VAL A CG1  1 
ATOM 28   C CG2  . VAL A 1 2  ? -4.719  -3.088  14.200  1.00 0.71 ? 2  VAL A CG2  1 
ATOM 29   H H    . VAL A 1 2  ? -1.773  -3.514  13.481  1.00 0.84 ? 2  VAL A H    1 
ATOM 30   H HA   . VAL A 1 2  ? -4.071  -4.636  11.905  1.00 0.57 ? 2  VAL A HA   1 
ATOM 31   H HB   . VAL A 1 2  ? -3.744  -1.775  12.810  1.00 0.62 ? 2  VAL A HB   1 
ATOM 32   H HG11 . VAL A 1 2  ? -5.414  -2.875  10.952  1.00 1.13 ? 2  VAL A HG11 1 
ATOM 33   H HG12 . VAL A 1 2  ? -6.407  -2.960  12.406  1.00 1.15 ? 2  VAL A HG12 1 
ATOM 34   H HG13 . VAL A 1 2  ? -5.767  -1.409  11.864  1.00 1.15 ? 2  VAL A HG13 1 
ATOM 35   H HG21 . VAL A 1 2  ? -5.209  -4.049  14.173  1.00 1.05 ? 2  VAL A HG21 1 
ATOM 36   H HG22 . VAL A 1 2  ? -3.837  -3.151  14.822  1.00 1.22 ? 2  VAL A HG22 1 
ATOM 37   H HG23 . VAL A 1 2  ? -5.394  -2.349  14.604  1.00 0.98 ? 2  VAL A HG23 1 
ATOM 38   N N    . CYS A 1 3  ? -3.349  -3.310  9.797   1.00 0.39 ? 3  CYS A N    1 
ATOM 39   C CA   . CYS A 1 3  ? -2.681  -2.798  8.568   1.00 0.35 ? 3  CYS A CA   1 
ATOM 40   C C    . CYS A 1 3  ? -3.673  -1.986  7.739   1.00 0.35 ? 3  CYS A C    1 
ATOM 41   O O    . CYS A 1 3  ? -4.867  -2.175  7.838   1.00 0.37 ? 3  CYS A O    1 
ATOM 42   C CB   . CYS A 1 3  ? -2.241  -4.032  7.787   1.00 0.31 ? 3  CYS A CB   1 
ATOM 43   S SG   . CYS A 1 3  ? -1.508  -5.273  8.893   1.00 0.32 ? 3  CYS A SG   1 
ATOM 44   H H    . CYS A 1 3  ? -4.241  -3.696  9.744   1.00 0.41 ? 3  CYS A H    1 
ATOM 45   H HA   . CYS A 1 3  ? -1.823  -2.198  8.827   1.00 0.38 ? 3  CYS A HA   1 
ATOM 46   H HB2  . CYS A 1 3  ? -3.091  -4.455  7.279   1.00 0.33 ? 3  CYS A HB2  1 
ATOM 47   H HB3  . CYS A 1 3  ? -1.513  -3.730  7.064   1.00 0.31 ? 3  CYS A HB3  1 
ATOM 48   N N    . HIS A 1 4  ? -3.192  -1.107  6.899   1.00 0.37 ? 4  HIS A N    1 
ATOM 49   C CA   . HIS A 1 4  ? -4.131  -0.304  6.057   1.00 0.41 ? 4  HIS A CA   1 
ATOM 50   C C    . HIS A 1 4  ? -4.352  -0.997  4.727   1.00 0.40 ? 4  HIS A C    1 
ATOM 51   O O    . HIS A 1 4  ? -3.486  -1.693  4.237   1.00 0.37 ? 4  HIS A O    1 
ATOM 52   C CB   . HIS A 1 4  ? -3.464  1.031   5.811   1.00 0.43 ? 4  HIS A CB   1 
ATOM 53   C CG   . HIS A 1 4  ? -3.013  1.653   7.106   1.00 0.48 ? 4  HIS A CG   1 
ATOM 54   N ND1  . HIS A 1 4  ? -3.890  1.929   8.138   1.00 0.64 ? 4  HIS A ND1  1 
ATOM 55   C CD2  . HIS A 1 4  ? -1.786  2.080   7.539   1.00 0.45 ? 4  HIS A CD2  1 
ATOM 56   C CE1  . HIS A 1 4  ? -3.186  2.496   9.134   1.00 0.70 ? 4  HIS A CE1  1 
ATOM 57   N NE2  . HIS A 1 4  ? -1.895  2.612   8.820   1.00 0.59 ? 4  HIS A NE2  1 
ATOM 58   H H    . HIS A 1 4  ? -2.217  -0.995  6.804   1.00 0.37 ? 4  HIS A H    1 
ATOM 59   H HA   . HIS A 1 4  ? -5.053  -0.149  6.556   1.00 0.43 ? 4  HIS A HA   1 
ATOM 60   H HB2  . HIS A 1 4  ? -2.637  0.876   5.167   1.00 0.37 ? 4  HIS A HB2  1 
ATOM 61   H HB3  . HIS A 1 4  ? -4.166  1.687   5.329   1.00 0.53 ? 4  HIS A HB3  1 
ATOM 62   H HD1  . HIS A 1 4  ? -4.850  1.758   8.135   1.00 0.71 ? 4  HIS A HD1  1 
ATOM 63   H HD2  . HIS A 1 4  ? -0.882  2.031   6.965   1.00 0.40 ? 4  HIS A HD2  1 
ATOM 64   H HE1  . HIS A 1 4  ? -3.612  2.819   10.071  1.00 0.85 ? 4  HIS A HE1  1 
ATOM 65   N N    . THR A 1 5  ? -5.483  -0.813  4.117   1.00 0.43 ? 5  THR A N    1 
ATOM 66   C CA   . THR A 1 5  ? -5.687  -1.474  2.811   1.00 0.43 ? 5  THR A CA   1 
ATOM 67   C C    . THR A 1 5  ? -5.926  -0.443  1.734   1.00 0.47 ? 5  THR A C    1 
ATOM 68   O O    . THR A 1 5  ? -6.949  0.210   1.659   1.00 0.52 ? 5  THR A O    1 
ATOM 69   C CB   . THR A 1 5  ? -6.890  -2.407  2.909   1.00 0.45 ? 5  THR A CB   1 
ATOM 70   O OG1  . THR A 1 5  ? -8.039  -1.753  2.398   1.00 0.48 ? 5  THR A OG1  1 
ATOM 71   C CG2  . THR A 1 5  ? -7.148  -2.882  4.348   1.00 0.47 ? 5  THR A CG2  1 
ATOM 72   H H    . THR A 1 5  ? -6.184  -0.239  4.501   1.00 0.46 ? 5  THR A H    1 
ATOM 73   H HA   . THR A 1 5  ? -4.807  -2.059  2.550   1.00 0.41 ? 5  THR A HA   1 
ATOM 74   H HB   . THR A 1 5  ? -6.674  -3.254  2.294   1.00 0.45 ? 5  THR A HB   1 
ATOM 75   H HG1  . THR A 1 5  ? -7.914  -1.647  1.449   1.00 0.50 ? 5  THR A HG1  1 
ATOM 76   H HG21 . THR A 1 5  ? -7.249  -2.026  4.998   1.00 1.11 ? 5  THR A HG21 1 
ATOM 77   H HG22 . THR A 1 5  ? -8.057  -3.466  4.377   1.00 1.07 ? 5  THR A HG22 1 
ATOM 78   H HG23 . THR A 1 5  ? -6.320  -3.490  4.680   1.00 1.15 ? 5  THR A HG23 1 
ATOM 79   N N    . THR A 1 6  ? -4.989  -0.349  0.882   1.00 0.49 ? 6  THR A N    1 
ATOM 80   C CA   . THR A 1 6  ? -5.100  0.574   -0.274  1.00 0.57 ? 6  THR A CA   1 
ATOM 81   C C    . THR A 1 6  ? -5.657  -0.209  -1.459  1.00 0.58 ? 6  THR A C    1 
ATOM 82   O O    . THR A 1 6  ? -6.150  0.345   -2.413  1.00 0.68 ? 6  THR A O    1 
ATOM 83   C CB   . THR A 1 6  ? -3.675  1.055   -0.574  1.00 0.64 ? 6  THR A CB   1 
ATOM 84   O OG1  . THR A 1 6  ? -2.737  0.156   -0.013  1.00 0.98 ? 6  THR A OG1  1 
ATOM 85   C CG2  . THR A 1 6  ? -3.466  2.444   0.026   1.00 0.77 ? 6  THR A CG2  1 
ATOM 86   H H    . THR A 1 6  ? -4.224  -0.937  0.983   1.00 0.49 ? 6  THR A H    1 
ATOM 87   H HA   . THR A 1 6  ? -5.738  1.411   -0.035  1.00 0.59 ? 6  THR A HA   1 
ATOM 88   H HB   . THR A 1 6  ? -3.525  1.099   -1.643  1.00 0.59 ? 6  THR A HB   1 
ATOM 89   H HG1  . THR A 1 6  ? -2.933  -0.728  -0.345  1.00 0.74 ? 6  THR A HG1  1 
ATOM 90   H HG21 . THR A 1 6  ? -3.706  2.418   1.080   1.00 1.20 ? 6  THR A HG21 1 
ATOM 91   H HG22 . THR A 1 6  ? -2.436  2.739   -0.103  1.00 1.31 ? 6  THR A HG22 1 
ATOM 92   H HG23 . THR A 1 6  ? -4.111  3.152   -0.474  1.00 1.39 ? 6  THR A HG23 1 
ATOM 93   N N    . ALA A 1 7  ? -5.537  -1.506  -1.412  1.00 0.53 ? 7  ALA A N    1 
ATOM 94   C CA   . ALA A 1 7  ? -6.010  -2.338  -2.545  1.00 0.59 ? 7  ALA A CA   1 
ATOM 95   C C    . ALA A 1 7  ? -7.458  -2.813  -2.368  1.00 0.68 ? 7  ALA A C    1 
ATOM 96   O O    . ALA A 1 7  ? -8.141  -3.092  -3.333  1.00 0.69 ? 7  ALA A O    1 
ATOM 97   C CB   . ALA A 1 7  ? -5.027  -3.506  -2.576  1.00 0.56 ? 7  ALA A CB   1 
ATOM 98   H H    . ALA A 1 7  ? -5.110  -1.932  -0.641  1.00 0.49 ? 7  ALA A H    1 
ATOM 99   H HA   . ALA A 1 7  ? -5.930  -1.778  -3.449  1.00 0.65 ? 7  ALA A HA   1 
ATOM 100  H HB1  . ALA A 1 7  ? -4.601  -3.637  -1.587  1.00 1.25 ? 7  ALA A HB1  1 
ATOM 101  H HB2  . ALA A 1 7  ? -5.544  -4.408  -2.871  1.00 1.04 ? 7  ALA A HB2  1 
ATOM 102  H HB3  . ALA A 1 7  ? -4.235  -3.291  -3.289  1.00 1.17 ? 7  ALA A HB3  1 
ATOM 103  N N    . THR A 1 8  ? -7.945  -2.904  -1.164  1.00 0.90 ? 8  THR A N    1 
ATOM 104  C CA   . THR A 1 8  ? -9.356  -3.356  -0.984  1.00 1.06 ? 8  THR A CA   1 
ATOM 105  C C    . THR A 1 8  ? -10.255 -2.133  -0.777  1.00 1.24 ? 8  THR A C    1 
ATOM 106  O O    . THR A 1 8  ? -10.687 -1.507  -1.724  1.00 1.27 ? 8  THR A O    1 
ATOM 107  C CB   . THR A 1 8  ? -9.341  -4.250  0.258   1.00 1.37 ? 8  THR A CB   1 
ATOM 108  O OG1  . THR A 1 8  ? -8.399  -3.744  1.192   1.00 1.66 ? 8  THR A OG1  1 
ATOM 109  C CG2  . THR A 1 8  ? -8.952  -5.674  -0.142  1.00 1.48 ? 8  THR A CG2  1 
ATOM 110  H H    . THR A 1 8  ? -7.394  -2.673  -0.387  1.00 1.05 ? 8  THR A H    1 
ATOM 111  H HA   . THR A 1 8  ? -9.682  -3.921  -1.843  1.00 0.96 ? 8  THR A HA   1 
ATOM 112  H HB   . THR A 1 8  ? -10.322 -4.262  0.706   1.00 1.45 ? 8  THR A HB   1 
ATOM 113  H HG1  . THR A 1 8  ? -8.808  -3.754  2.060   1.00 2.09 ? 8  THR A HG1  1 
ATOM 114  H HG21 . THR A 1 8  ? -8.039  -5.649  -0.718  1.00 1.83 ? 8  THR A HG21 1 
ATOM 115  H HG22 . THR A 1 8  ? -8.801  -6.269  0.746   1.00 1.86 ? 8  THR A HG22 1 
ATOM 116  H HG23 . THR A 1 8  ? -9.742  -6.108  -0.737  1.00 1.81 ? 8  THR A HG23 1 
ATOM 117  N N    . SER A 1 9  ? -10.521 -1.767  0.446   1.00 1.59 ? 9  SER A N    1 
ATOM 118  C CA   . SER A 1 9  ? -11.364 -0.566  0.689   1.00 1.87 ? 9  SER A CA   1 
ATOM 119  C C    . SER A 1 9  ? -10.558 0.672   0.263   1.00 1.53 ? 9  SER A C    1 
ATOM 120  O O    . SER A 1 9  ? -9.646  0.541   -0.528  1.00 2.01 ? 9  SER A O    1 
ATOM 121  C CB   . SER A 1 9  ? -11.629 -0.601  2.191   1.00 2.44 ? 9  SER A CB   1 
ATOM 122  O OG   . SER A 1 9  ? -11.821 -1.948  2.601   1.00 2.89 ? 9  SER A OG   1 
ATOM 123  H H    . SER A 1 9  ? -10.150 -2.266  1.203   1.00 1.77 ? 9  SER A H    1 
ATOM 124  H HA   . SER A 1 9  ? -12.291 -0.630  0.138   1.00 2.17 ? 9  SER A HA   1 
ATOM 125  H HB2  . SER A 1 9  ? -10.785 -0.186  2.718   1.00 3.00 ? 9  SER A HB2  1 
ATOM 126  H HB3  . SER A 1 9  ? -12.513 -0.017  2.414   1.00 2.61 ? 9  SER A HB3  1 
ATOM 127  H HG   . SER A 1 9  ? -11.606 -2.007  3.535   1.00 3.29 ? 9  SER A HG   1 
ATOM 128  N N    . PRO A 1 10 ? -10.883 1.837   0.779   1.00 0.92 ? 10 PRO A N    1 
ATOM 129  C CA   . PRO A 1 10 ? -10.112 3.034   0.384   1.00 0.93 ? 10 PRO A CA   1 
ATOM 130  C C    . PRO A 1 10 ? -8.763  3.019   1.097   1.00 0.91 ? 10 PRO A C    1 
ATOM 131  O O    . PRO A 1 10 ? -7.729  2.786   0.505   1.00 1.81 ? 10 PRO A O    1 
ATOM 132  C CB   . PRO A 1 10 ? -10.986 4.199   0.837   1.00 1.00 ? 10 PRO A CB   1 
ATOM 133  C CG   . PRO A 1 10 ? -11.855 3.657   1.926   1.00 0.94 ? 10 PRO A CG   1 
ATOM 134  C CD   . PRO A 1 10 ? -11.946 2.159   1.748   1.00 0.83 ? 10 PRO A CD   1 
ATOM 135  H HA   . PRO A 1 10 ? -9.979  3.064   -0.681  1.00 1.40 ? 10 PRO A HA   1 
ATOM 136  H HB2  . PRO A 1 10 ? -10.370 5.003   1.213   1.00 1.25 ? 10 PRO A HB2  1 
ATOM 137  H HB3  . PRO A 1 10 ? -11.594 4.545   0.022   1.00 1.32 ? 10 PRO A HB3  1 
ATOM 138  H HG2  . PRO A 1 10 ? -11.424 3.890   2.890   1.00 1.16 ? 10 PRO A HG2  1 
ATOM 139  H HG3  . PRO A 1 10 ? -12.842 4.087   1.854   1.00 1.25 ? 10 PRO A HG3  1 
ATOM 140  H HD2  . PRO A 1 10 ? -11.763 1.678   2.696   1.00 1.24 ? 10 PRO A HD2  1 
ATOM 141  H HD3  . PRO A 1 10 ? -12.911 1.878   1.355   1.00 0.91 ? 10 PRO A HD3  1 
ATOM 142  N N    . ILE A 1 11 ? -8.783  3.232   2.370   1.00 0.78 ? 11 ILE A N    1 
ATOM 143  C CA   . ILE A 1 11 ? -7.548  3.205   3.166   1.00 0.64 ? 11 ILE A CA   1 
ATOM 144  C C    . ILE A 1 11 ? -7.922  3.330   4.636   1.00 0.56 ? 11 ILE A C    1 
ATOM 145  O O    . ILE A 1 11 ? -8.336  4.367   5.116   1.00 0.60 ? 11 ILE A O    1 
ATOM 146  C CB   . ILE A 1 11 ? -6.683  4.349   2.607   1.00 0.70 ? 11 ILE A CB   1 
ATOM 147  C CG1  . ILE A 1 11 ? -5.388  3.689   2.104   1.00 0.74 ? 11 ILE A CG1  1 
ATOM 148  C CG2  . ILE A 1 11 ? -6.375  5.452   3.656   1.00 0.65 ? 11 ILE A CG2  1 
ATOM 149  C CD1  . ILE A 1 11 ? -4.233  4.694   2.010   1.00 0.74 ? 11 ILE A CD1  1 
ATOM 150  H H    . ILE A 1 11 ? -9.621  3.389   2.811   1.00 1.48 ? 11 ILE A H    1 
ATOM 151  H HA   . ILE A 1 11 ? -7.041  2.264   3.007   1.00 0.64 ? 11 ILE A HA   1 
ATOM 152  H HB   . ILE A 1 11 ? -7.210  4.787   1.775   1.00 0.82 ? 11 ILE A HB   1 
ATOM 153  H HG12 . ILE A 1 11 ? -5.116  2.897   2.789   1.00 0.74 ? 11 ILE A HG12 1 
ATOM 154  H HG13 . ILE A 1 11 ? -5.569  3.263   1.128   1.00 0.84 ? 11 ILE A HG13 1 
ATOM 155  H HG21 . ILE A 1 11 ? -6.027  4.992   4.569   1.00 1.13 ? 11 ILE A HG21 1 
ATOM 156  H HG22 . ILE A 1 11 ? -5.609  6.110   3.272   1.00 1.12 ? 11 ILE A HG22 1 
ATOM 157  H HG23 . ILE A 1 11 ? -7.273  6.019   3.857   1.00 1.20 ? 11 ILE A HG23 1 
ATOM 158  H HD11 . ILE A 1 11 ? -4.152  5.234   2.945   1.00 1.26 ? 11 ILE A HD11 1 
ATOM 159  H HD12 . ILE A 1 11 ? -3.312  4.162   1.822   1.00 1.26 ? 11 ILE A HD12 1 
ATOM 160  H HD13 . ILE A 1 11 ? -4.425  5.388   1.206   1.00 1.15 ? 11 ILE A HD13 1 
ATOM 161  N N    . SER A 1 12 ? -7.779  2.263   5.333   1.00 0.51 ? 12 SER A N    1 
ATOM 162  C CA   . SER A 1 12 ? -8.118  2.249   6.772   1.00 0.51 ? 12 SER A CA   1 
ATOM 163  C C    . SER A 1 12 ? -7.357  1.110   7.416   1.00 0.47 ? 12 SER A C    1 
ATOM 164  O O    . SER A 1 12 ? -7.128  0.086   6.794   1.00 0.44 ? 12 SER A O    1 
ATOM 165  C CB   . SER A 1 12 ? -9.625  2.005   6.830   1.00 0.62 ? 12 SER A CB   1 
ATOM 166  O OG   . SER A 1 12 ? -9.920  0.746   6.240   1.00 1.15 ? 12 SER A OG   1 
ATOM 167  H H    . SER A 1 12 ? -7.440  1.450   4.898   1.00 0.51 ? 12 SER A H    1 
ATOM 168  H HA   . SER A 1 12 ? -7.868  3.190   7.235   1.00 0.53 ? 12 SER A HA   1 
ATOM 169  H HB2  . SER A 1 12 ? -9.953  2.002   7.855   1.00 0.83 ? 12 SER A HB2  1 
ATOM 170  H HB3  . SER A 1 12 ? -10.137 2.794   6.293   1.00 0.98 ? 12 SER A HB3  1 
ATOM 171  H HG   . SER A 1 12 ? -10.848 0.557   6.391   1.00 1.58 ? 12 SER A HG   1 
ATOM 172  N N    . ALA A 1 13 ? -6.938  1.276   8.634   1.00 0.50 ? 13 ALA A N    1 
ATOM 173  C CA   . ALA A 1 13 ? -6.165  0.193   9.282   1.00 0.50 ? 13 ALA A CA   1 
ATOM 174  C C    . ALA A 1 13 ? -7.076  -0.755  10.029  1.00 0.52 ? 13 ALA A C    1 
ATOM 175  O O    . ALA A 1 13 ? -7.506  -0.479  11.131  1.00 0.67 ? 13 ALA A O    1 
ATOM 176  C CB   . ALA A 1 13 ? -5.237  0.871   10.269  1.00 0.56 ? 13 ALA A CB   1 
ATOM 177  H H    . ALA A 1 13 ? -7.114  2.114   9.110   1.00 0.54 ? 13 ALA A H    1 
ATOM 178  H HA   . ALA A 1 13 ? -5.589  -0.335  8.550   1.00 0.49 ? 13 ALA A HA   1 
ATOM 179  H HB1  . ALA A 1 13 ? -5.354  1.939   10.200  1.00 1.14 ? 13 ALA A HB1  1 
ATOM 180  H HB2  . ALA A 1 13 ? -5.485  0.537   11.268  1.00 1.28 ? 13 ALA A HB2  1 
ATOM 181  H HB3  . ALA A 1 13 ? -4.219  0.598   10.039  1.00 1.08 ? 13 ALA A HB3  1 
ATOM 182  N N    . VAL A 1 14 ? -7.346  -1.885  9.469   1.00 0.50 ? 14 VAL A N    1 
ATOM 183  C CA   . VAL A 1 14 ? -8.193  -2.844  10.198  1.00 0.56 ? 14 VAL A CA   1 
ATOM 184  C C    . VAL A 1 14 ? -7.372  -4.083  10.511  1.00 0.53 ? 14 VAL A C    1 
ATOM 185  O O    . VAL A 1 14 ? -6.514  -4.497  9.750   1.00 0.49 ? 14 VAL A O    1 
ATOM 186  C CB   . VAL A 1 14 ? -9.404  -3.174  9.294   1.00 0.65 ? 14 VAL A CB   1 
ATOM 187  C CG1  . VAL A 1 14 ? -9.854  -1.919  8.555   1.00 0.76 ? 14 VAL A CG1  1 
ATOM 188  C CG2  . VAL A 1 14 ? -9.054  -4.272  8.274   1.00 0.71 ? 14 VAL A CG2  1 
ATOM 189  H H    . VAL A 1 14 ? -6.970  -2.113  8.593   1.00 0.54 ? 14 VAL A H    1 
ATOM 190  H HA   . VAL A 1 14 ? -8.541  -2.396  11.116  1.00 0.62 ? 14 VAL A HA   1 
ATOM 191  H HB   . VAL A 1 14 ? -10.217 -3.519  9.917   1.00 0.71 ? 14 VAL A HB   1 
ATOM 192  H HG11 . VAL A 1 14 ? -9.884  -1.092  9.250   1.00 1.18 ? 14 VAL A HG11 1 
ATOM 193  H HG12 . VAL A 1 14 ? -9.157  -1.698  7.762   1.00 1.31 ? 14 VAL A HG12 1 
ATOM 194  H HG13 . VAL A 1 14 ? -10.837 -2.078  8.141   1.00 1.30 ? 14 VAL A HG13 1 
ATOM 195  H HG21 . VAL A 1 14 ? -8.723  -5.157  8.809   1.00 1.29 ? 14 VAL A HG21 1 
ATOM 196  H HG22 . VAL A 1 14 ? -9.927  -4.511  7.686   1.00 1.29 ? 14 VAL A HG22 1 
ATOM 197  H HG23 . VAL A 1 14 ? -8.264  -3.925  7.626   1.00 1.18 ? 14 VAL A HG23 1 
ATOM 198  N N    . THR A 1 15 ? -7.643  -4.674  11.612  1.00 0.61 ? 15 THR A N    1 
ATOM 199  C CA   . THR A 1 15 ? -6.913  -5.906  11.974  1.00 0.64 ? 15 THR A CA   1 
ATOM 200  C C    . THR A 1 15 ? -7.159  -6.948  10.882  1.00 0.68 ? 15 THR A C    1 
ATOM 201  O O    . THR A 1 15 ? -8.210  -6.971  10.272  1.00 0.87 ? 15 THR A O    1 
ATOM 202  C CB   . THR A 1 15 ? -7.545  -6.349  13.282  1.00 0.74 ? 15 THR A CB   1 
ATOM 203  O OG1  . THR A 1 15 ? -7.633  -5.237  14.164  1.00 0.78 ? 15 THR A OG1  1 
ATOM 204  C CG2  . THR A 1 15 ? -6.689  -7.444  13.913  1.00 0.85 ? 15 THR A CG2  1 
ATOM 205  H H    . THR A 1 15 ? -8.338  -4.310  12.195  1.00 0.67 ? 15 THR A H    1 
ATOM 206  H HA   . THR A 1 15 ? -5.862  -5.713  12.101  1.00 0.66 ? 15 THR A HA   1 
ATOM 207  H HB   . THR A 1 15 ? -8.533  -6.732  13.080  1.00 0.80 ? 15 THR A HB   1 
ATOM 208  H HG1  . THR A 1 15 ? -8.295  -5.436  14.829  1.00 1.25 ? 15 THR A HG1  1 
ATOM 209  H HG21 . THR A 1 15 ? -5.690  -7.398  13.502  1.00 1.32 ? 15 THR A HG21 1 
ATOM 210  H HG22 . THR A 1 15 ? -6.645  -7.295  14.982  1.00 1.20 ? 15 THR A HG22 1 
ATOM 211  H HG23 . THR A 1 15 ? -7.123  -8.409  13.700  1.00 1.39 ? 15 THR A HG23 1 
ATOM 212  N N    . CYS A 1 16 ? -6.215  -7.802  10.612  1.00 0.71 ? 16 CYS A N    1 
ATOM 213  C CA   . CYS A 1 16 ? -6.437  -8.815  9.539   1.00 0.82 ? 16 CYS A CA   1 
ATOM 214  C C    . CYS A 1 16 ? -6.664  -10.205 10.145  1.00 1.14 ? 16 CYS A C    1 
ATOM 215  O O    . CYS A 1 16 ? -6.471  -10.411 11.326  1.00 1.46 ? 16 CYS A O    1 
ATOM 216  C CB   . CYS A 1 16 ? -5.167  -8.778  8.689   1.00 0.79 ? 16 CYS A CB   1 
ATOM 217  S SG   . CYS A 1 16 ? -5.471  -7.766  7.216   1.00 1.37 ? 16 CYS A SG   1 
ATOM 218  H H    . CYS A 1 16 ? -5.366  -7.776  11.100  1.00 0.81 ? 16 CYS A H    1 
ATOM 219  H HA   . CYS A 1 16 ? -7.285  -8.533  8.936   1.00 0.94 ? 16 CYS A HA   1 
ATOM 220  H HB2  . CYS A 1 16 ? -4.359  -8.348  9.264   1.00 1.02 ? 16 CYS A HB2  1 
ATOM 221  H HB3  . CYS A 1 16 ? -4.903  -9.782  8.389   1.00 0.79 ? 16 CYS A HB3  1 
ATOM 222  N N    . PRO A 1 17 ? -7.082  -11.112 9.301   1.00 1.64 ? 17 PRO A N    1 
ATOM 223  C CA   . PRO A 1 17 ? -7.361  -12.505 9.740   1.00 2.00 ? 17 PRO A CA   1 
ATOM 224  C C    . PRO A 1 17 ? -6.065  -13.238 10.093  1.00 1.51 ? 17 PRO A C    1 
ATOM 225  O O    . PRO A 1 17 ? -4.984  -12.718 9.900   1.00 1.82 ? 17 PRO A O    1 
ATOM 226  C CB   . PRO A 1 17 ? -8.031  -13.135 8.519   1.00 2.99 ? 17 PRO A CB   1 
ATOM 227  C CG   . PRO A 1 17 ? -7.556  -12.324 7.357   1.00 3.18 ? 17 PRO A CG   1 
ATOM 228  C CD   . PRO A 1 17 ? -7.329  -10.927 7.866   1.00 2.32 ? 17 PRO A CD   1 
ATOM 229  H HA   . PRO A 1 17 ? -8.041  -12.511 10.575  1.00 2.35 ? 17 PRO A HA   1 
ATOM 230  H HB2  . PRO A 1 17 ? -7.719  -14.165 8.411   1.00 3.16 ? 17 PRO A HB2  1 
ATOM 231  H HB3  . PRO A 1 17 ? -9.104  -13.071 8.601   1.00 3.58 ? 17 PRO A HB3  1 
ATOM 232  H HG2  . PRO A 1 17 ? -6.634  -12.737 6.973   1.00 3.37 ? 17 PRO A HG2  1 
ATOM 233  H HG3  . PRO A 1 17 ? -8.308  -12.313 6.584   1.00 3.94 ? 17 PRO A HG3  1 
ATOM 234  H HD2  . PRO A 1 17 ? -6.468  -10.485 7.382   1.00 2.29 ? 17 PRO A HD2  1 
ATOM 235  H HD3  . PRO A 1 17 ? -8.206  -10.319 7.715   1.00 2.56 ? 17 PRO A HD3  1 
ATOM 236  N N    . PRO A 1 18 ? -6.223  -14.431 10.599  1.00 1.65 ? 18 PRO A N    1 
ATOM 237  C CA   . PRO A 1 18 ? -5.054  -15.262 10.987  1.00 1.98 ? 18 PRO A CA   1 
ATOM 238  C C    . PRO A 1 18 ? -4.243  -15.658 9.751   1.00 1.64 ? 18 PRO A C    1 
ATOM 239  O O    . PRO A 1 18 ? -4.780  -16.100 8.754   1.00 2.15 ? 18 PRO A O    1 
ATOM 240  C CB   . PRO A 1 18 ? -5.690  -16.485 11.649  1.00 2.95 ? 18 PRO A CB   1 
ATOM 241  C CG   . PRO A 1 18 ? -7.066  -16.548 11.071  1.00 3.09 ? 18 PRO A CG   1 
ATOM 242  C CD   . PRO A 1 18 ? -7.491  -15.122 10.856  1.00 2.38 ? 18 PRO A CD   1 
ATOM 243  H HA   . PRO A 1 18 ? -4.434  -14.739 11.698  1.00 2.29 ? 18 PRO A HA   1 
ATOM 244  H HB2  . PRO A 1 18 ? -5.132  -17.378 11.403  1.00 3.31 ? 18 PRO A HB2  1 
ATOM 245  H HB3  . PRO A 1 18 ? -5.743  -16.352 12.717  1.00 3.43 ? 18 PRO A HB3  1 
ATOM 246  H HG2  . PRO A 1 18 ? -7.048  -17.081 10.130  1.00 3.31 ? 18 PRO A HG2  1 
ATOM 247  H HG3  . PRO A 1 18 ? -7.739  -17.030 11.762  1.00 3.77 ? 18 PRO A HG3  1 
ATOM 248  H HD2  . PRO A 1 18 ? -8.154  -15.048 10.005  1.00 2.60 ? 18 PRO A HD2  1 
ATOM 249  H HD3  . PRO A 1 18 ? -7.959  -14.725 11.742  1.00 2.59 ? 18 PRO A HD3  1 
ATOM 250  N N    . GLY A 1 19 ? -2.954  -15.489 9.812   1.00 1.51 ? 19 GLY A N    1 
ATOM 251  C CA   . GLY A 1 19 ? -2.089  -15.834 8.650   1.00 1.35 ? 19 GLY A CA   1 
ATOM 252  C C    . GLY A 1 19 ? -1.054  -14.726 8.488   1.00 0.96 ? 19 GLY A C    1 
ATOM 253  O O    . GLY A 1 19 ? 0.123   -14.921 8.712   1.00 1.36 ? 19 GLY A O    1 
ATOM 254  H H    . GLY A 1 19 ? -2.548  -15.122 10.626  1.00 2.04 ? 19 GLY A H    1 
ATOM 255  H HA2  . GLY A 1 19 ? -1.593  -16.777 8.833   1.00 1.59 ? 19 GLY A HA2  1 
ATOM 256  H HA3  . GLY A 1 19 ? -2.687  -15.901 7.756   1.00 1.61 ? 19 GLY A HA3  1 
ATOM 257  N N    . GLU A 1 20 ? -1.491  -13.553 8.124   1.00 0.60 ? 20 GLU A N    1 
ATOM 258  C CA   . GLU A 1 20 ? -0.549  -12.425 7.978   1.00 0.76 ? 20 GLU A CA   1 
ATOM 259  C C    . GLU A 1 20 ? -0.044  -12.014 9.359   1.00 0.74 ? 20 GLU A C    1 
ATOM 260  O O    . GLU A 1 20 ? -0.772  -11.461 10.158  1.00 1.13 ? 20 GLU A O    1 
ATOM 261  C CB   . GLU A 1 20 ? -1.396  -11.323 7.354   1.00 1.18 ? 20 GLU A CB   1 
ATOM 262  C CG   . GLU A 1 20 ? -1.616  -11.646 5.877   1.00 2.12 ? 20 GLU A CG   1 
ATOM 263  C CD   . GLU A 1 20 ? -2.866  -12.516 5.727   1.00 2.96 ? 20 GLU A CD   1 
ATOM 264  O OE1  . GLU A 1 20 ? -3.930  -12.061 6.111   1.00 3.52 ? 20 GLU A OE1  1 
ATOM 265  O OE2  . GLU A 1 20 ? -2.736  -13.622 5.230   1.00 3.45 ? 20 GLU A OE2  1 
ATOM 266  H H    . GLU A 1 20 ? -2.442  -13.408 7.961   1.00 0.80 ? 20 GLU A H    1 
ATOM 267  H HA   . GLU A 1 20 ? 0.268   -12.687 7.328   1.00 1.05 ? 20 GLU A HA   1 
ATOM 268  H HB2  . GLU A 1 20 ? -2.350  -11.273 7.860   1.00 1.58 ? 20 GLU A HB2  1 
ATOM 269  H HB3  . GLU A 1 20 ? -0.890  -10.378 7.448   1.00 1.43 ? 20 GLU A HB3  1 
ATOM 270  H HG2  . GLU A 1 20 ? -1.745  -10.730 5.322   1.00 2.44 ? 20 GLU A HG2  1 
ATOM 271  H HG3  . GLU A 1 20 ? -0.759  -12.183 5.499   1.00 2.46 ? 20 GLU A HG3  1 
ATOM 272  N N    . ASN A 1 21 ? 1.193   -12.295 9.653   1.00 0.53 ? 21 ASN A N    1 
ATOM 273  C CA   . ASN A 1 21 ? 1.732   -11.935 10.989  1.00 0.61 ? 21 ASN A CA   1 
ATOM 274  C C    . ASN A 1 21 ? 2.033   -10.439 11.050  1.00 0.51 ? 21 ASN A C    1 
ATOM 275  O O    . ASN A 1 21 ? 2.311   -9.896  12.101  1.00 0.64 ? 21 ASN A O    1 
ATOM 276  C CB   . ASN A 1 21 ? 3.015   -12.754 11.133  1.00 0.75 ? 21 ASN A CB   1 
ATOM 277  C CG   . ASN A 1 21 ? 2.752   -14.207 10.722  1.00 1.13 ? 21 ASN A CG   1 
ATOM 278  O OD1  . ASN A 1 21 ? 3.675   -14.943 10.436  1.00 1.61 ? 21 ASN A OD1  1 
ATOM 279  N ND2  . ASN A 1 21 ? 1.526   -14.659 10.682  1.00 1.27 ? 21 ASN A ND2  1 
ATOM 280  H H    . ASN A 1 21 ? 1.763   -12.749 9.000   1.00 0.61 ? 21 ASN A H    1 
ATOM 281  H HA   . ASN A 1 21 ? 1.033   -12.211 11.762  1.00 0.76 ? 21 ASN A HA   1 
ATOM 282  H HB2  . ASN A 1 21 ? 3.782   -12.334 10.498  1.00 0.75 ? 21 ASN A HB2  1 
ATOM 283  H HB3  . ASN A 1 21 ? 3.344   -12.727 12.159  1.00 0.99 ? 21 ASN A HB3  1 
ATOM 284  H HD21 . ASN A 1 21 ? 0.775   -14.072 10.912  1.00 1.25 ? 21 ASN A HD21 1 
ATOM 285  H HD22 . ASN A 1 21 ? 1.356   -15.589 10.421  1.00 1.60 ? 21 ASN A HD22 1 
ATOM 286  N N    . LEU A 1 22 ? 1.977   -9.763  9.936   1.00 0.34 ? 22 LEU A N    1 
ATOM 287  C CA   . LEU A 1 22 ? 2.260   -8.303  9.953   1.00 0.31 ? 22 LEU A CA   1 
ATOM 288  C C    . LEU A 1 22 ? 1.607   -7.606  8.763   1.00 0.28 ? 22 LEU A C    1 
ATOM 289  O O    . LEU A 1 22 ? 0.773   -8.159  8.076   1.00 0.32 ? 22 LEU A O    1 
ATOM 290  C CB   . LEU A 1 22 ? 3.780   -8.185  9.857   1.00 0.35 ? 22 LEU A CB   1 
ATOM 291  C CG   . LEU A 1 22 ? 4.269   -8.775  8.532   1.00 0.34 ? 22 LEU A CG   1 
ATOM 292  C CD1  . LEU A 1 22 ? 5.012   -7.700  7.732   1.00 0.36 ? 22 LEU A CD1  1 
ATOM 293  C CD2  . LEU A 1 22 ? 5.225   -9.933  8.824   1.00 0.49 ? 22 LEU A CD2  1 
ATOM 294  H H    . LEU A 1 22 ? 1.750   -10.214 9.094   1.00 0.33 ? 22 LEU A H    1 
ATOM 295  H HA   . LEU A 1 22 ? 1.917   -7.866  10.877  1.00 0.39 ? 22 LEU A HA   1 
ATOM 296  H HB2  . LEU A 1 22 ? 4.058   -7.144  9.909   1.00 0.43 ? 22 LEU A HB2  1 
ATOM 297  H HB3  . LEU A 1 22 ? 4.232   -8.720  10.676  1.00 0.45 ? 22 LEU A HB3  1 
ATOM 298  H HG   . LEU A 1 22 ? 3.426   -9.134  7.962   1.00 0.39 ? 22 LEU A HG   1 
ATOM 299  H HD11 . LEU A 1 22 ? 4.765   -6.724  8.125   1.00 0.96 ? 22 LEU A HD11 1 
ATOM 300  H HD12 . LEU A 1 22 ? 6.077   -7.858  7.812   1.00 0.99 ? 22 LEU A HD12 1 
ATOM 301  H HD13 . LEU A 1 22 ? 4.717   -7.751  6.690   1.00 0.97 ? 22 LEU A HD13 1 
ATOM 302  H HD21 . LEU A 1 22 ? 5.573   -9.860  9.844   1.00 1.28 ? 22 LEU A HD21 1 
ATOM 303  H HD22 . LEU A 1 22 ? 4.707   -10.870 8.685   1.00 1.11 ? 22 LEU A HD22 1 
ATOM 304  H HD23 . LEU A 1 22 ? 6.066   -9.881  8.150   1.00 1.04 ? 22 LEU A HD23 1 
ATOM 305  N N    . CYS A 1 23 ? 1.997   -6.391  8.522   1.00 0.29 ? 23 CYS A N    1 
ATOM 306  C CA   . CYS A 1 23 ? 1.437   -5.621  7.387   1.00 0.26 ? 23 CYS A CA   1 
ATOM 307  C C    . CYS A 1 23 ? 2.486   -5.522  6.292   1.00 0.29 ? 23 CYS A C    1 
ATOM 308  O O    . CYS A 1 23 ? 3.595   -5.983  6.446   1.00 0.35 ? 23 CYS A O    1 
ATOM 309  C CB   . CYS A 1 23 ? 1.149   -4.245  7.959   1.00 0.29 ? 23 CYS A CB   1 
ATOM 310  S SG   . CYS A 1 23 ? 0.210   -4.408  9.495   1.00 0.33 ? 23 CYS A SG   1 
ATOM 311  H H    . CYS A 1 23 ? 2.670   -5.980  9.093   1.00 0.36 ? 23 CYS A H    1 
ATOM 312  H HA   . CYS A 1 23 ? 0.534   -6.072  7.023   1.00 0.25 ? 23 CYS A HA   1 
ATOM 313  H HB2  . CYS A 1 23 ? 2.080   -3.752  8.153   1.00 0.34 ? 23 CYS A HB2  1 
ATOM 314  H HB3  . CYS A 1 23 ? 0.582   -3.674  7.249   1.00 0.28 ? 23 CYS A HB3  1 
ATOM 315  N N    . TYR A 1 24 ? 2.172   -4.912  5.192   1.00 0.27 ? 24 TYR A N    1 
ATOM 316  C CA   . TYR A 1 24 ? 3.200   -4.811  4.134   1.00 0.31 ? 24 TYR A CA   1 
ATOM 317  C C    . TYR A 1 24 ? 2.944   -3.639  3.206   1.00 0.32 ? 24 TYR A C    1 
ATOM 318  O O    . TYR A 1 24 ? 1.961   -2.949  3.308   1.00 0.54 ? 24 TYR A O    1 
ATOM 319  C CB   . TYR A 1 24 ? 3.138   -6.133  3.370   1.00 0.34 ? 24 TYR A CB   1 
ATOM 320  C CG   . TYR A 1 24 ? 1.927   -6.155  2.473   1.00 0.33 ? 24 TYR A CG   1 
ATOM 321  C CD1  . TYR A 1 24 ? 0.708   -6.618  2.960   1.00 1.25 ? 24 TYR A CD1  1 
ATOM 322  C CD2  . TYR A 1 24 ? 2.036   -5.714  1.155   1.00 1.21 ? 24 TYR A CD2  1 
ATOM 323  C CE1  . TYR A 1 24 ? -0.416  -6.644  2.124   1.00 1.26 ? 24 TYR A CE1  1 
ATOM 324  C CE2  . TYR A 1 24 ? 0.917   -5.738  0.317   1.00 1.22 ? 24 TYR A CE2  1 
ATOM 325  C CZ   . TYR A 1 24 ? -0.310  -6.204  0.801   1.00 0.39 ? 24 TYR A CZ   1 
ATOM 326  O OH   . TYR A 1 24 ? -1.416  -6.227  -0.025  1.00 0.45 ? 24 TYR A OH   1 
ATOM 327  H H    . TYR A 1 24 ? 1.289   -4.517  5.073   1.00 0.26 ? 24 TYR A H    1 
ATOM 328  H HA   . TYR A 1 24 ? 4.154   -4.708  4.581   1.00 0.35 ? 24 TYR A HA   1 
ATOM 329  H HB2  . TYR A 1 24 ? 4.024   -6.235  2.770   1.00 0.39 ? 24 TYR A HB2  1 
ATOM 330  H HB3  . TYR A 1 24 ? 3.082   -6.951  4.070   1.00 0.35 ? 24 TYR A HB3  1 
ATOM 331  H HD1  . TYR A 1 24 ? 0.633   -6.950  3.981   1.00 2.14 ? 24 TYR A HD1  1 
ATOM 332  H HD2  . TYR A 1 24 ? 2.986   -5.354  0.787   1.00 2.11 ? 24 TYR A HD2  1 
ATOM 333  H HE1  . TYR A 1 24 ? -1.361  -7.007  2.496   1.00 2.16 ? 24 TYR A HE1  1 
ATOM 334  H HE2  . TYR A 1 24 ? 1.000   -5.399  -0.703  1.00 2.11 ? 24 TYR A HE2  1 
ATOM 335  H HH   . TYR A 1 24 ? -2.136  -5.784  0.431   1.00 0.96 ? 24 TYR A HH   1 
ATOM 336  N N    . ARG A 1 25 ? 3.839   -3.422  2.300   1.00 0.25 ? 25 ARG A N    1 
ATOM 337  C CA   . ARG A 1 25 ? 3.669   -2.291  1.347   1.00 0.27 ? 25 ARG A CA   1 
ATOM 338  C C    . ARG A 1 25 ? 4.015   -2.758  -0.073  1.00 0.30 ? 25 ARG A C    1 
ATOM 339  O O    . ARG A 1 25 ? 5.163   -3.002  -0.371  1.00 0.32 ? 25 ARG A O    1 
ATOM 340  C CB   . ARG A 1 25 ? 4.685   -1.230  1.790   1.00 0.31 ? 25 ARG A CB   1 
ATOM 341  C CG   . ARG A 1 25 ? 4.676   -1.056  3.315   1.00 0.40 ? 25 ARG A CG   1 
ATOM 342  C CD   . ARG A 1 25 ? 5.956   -0.334  3.742   1.00 0.89 ? 25 ARG A CD   1 
ATOM 343  N NE   . ARG A 1 25 ? 5.497   0.797   4.594   1.00 1.22 ? 25 ARG A NE   1 
ATOM 344  C CZ   . ARG A 1 25 ? 6.321   1.764   4.889   1.00 1.59 ? 25 ARG A CZ   1 
ATOM 345  N NH1  . ARG A 1 25 ? 7.389   1.519   5.599   1.00 2.17 ? 25 ARG A NH1  1 
ATOM 346  N NH2  . ARG A 1 25 ? 6.078   2.977   4.474   1.00 2.09 ? 25 ARG A NH2  1 
ATOM 347  H H    . ARG A 1 25 ? 4.632   -4.005  2.252   1.00 0.37 ? 25 ARG A H    1 
ATOM 348  H HA   . ARG A 1 25 ? 2.662   -1.902  1.405   1.00 0.26 ? 25 ARG A HA   1 
ATOM 349  H HB2  . ARG A 1 25 ? 5.672   -1.536  1.476   1.00 0.40 ? 25 ARG A HB2  1 
ATOM 350  H HB3  . ARG A 1 25 ? 4.442   -0.288  1.322   1.00 0.35 ? 25 ARG A HB3  1 
ATOM 351  H HG2  . ARG A 1 25 ? 3.818   -0.473  3.606   1.00 0.70 ? 25 ARG A HG2  1 
ATOM 352  H HG3  . ARG A 1 25 ? 4.636   -2.019  3.796   1.00 0.82 ? 25 ARG A HG3  1 
ATOM 353  H HD2  . ARG A 1 25 ? 6.590   -1.002  4.308   1.00 1.61 ? 25 ARG A HD2  1 
ATOM 354  H HD3  . ARG A 1 25 ? 6.481   0.044   2.878   1.00 1.63 ? 25 ARG A HD3  1 
ATOM 355  H HE   . ARG A 1 25 ? 4.578   0.814   4.935   1.00 1.84 ? 25 ARG A HE   1 
ATOM 356  H HH11 . ARG A 1 25 ? 7.575   0.591   5.917   1.00 2.56 ? 25 ARG A HH11 1 
ATOM 357  H HH12 . ARG A 1 25 ? 8.019   2.262   5.825   1.00 2.58 ? 25 ARG A HH12 1 
ATOM 358  H HH21 . ARG A 1 25 ? 5.261   3.166   3.929   1.00 2.48 ? 25 ARG A HH21 1 
ATOM 359  H HH22 . ARG A 1 25 ? 6.710   3.720   4.700   1.00 2.45 ? 25 ARG A HH22 1 
ATOM 360  N N    . LYS A 1 26 ? 3.069   -2.876  -0.969  1.00 0.32 ? 26 LYS A N    1 
ATOM 361  C CA   . LYS A 1 26 ? 3.445   -3.324  -2.335  1.00 0.36 ? 26 LYS A CA   1 
ATOM 362  C C    . LYS A 1 26 ? 3.529   -2.137  -3.271  1.00 0.37 ? 26 LYS A C    1 
ATOM 363  O O    . LYS A 1 26 ? 3.011   -1.070  -3.007  1.00 0.40 ? 26 LYS A O    1 
ATOM 364  C CB   . LYS A 1 26 ? 2.348   -4.278  -2.812  1.00 0.39 ? 26 LYS A CB   1 
ATOM 365  C CG   . LYS A 1 26 ? 2.928   -5.686  -2.951  1.00 0.45 ? 26 LYS A CG   1 
ATOM 366  C CD   . LYS A 1 26 ? 1.793   -6.702  -3.084  1.00 0.66 ? 26 LYS A CD   1 
ATOM 367  C CE   . LYS A 1 26 ? 1.635   -7.476  -1.773  1.00 0.86 ? 26 LYS A CE   1 
ATOM 368  N NZ   . LYS A 1 26 ? 1.986   -8.883  -2.112  1.00 1.21 ? 26 LYS A NZ   1 
ATOM 369  H H    . LYS A 1 26 ? 2.136   -2.660  -0.756  1.00 0.33 ? 26 LYS A H    1 
ATOM 370  H HA   . LYS A 1 26 ? 4.394   -3.843  -2.309  1.00 0.39 ? 26 LYS A HA   1 
ATOM 371  H HB2  . LYS A 1 26 ? 1.539   -4.287  -2.110  1.00 0.40 ? 26 LYS A HB2  1 
ATOM 372  H HB3  . LYS A 1 26 ? 1.982   -3.951  -3.771  1.00 0.42 ? 26 LYS A HB3  1 
ATOM 373  H HG2  . LYS A 1 26 ? 3.554   -5.728  -3.830  1.00 0.60 ? 26 LYS A HG2  1 
ATOM 374  H HG3  . LYS A 1 26 ? 3.516   -5.919  -2.079  1.00 0.48 ? 26 LYS A HG3  1 
ATOM 375  H HD2  . LYS A 1 26 ? 0.872   -6.184  -3.309  1.00 1.21 ? 26 LYS A HD2  1 
ATOM 376  H HD3  . LYS A 1 26 ? 2.022   -7.391  -3.881  1.00 1.35 ? 26 LYS A HD3  1 
ATOM 377  H HE2  . LYS A 1 26 ? 2.310   -7.086  -1.024  1.00 1.44 ? 26 LYS A HE2  1 
ATOM 378  H HE3  . LYS A 1 26 ? 0.615   -7.423  -1.426  1.00 1.42 ? 26 LYS A HE3  1 
ATOM 379  H HZ1  . LYS A 1 26 ? 2.707   -8.888  -2.864  1.00 1.85 ? 26 LYS A HZ1  1 
ATOM 380  H HZ2  . LYS A 1 26 ? 2.362   -9.359  -1.268  1.00 1.67 ? 26 LYS A HZ2  1 
ATOM 381  H HZ3  . LYS A 1 26 ? 1.138   -9.384  -2.440  1.00 1.52 ? 26 LYS A HZ3  1 
ATOM 382  N N    . MET A 1 27 ? 4.165   -2.334  -4.374  1.00 0.38 ? 27 MET A N    1 
ATOM 383  C CA   . MET A 1 27 ? 4.288   -1.250  -5.367  1.00 0.43 ? 27 MET A CA   1 
ATOM 384  C C    . MET A 1 27 ? 4.480   -1.866  -6.731  1.00 0.45 ? 27 MET A C    1 
ATOM 385  O O    . MET A 1 27 ? 5.006   -2.953  -6.868  1.00 0.55 ? 27 MET A O    1 
ATOM 386  C CB   . MET A 1 27 ? 5.502   -0.426  -4.943  1.00 0.46 ? 27 MET A CB   1 
ATOM 387  C CG   . MET A 1 27 ? 5.051   0.981   -4.548  1.00 0.52 ? 27 MET A CG   1 
ATOM 388  S SD   . MET A 1 27 ? 6.489   1.959   -4.050  1.00 0.94 ? 27 MET A SD   1 
ATOM 389  C CE   . MET A 1 27 ? 5.582   3.289   -3.224  1.00 1.77 ? 27 MET A CE   1 
ATOM 390  H H    . MET A 1 27 ? 4.550   -3.213  -4.560  1.00 0.38 ? 27 MET A H    1 
ATOM 391  H HA   . MET A 1 27 ? 3.396   -0.650  -5.366  1.00 0.46 ? 27 MET A HA   1 
ATOM 392  H HB2  . MET A 1 27 ? 5.983   -0.902  -4.100  1.00 0.46 ? 27 MET A HB2  1 
ATOM 393  H HB3  . MET A 1 27 ? 6.198   -0.362  -5.766  1.00 0.49 ? 27 MET A HB3  1 
ATOM 394  H HG2  . MET A 1 27 ? 4.567   1.454   -5.390  1.00 0.62 ? 27 MET A HG2  1 
ATOM 395  H HG3  . MET A 1 27 ? 4.355   0.917   -3.723  1.00 0.60 ? 27 MET A HG3  1 
ATOM 396  H HE1  . MET A 1 27 ? 4.525   3.061   -3.231  1.00 2.31 ? 27 MET A HE1  1 
ATOM 397  H HE2  . MET A 1 27 ? 5.930   3.382   -2.205  1.00 2.28 ? 27 MET A HE2  1 
ATOM 398  H HE3  . MET A 1 27 ? 5.751   4.218   -3.745  1.00 2.30 ? 27 MET A HE3  1 
ATOM 399  N N    . TRP A 1 28 ? 4.004   -1.216  -7.737  1.00 0.47 ? 28 TRP A N    1 
ATOM 400  C CA   . TRP A 1 28 ? 4.104   -1.815  -9.083  1.00 0.50 ? 28 TRP A CA   1 
ATOM 401  C C    . TRP A 1 28 ? 3.741   -0.785  -10.168 1.00 0.58 ? 28 TRP A C    1 
ATOM 402  O O    . TRP A 1 28 ? 4.546   0.044   -10.539 1.00 1.21 ? 28 TRP A O    1 
ATOM 403  C CB   . TRP A 1 28 ? 3.111   -3.001  -9.037  1.00 0.48 ? 28 TRP A CB   1 
ATOM 404  C CG   . TRP A 1 28 ? 1.873   -2.752  -8.172  1.00 0.43 ? 28 TRP A CG   1 
ATOM 405  C CD1  . TRP A 1 28 ? 1.061   -1.652  -8.182  1.00 0.52 ? 28 TRP A CD1  1 
ATOM 406  C CD2  . TRP A 1 28 ? 1.309   -3.644  -7.170  1.00 0.37 ? 28 TRP A CD2  1 
ATOM 407  N NE1  . TRP A 1 28 ? 0.023   -1.851  -7.282  1.00 0.50 ? 28 TRP A NE1  1 
ATOM 408  C CE2  . TRP A 1 28 ? 0.141   -3.059  -6.630  1.00 0.41 ? 28 TRP A CE2  1 
ATOM 409  C CE3  . TRP A 1 28 ? 1.696   -4.899  -6.695  1.00 0.37 ? 28 TRP A CE3  1 
ATOM 410  C CZ2  . TRP A 1 28 ? -0.616  -3.708  -5.653  1.00 0.44 ? 28 TRP A CZ2  1 
ATOM 411  C CZ3  . TRP A 1 28 ? 0.946   -5.557  -5.710  1.00 0.44 ? 28 TRP A CZ3  1 
ATOM 412  C CH2  . TRP A 1 28 ? -0.212  -4.963  -5.192  1.00 0.46 ? 28 TRP A CH2  1 
ATOM 413  H H    . TRP A 1 28 ? 3.537   -0.369  -7.604  1.00 0.54 ? 28 TRP A H    1 
ATOM 414  H HA   . TRP A 1 28 ? 5.103   -2.188  -9.247  1.00 0.55 ? 28 TRP A HA   1 
ATOM 415  H HB2  . TRP A 1 28 ? 2.788   -3.201  -10.027 1.00 0.50 ? 28 TRP A HB2  1 
ATOM 416  H HB3  . TRP A 1 28 ? 3.630   -3.871  -8.661  1.00 0.58 ? 28 TRP A HB3  1 
ATOM 417  H HD1  . TRP A 1 28 ? 1.185   -0.775  -8.795  1.00 0.63 ? 28 TRP A HD1  1 
ATOM 418  H HE1  . TRP A 1 28 ? -0.715  -1.220  -7.109  1.00 0.58 ? 28 TRP A HE1  1 
ATOM 419  H HE3  . TRP A 1 28 ? 2.590   -5.352  -7.079  1.00 0.40 ? 28 TRP A HE3  1 
ATOM 420  H HZ2  . TRP A 1 28 ? -1.508  -3.246  -5.260  1.00 0.51 ? 28 TRP A HZ2  1 
ATOM 421  H HZ3  . TRP A 1 28 ? 1.257   -6.527  -5.358  1.00 0.52 ? 28 TRP A HZ3  1 
ATOM 422  H HH2  . TRP A 1 28 ? -0.788  -5.474  -4.434  1.00 0.54 ? 28 TRP A HH2  1 
ATOM 423  N N    . CYS A 1 29 ? 2.544   -0.819  -10.663 1.00 0.51 ? 29 CYS A N    1 
ATOM 424  C CA   . CYS A 1 29 ? 2.100   0.160   -11.689 1.00 0.54 ? 29 CYS A CA   1 
ATOM 425  C C    . CYS A 1 29 ? 0.640   -0.150  -12.022 1.00 0.60 ? 29 CYS A C    1 
ATOM 426  O O    . CYS A 1 29 ? 0.282   -1.278  -12.291 1.00 1.03 ? 29 CYS A O    1 
ATOM 427  C CB   . CYS A 1 29 ? 3.016   -0.041  -12.893 1.00 0.70 ? 29 CYS A CB   1 
ATOM 428  S SG   . CYS A 1 29 ? 3.832   1.537   -13.256 1.00 1.40 ? 29 CYS A SG   1 
ATOM 429  H H    . CYS A 1 29 ? 1.919   -1.483  -10.356 1.00 0.94 ? 29 CYS A H    1 
ATOM 430  H HA   . CYS A 1 29 ? 2.198   1.172   -11.311 1.00 0.63 ? 29 CYS A HA   1 
ATOM 431  H HB2  . CYS A 1 29 ? 3.759   -0.791  -12.663 1.00 1.20 ? 29 CYS A HB2  1 
ATOM 432  H HB3  . CYS A 1 29 ? 2.432   -0.355  -13.740 1.00 0.95 ? 29 CYS A HB3  1 
ATOM 433  N N    . ASP A 1 30 ? -0.215  0.829   -11.950 1.00 0.72 ? 30 ASP A N    1 
ATOM 434  C CA   . ASP A 1 30 ? -1.661  0.571   -12.201 1.00 0.84 ? 30 ASP A CA   1 
ATOM 435  C C    . ASP A 1 30 ? -1.939  0.223   -13.672 1.00 1.12 ? 30 ASP A C    1 
ATOM 436  O O    . ASP A 1 30 ? -1.041  0.035   -14.468 1.00 1.71 ? 30 ASP A O    1 
ATOM 437  C CB   . ASP A 1 30 ? -2.356  1.867   -11.786 1.00 1.14 ? 30 ASP A CB   1 
ATOM 438  C CG   . ASP A 1 30 ? -3.812  1.581   -11.414 1.00 2.09 ? 30 ASP A CG   1 
ATOM 439  O OD1  . ASP A 1 30 ? -4.026  0.811   -10.493 1.00 2.73 ? 30 ASP A OD1  1 
ATOM 440  O OD2  . ASP A 1 30 ? -4.689  2.136   -12.057 1.00 2.77 ? 30 ASP A OD2  1 
ATOM 441  H H    . ASP A 1 30 ? 0.086   1.724   -11.691 1.00 1.04 ? 30 ASP A H    1 
ATOM 442  H HA   . ASP A 1 30 ? -2.003  -0.232  -11.568 1.00 0.88 ? 30 ASP A HA   1 
ATOM 443  H HB2  . ASP A 1 30 ? -1.844  2.280   -10.926 1.00 1.42 ? 30 ASP A HB2  1 
ATOM 444  H HB3  . ASP A 1 30 ? -2.322  2.574   -12.601 1.00 1.41 ? 30 ASP A HB3  1 
ATOM 445  N N    . ALA A 1 31 ? -3.194  0.097   -14.005 1.00 1.31 ? 31 ALA A N    1 
ATOM 446  C CA   . ALA A 1 31 ? -3.614  -0.280  -15.389 1.00 1.67 ? 31 ALA A CA   1 
ATOM 447  C C    . ALA A 1 31 ? -2.640  0.193   -16.479 1.00 1.78 ? 31 ALA A C    1 
ATOM 448  O O    . ALA A 1 31 ? -2.284  -0.569  -17.356 1.00 2.13 ? 31 ALA A O    1 
ATOM 449  C CB   . ALA A 1 31 ? -4.972  0.396   -15.572 1.00 2.01 ? 31 ALA A CB   1 
ATOM 450  H H    . ALA A 1 31 ? -3.882  0.225   -13.323 1.00 1.60 ? 31 ALA A H    1 
ATOM 451  H HA   . ALA A 1 31 ? -3.741  -1.348  -15.454 1.00 1.91 ? 31 ALA A HA   1 
ATOM 452  H HB1  . ALA A 1 31 ? -5.522  0.353   -14.645 1.00 2.23 ? 31 ALA A HB1  1 
ATOM 453  H HB2  . ALA A 1 31 ? -4.824  1.428   -15.856 1.00 2.33 ? 31 ALA A HB2  1 
ATOM 454  H HB3  . ALA A 1 31 ? -5.527  -0.115  -16.345 1.00 2.48 ? 31 ALA A HB3  1 
ATOM 455  N N    . PHE A 1 32 ? -2.245  1.437   -16.481 1.00 1.80 ? 32 PHE A N    1 
ATOM 456  C CA   . PHE A 1 32 ? -1.349  1.902   -17.582 1.00 2.16 ? 32 PHE A CA   1 
ATOM 457  C C    . PHE A 1 32 ? 0.051   2.286   -17.095 1.00 1.97 ? 32 PHE A C    1 
ATOM 458  O O    . PHE A 1 32 ? 0.888   2.679   -17.885 1.00 2.43 ? 32 PHE A O    1 
ATOM 459  C CB   . PHE A 1 32 ? -2.057  3.122   -18.167 1.00 2.75 ? 32 PHE A CB   1 
ATOM 460  C CG   . PHE A 1 32 ? -3.080  2.661   -19.176 1.00 3.17 ? 32 PHE A CG   1 
ATOM 461  C CD1  . PHE A 1 32 ? -2.721  1.724   -20.151 1.00 3.64 ? 32 PHE A CD1  1 
ATOM 462  C CD2  . PHE A 1 32 ? -4.384  3.167   -19.135 1.00 3.58 ? 32 PHE A CD2  1 
ATOM 463  C CE1  . PHE A 1 32 ? -3.667  1.290   -21.086 1.00 4.16 ? 32 PHE A CE1  1 
ATOM 464  C CE2  . PHE A 1 32 ? -5.331  2.732   -20.071 1.00 4.12 ? 32 PHE A CE2  1 
ATOM 465  C CZ   . PHE A 1 32 ? -4.972  1.795   -21.047 1.00 4.27 ? 32 PHE A CZ   1 
ATOM 466  H H    . PHE A 1 32 ? -2.562  2.064   -15.798 1.00 1.79 ? 32 PHE A H    1 
ATOM 467  H HA   . PHE A 1 32 ? -1.276  1.140   -18.341 1.00 2.40 ? 32 PHE A HA   1 
ATOM 468  H HB2  . PHE A 1 32 ? -2.550  3.668   -17.375 1.00 2.80 ? 32 PHE A HB2  1 
ATOM 469  H HB3  . PHE A 1 32 ? -1.335  3.761   -18.653 1.00 3.07 ? 32 PHE A HB3  1 
ATOM 470  H HD1  . PHE A 1 32 ? -1.714  1.334   -20.181 1.00 3.89 ? 32 PHE A HD1  1 
ATOM 471  H HD2  . PHE A 1 32 ? -4.660  3.891   -18.382 1.00 3.78 ? 32 PHE A HD2  1 
ATOM 472  H HE1  . PHE A 1 32 ? -3.389  0.567   -21.838 1.00 4.72 ? 32 PHE A HE1  1 
ATOM 473  H HE2  . PHE A 1 32 ? -6.338  3.122   -20.040 1.00 4.66 ? 32 PHE A HE2  1 
ATOM 474  H HZ   . PHE A 1 32 ? -5.701  1.460   -21.769 1.00 4.76 ? 32 PHE A HZ   1 
ATOM 475  N N    . CYS A 1 33 ? 0.336   2.193   -15.828 1.00 1.59 ? 33 CYS A N    1 
ATOM 476  C CA   . CYS A 1 33 ? 1.705   2.577   -15.385 1.00 1.57 ? 33 CYS A CA   1 
ATOM 477  C C    . CYS A 1 33 ? 2.001   3.979   -15.930 1.00 1.72 ? 33 CYS A C    1 
ATOM 478  O O    . CYS A 1 33 ? 2.689   4.140   -16.920 1.00 2.26 ? 33 CYS A O    1 
ATOM 479  C CB   . CYS A 1 33 ? 2.611   1.524   -16.035 1.00 1.83 ? 33 CYS A CB   1 
ATOM 480  S SG   . CYS A 1 33 ? 4.234   1.492   -15.233 1.00 1.85 ? 33 CYS A SG   1 
ATOM 481  H H    . CYS A 1 33 ? -0.333  1.882   -15.184 1.00 1.62 ? 33 CYS A H    1 
ATOM 482  H HA   . CYS A 1 33 ? 1.787   2.547   -14.312 1.00 1.57 ? 33 CYS A HA   1 
ATOM 483  H HB2  . CYS A 1 33 ? 2.151   0.552   -15.942 1.00 2.31 ? 33 CYS A HB2  1 
ATOM 484  H HB3  . CYS A 1 33 ? 2.736   1.760   -17.083 1.00 2.23 ? 33 CYS A HB3  1 
ATOM 485  N N    . SER A 1 34 ? 1.447   4.989   -15.316 1.00 1.56 ? 34 SER A N    1 
ATOM 486  C CA   . SER A 1 34 ? 1.648   6.382   -15.824 1.00 2.02 ? 34 SER A CA   1 
ATOM 487  C C    . SER A 1 34 ? 2.921   7.021   -15.265 1.00 1.54 ? 34 SER A C    1 
ATOM 488  O O    . SER A 1 34 ? 3.695   6.398   -14.566 1.00 1.67 ? 34 SER A O    1 
ATOM 489  C CB   . SER A 1 34 ? 0.417   7.149   -15.345 1.00 2.83 ? 34 SER A CB   1 
ATOM 490  O OG   . SER A 1 34 ? -0.736  6.651   -16.010 1.00 3.43 ? 34 SER A OG   1 
ATOM 491  H H    . SER A 1 34 ? 0.870   4.830   -14.538 1.00 1.42 ? 34 SER A H    1 
ATOM 492  H HA   . SER A 1 34 ? 1.675   6.384   -16.901 1.00 2.52 ? 34 SER A HA   1 
ATOM 493  H HB2  . SER A 1 34 ? 0.298   7.017   -14.282 1.00 3.17 ? 34 SER A HB2  1 
ATOM 494  H HB3  . SER A 1 34 ? 0.544   8.202   -15.562 1.00 3.23 ? 34 SER A HB3  1 
ATOM 495  H HG   . SER A 1 34 ? -1.054  5.888   -15.522 1.00 3.79 ? 34 SER A HG   1 
ATOM 496  N N    . SER A 1 35 ? 3.134   8.273   -15.583 1.00 1.60 ? 35 SER A N    1 
ATOM 497  C CA   . SER A 1 35 ? 4.349   8.986   -15.093 1.00 1.61 ? 35 SER A CA   1 
ATOM 498  C C    . SER A 1 35 ? 4.183   9.370   -13.621 1.00 1.46 ? 35 SER A C    1 
ATOM 499  O O    . SER A 1 35 ? 5.050   9.979   -13.027 1.00 1.64 ? 35 SER A O    1 
ATOM 500  C CB   . SER A 1 35 ? 4.444   10.237  -15.965 1.00 2.24 ? 35 SER A CB   1 
ATOM 501  O OG   . SER A 1 35 ? 4.181   9.889   -17.318 1.00 2.61 ? 35 SER A OG   1 
ATOM 502  H H    . SER A 1 35 ? 2.490   8.745   -16.151 1.00 2.02 ? 35 SER A H    1 
ATOM 503  H HA   . SER A 1 35 ? 5.226   8.373   -15.228 1.00 1.71 ? 35 SER A HA   1 
ATOM 504  H HB2  . SER A 1 35 ? 3.718   10.962  -15.638 1.00 2.64 ? 35 SER A HB2  1 
ATOM 505  H HB3  . SER A 1 35 ? 5.436   10.660  -15.877 1.00 2.70 ? 35 SER A HB3  1 
ATOM 506  H HG   . SER A 1 35 ? 3.382   10.344  -17.592 1.00 2.89 ? 35 SER A HG   1 
ATOM 507  N N    . ARG A 1 36 ? 3.078   9.013   -13.025 1.00 1.37 ? 36 ARG A N    1 
ATOM 508  C CA   . ARG A 1 36 ? 2.864   9.350   -11.587 1.00 1.46 ? 36 ARG A CA   1 
ATOM 509  C C    . ARG A 1 36 ? 3.584   8.331   -10.702 1.00 1.27 ? 36 ARG A C    1 
ATOM 510  O O    . ARG A 1 36 ? 3.422   8.315   -9.498  1.00 1.61 ? 36 ARG A O    1 
ATOM 511  C CB   . ARG A 1 36 ? 1.351   9.258   -11.375 1.00 1.73 ? 36 ARG A CB   1 
ATOM 512  C CG   . ARG A 1 36 ? 0.623   10.015  -12.486 1.00 1.72 ? 36 ARG A CG   1 
ATOM 513  C CD   . ARG A 1 36 ? 1.106   11.467  -12.519 1.00 2.34 ? 36 ARG A CD   1 
ATOM 514  N NE   . ARG A 1 36 ? -0.136  12.286  -12.431 1.00 2.70 ? 36 ARG A NE   1 
ATOM 515  C CZ   . ARG A 1 36 ? -0.191  13.453  -13.013 1.00 3.17 ? 36 ARG A CZ   1 
ATOM 516  N NH1  . ARG A 1 36 ? 0.911   14.078  -13.325 1.00 3.66 ? 36 ARG A NH1  1 
ATOM 517  N NH2  . ARG A 1 36 ? -1.348  13.993  -13.280 1.00 3.67 ? 36 ARG A NH2  1 
ATOM 518  H H    . ARG A 1 36 ? 2.393   8.516   -13.520 1.00 1.43 ? 36 ARG A H    1 
ATOM 519  H HA   . ARG A 1 36 ? 3.208   10.349  -11.376 1.00 1.59 ? 36 ARG A HA   1 
ATOM 520  H HB2  . ARG A 1 36 ? 1.049   8.220   -11.390 1.00 1.89 ? 36 ARG A HB2  1 
ATOM 521  H HB3  . ARG A 1 36 ? 1.095   9.691   -10.420 1.00 2.05 ? 36 ARG A HB3  1 
ATOM 522  H HG2  . ARG A 1 36 ? 0.829   9.545   -13.436 1.00 2.08 ? 36 ARG A HG2  1 
ATOM 523  H HG3  . ARG A 1 36 ? -0.440  9.997   -12.299 1.00 1.76 ? 36 ARG A HG3  1 
ATOM 524  H HD2  . ARG A 1 36 ? 1.753   11.666  -11.676 1.00 2.67 ? 36 ARG A HD2  1 
ATOM 525  H HD3  . ARG A 1 36 ? 1.619   11.672  -13.446 1.00 2.84 ? 36 ARG A HD3  1 
ATOM 526  H HE   . ARG A 1 36 ? -0.911  11.948  -11.936 1.00 3.01 ? 36 ARG A HE   1 
ATOM 527  H HH11 . ARG A 1 36 ? 1.796   13.664  -13.121 1.00 3.79 ? 36 ARG A HH11 1 
ATOM 528  H HH12 . ARG A 1 36 ? 0.868   14.973  -13.772 1.00 4.20 ? 36 ARG A HH12 1 
ATOM 529  H HH21 . ARG A 1 36 ? -2.191  13.513  -13.040 1.00 3.79 ? 36 ARG A HH21 1 
ATOM 530  H HH22 . ARG A 1 36 ? -1.390  14.888  -13.726 1.00 4.24 ? 36 ARG A HH22 1 
ATOM 531  N N    . GLY A 1 37 ? 4.364   7.466   -11.292 1.00 0.89 ? 37 GLY A N    1 
ATOM 532  C CA   . GLY A 1 37 ? 5.075   6.438   -10.490 1.00 0.72 ? 37 GLY A CA   1 
ATOM 533  C C    . GLY A 1 37 ? 4.162   5.223   -10.365 1.00 0.62 ? 37 GLY A C    1 
ATOM 534  O O    . GLY A 1 37 ? 3.230   5.063   -11.129 1.00 0.66 ? 37 GLY A O    1 
ATOM 535  H H    . GLY A 1 37 ? 4.469   7.483   -12.264 1.00 0.93 ? 37 GLY A H    1 
ATOM 536  H HA2  . GLY A 1 37 ? 5.993   6.160   -10.988 1.00 0.71 ? 37 GLY A HA2  1 
ATOM 537  H HA3  . GLY A 1 37 ? 5.294   6.826   -9.508  1.00 0.77 ? 37 GLY A HA3  1 
ATOM 538  N N    . LYS A 1 38 ? 4.395   4.373   -9.410  1.00 0.55 ? 38 LYS A N    1 
ATOM 539  C CA   . LYS A 1 38 ? 3.508   3.198   -9.261  1.00 0.52 ? 38 LYS A CA   1 
ATOM 540  C C    . LYS A 1 38 ? 2.378   3.563   -8.318  1.00 0.57 ? 38 LYS A C    1 
ATOM 541  O O    . LYS A 1 38 ? 1.993   4.708   -8.196  1.00 0.96 ? 38 LYS A O    1 
ATOM 542  C CB   . LYS A 1 38 ? 4.349   2.091   -8.620  1.00 0.49 ? 38 LYS A CB   1 
ATOM 543  C CG   . LYS A 1 38 ? 5.810   2.129   -9.100  1.00 0.89 ? 38 LYS A CG   1 
ATOM 544  C CD   . LYS A 1 38 ? 5.884   2.434   -10.600 1.00 1.64 ? 38 LYS A CD   1 
ATOM 545  C CE   . LYS A 1 38 ? 7.166   1.822   -11.178 1.00 2.03 ? 38 LYS A CE   1 
ATOM 546  N NZ   . LYS A 1 38 ? 6.894   0.363   -11.277 1.00 2.64 ? 38 LYS A NZ   1 
ATOM 547  H H    . LYS A 1 38 ? 5.133   4.511   -8.787  1.00 0.56 ? 38 LYS A H    1 
ATOM 548  H HA   . LYS A 1 38 ? 3.126   2.877   -10.217 1.00 0.56 ? 38 LYS A HA   1 
ATOM 549  H HB2  . LYS A 1 38 ? 4.323   2.207   -7.554  1.00 0.66 ? 38 LYS A HB2  1 
ATOM 550  H HB3  . LYS A 1 38 ? 3.917   1.147   -8.863  1.00 0.69 ? 38 LYS A HB3  1 
ATOM 551  H HG2  . LYS A 1 38 ? 6.344   2.889   -8.554  1.00 1.45 ? 38 LYS A HG2  1 
ATOM 552  H HG3  . LYS A 1 38 ? 6.265   1.167   -8.912  1.00 1.47 ? 38 LYS A HG3  1 
ATOM 553  H HD2  . LYS A 1 38 ? 5.026   2.016   -11.096 1.00 2.28 ? 38 LYS A HD2  1 
ATOM 554  H HD3  . LYS A 1 38 ? 5.906   3.500   -10.752 1.00 2.12 ? 38 LYS A HD3  1 
ATOM 555  H HE2  . LYS A 1 38 ? 7.368   2.237   -12.156 1.00 2.24 ? 38 LYS A HE2  1 
ATOM 556  H HE3  . LYS A 1 38 ? 7.999   1.998   -10.515 1.00 2.54 ? 38 LYS A HE3  1 
ATOM 557  H HZ1  . LYS A 1 38 ? 6.641   -0.009  -10.340 1.00 2.89 ? 38 LYS A HZ1  1 
ATOM 558  H HZ2  . LYS A 1 38 ? 6.109   0.200   -11.940 1.00 3.09 ? 38 LYS A HZ2  1 
ATOM 559  H HZ3  . LYS A 1 38 ? 7.745   -0.125  -11.621 1.00 3.06 ? 38 LYS A HZ3  1 
ATOM 560  N N    . VAL A 1 39 ? 1.878   2.600   -7.614  1.00 0.50 ? 39 VAL A N    1 
ATOM 561  C CA   . VAL A 1 39 ? 0.809   2.884   -6.632  1.00 0.51 ? 39 VAL A CA   1 
ATOM 562  C C    . VAL A 1 39 ? 1.391   2.598   -5.251  1.00 0.49 ? 39 VAL A C    1 
ATOM 563  O O    . VAL A 1 39 ? 2.592   2.555   -5.076  1.00 0.56 ? 39 VAL A O    1 
ATOM 564  C CB   . VAL A 1 39 ? -0.351  1.921   -6.956  1.00 0.55 ? 39 VAL A CB   1 
ATOM 565  C CG1  . VAL A 1 39 ? -1.660  2.500   -6.415  1.00 0.64 ? 39 VAL A CG1  1 
ATOM 566  C CG2  . VAL A 1 39 ? -0.495  1.734   -8.472  1.00 0.54 ? 39 VAL A CG2  1 
ATOM 567  H H    . VAL A 1 39 ? 2.229   1.691   -7.705  1.00 0.73 ? 39 VAL A H    1 
ATOM 568  H HA   . VAL A 1 39 ? 0.484   3.910   -6.706  1.00 0.54 ? 39 VAL A HA   1 
ATOM 569  H HB   . VAL A 1 39 ? -0.164  0.963   -6.491  1.00 0.58 ? 39 VAL A HB   1 
ATOM 570  H HG11 . VAL A 1 39 ? -1.445  3.359   -5.796  1.00 1.31 ? 39 VAL A HG11 1 
ATOM 571  H HG12 . VAL A 1 39 ? -2.289  2.800   -7.241  1.00 1.23 ? 39 VAL A HG12 1 
ATOM 572  H HG13 . VAL A 1 39 ? -2.170  1.751   -5.828  1.00 1.07 ? 39 VAL A HG13 1 
ATOM 573  H HG21 . VAL A 1 39 ? -0.185  2.639   -8.976  1.00 1.04 ? 39 VAL A HG21 1 
ATOM 574  H HG22 . VAL A 1 39 ? 0.125   0.911   -8.794  1.00 1.07 ? 39 VAL A HG22 1 
ATOM 575  H HG23 . VAL A 1 39 ? -1.526  1.524   -8.712  1.00 1.19 ? 39 VAL A HG23 1 
ATOM 576  N N    . VAL A 1 40 ? 0.570   2.368   -4.284  1.00 0.46 ? 40 VAL A N    1 
ATOM 577  C CA   . VAL A 1 40 ? 1.076   2.048   -2.929  1.00 0.46 ? 40 VAL A CA   1 
ATOM 578  C C    . VAL A 1 40 ? 0.022   1.199   -2.282  1.00 0.45 ? 40 VAL A C    1 
ATOM 579  O O    . VAL A 1 40 ? -0.879  1.673   -1.619  1.00 0.56 ? 40 VAL A O    1 
ATOM 580  C CB   . VAL A 1 40 ? 1.252   3.365   -2.203  1.00 0.50 ? 40 VAL A CB   1 
ATOM 581  C CG1  . VAL A 1 40 ? 2.141   3.124   -0.991  1.00 0.72 ? 40 VAL A CG1  1 
ATOM 582  C CG2  . VAL A 1 40 ? 1.928   4.364   -3.130  1.00 0.60 ? 40 VAL A CG2  1 
ATOM 583  H H    . VAL A 1 40 ? -0.395  2.370   -4.447  1.00 0.49 ? 40 VAL A H    1 
ATOM 584  H HA   . VAL A 1 40 ? 2.014   1.515   -2.990  1.00 0.44 ? 40 VAL A HA   1 
ATOM 585  H HB   . VAL A 1 40 ? 0.291   3.743   -1.886  1.00 0.68 ? 40 VAL A HB   1 
ATOM 586  H HG11 . VAL A 1 40 ? 2.698   2.210   -1.133  1.00 1.45 ? 40 VAL A HG11 1 
ATOM 587  H HG12 . VAL A 1 40 ? 2.826   3.948   -0.881  1.00 1.33 ? 40 VAL A HG12 1 
ATOM 588  H HG13 . VAL A 1 40 ? 1.527   3.036   -0.110  1.00 1.03 ? 40 VAL A HG13 1 
ATOM 589  H HG21 . VAL A 1 40 ? 2.846   3.935   -3.507  1.00 1.19 ? 40 VAL A HG21 1 
ATOM 590  H HG22 . VAL A 1 40 ? 1.270   4.585   -3.957  1.00 1.25 ? 40 VAL A HG22 1 
ATOM 591  H HG23 . VAL A 1 40 ? 2.145   5.269   -2.585  1.00 1.22 ? 40 VAL A HG23 1 
ATOM 592  N N    . GLU A 1 41 ? 0.090   -0.050  -2.553  1.00 0.37 ? 41 GLU A N    1 
ATOM 593  C CA   . GLU A 1 41 ? -0.949  -0.965  -2.055  1.00 0.36 ? 41 GLU A CA   1 
ATOM 594  C C    . GLU A 1 41 ? -0.482  -1.758  -0.830  1.00 0.34 ? 41 GLU A C    1 
ATOM 595  O O    . GLU A 1 41 ? -0.174  -2.930  -0.912  1.00 0.40 ? 41 GLU A O    1 
ATOM 596  C CB   . GLU A 1 41 ? -1.225  -1.874  -3.247  1.00 0.36 ? 41 GLU A CB   1 
ATOM 597  C CG   . GLU A 1 41 ? -1.441  -1.029  -4.508  1.00 0.41 ? 41 GLU A CG   1 
ATOM 598  C CD   . GLU A 1 41 ? -2.826  -1.316  -5.089  1.00 1.21 ? 41 GLU A CD   1 
ATOM 599  O OE1  . GLU A 1 41 ? -3.763  -1.416  -4.313  1.00 1.94 ? 41 GLU A OE1  1 
ATOM 600  O OE2  . GLU A 1 41 ? -2.928  -1.430  -6.299  1.00 1.87 ? 41 GLU A OE2  1 
ATOM 601  H H    . GLU A 1 41 ? 0.800   -0.377  -3.143  1.00 0.37 ? 41 GLU A H    1 
ATOM 602  H HA   . GLU A 1 41 ? -1.837  -0.409  -1.827  1.00 0.39 ? 41 GLU A HA   1 
ATOM 603  H HB2  . GLU A 1 41 ? -0.387  -2.536  -3.396  1.00 0.35 ? 41 GLU A HB2  1 
ATOM 604  H HB3  . GLU A 1 41 ? -2.110  -2.443  -3.057  1.00 0.38 ? 41 GLU A HB3  1 
ATOM 605  H HG2  . GLU A 1 41 ? -1.366  0.019   -4.255  1.00 0.85 ? 41 GLU A HG2  1 
ATOM 606  H HG3  . GLU A 1 41 ? -0.686  -1.277  -5.238  1.00 0.71 ? 41 GLU A HG3  1 
ATOM 607  N N    . LEU A 1 42 ? -0.443  -1.124  0.312   1.00 0.33 ? 42 LEU A N    1 
ATOM 608  C CA   . LEU A 1 42 ? -0.019  -1.829  1.558   1.00 0.33 ? 42 LEU A CA   1 
ATOM 609  C C    . LEU A 1 42 ? -1.161  -2.718  2.058   1.00 0.32 ? 42 LEU A C    1 
ATOM 610  O O    . LEU A 1 42 ? -2.226  -2.761  1.475   1.00 0.39 ? 42 LEU A O    1 
ATOM 611  C CB   . LEU A 1 42 ? 0.267   -0.728  2.598   1.00 0.34 ? 42 LEU A CB   1 
ATOM 612  C CG   . LEU A 1 42 ? 0.875   0.518   1.950   1.00 0.35 ? 42 LEU A CG   1 
ATOM 613  C CD1  . LEU A 1 42 ? -0.124  1.666   2.044   1.00 0.49 ? 42 LEU A CD1  1 
ATOM 614  C CD2  . LEU A 1 42 ? 2.145   0.899   2.705   1.00 0.34 ? 42 LEU A CD2  1 
ATOM 615  H H    . LEU A 1 42 ? -0.697  -0.182  0.355   1.00 0.38 ? 42 LEU A H    1 
ATOM 616  H HA   . LEU A 1 42 ? 0.863   -2.416  1.381   1.00 0.34 ? 42 LEU A HA   1 
ATOM 617  H HB2  . LEU A 1 42 ? -0.656  -0.454  3.086   1.00 0.41 ? 42 LEU A HB2  1 
ATOM 618  H HB3  . LEU A 1 42 ? 0.954   -1.104  3.334   1.00 0.39 ? 42 LEU A HB3  1 
ATOM 619  H HG   . LEU A 1 42 ? 1.109   0.317   0.914   1.00 0.41 ? 42 LEU A HG   1 
ATOM 620  H HD11 . LEU A 1 42 ? -1.078  1.283   2.370   1.00 1.00 ? 42 LEU A HD11 1 
ATOM 621  H HD12 . LEU A 1 42 ? 0.234   2.392   2.759   1.00 1.22 ? 42 LEU A HD12 1 
ATOM 622  H HD13 . LEU A 1 42 ? -0.232  2.132   1.077   1.00 1.16 ? 42 LEU A HD13 1 
ATOM 623  H HD21 . LEU A 1 42 ? 2.157   0.394   3.659   1.00 1.04 ? 42 LEU A HD21 1 
ATOM 624  H HD22 . LEU A 1 42 ? 3.008   0.603   2.130   1.00 1.10 ? 42 LEU A HD22 1 
ATOM 625  H HD23 . LEU A 1 42 ? 2.166   1.967   2.862   1.00 1.06 ? 42 LEU A HD23 1 
ATOM 626  N N    . GLY A 1 43 ? -0.953  -3.419  3.142   1.00 0.26 ? 43 GLY A N    1 
ATOM 627  C CA   . GLY A 1 43 ? -2.055  -4.294  3.677   1.00 0.27 ? 43 GLY A CA   1 
ATOM 628  C C    . GLY A 1 43 ? -1.500  -5.329  4.668   1.00 0.25 ? 43 GLY A C    1 
ATOM 629  O O    . GLY A 1 43 ? -0.703  -5.012  5.521   1.00 0.24 ? 43 GLY A O    1 
ATOM 630  H H    . GLY A 1 43 ? -0.081  -3.360  3.603   1.00 0.24 ? 43 GLY A H    1 
ATOM 631  H HA2  . GLY A 1 43 ? -2.782  -3.676  4.182   1.00 0.28 ? 43 GLY A HA2  1 
ATOM 632  H HA3  . GLY A 1 43 ? -2.535  -4.804  2.856   1.00 0.30 ? 43 GLY A HA3  1 
ATOM 633  N N    . CYS A 1 44 ? -1.931  -6.565  4.576   1.00 0.29 ? 44 CYS A N    1 
ATOM 634  C CA   . CYS A 1 44 ? -1.425  -7.601  5.519   1.00 0.29 ? 44 CYS A CA   1 
ATOM 635  C C    . CYS A 1 44 ? -0.696  -8.711  4.761   1.00 0.33 ? 44 CYS A C    1 
ATOM 636  O O    . CYS A 1 44 ? -0.877  -8.892  3.573   1.00 0.40 ? 44 CYS A O    1 
ATOM 637  C CB   . CYS A 1 44 ? -2.662  -8.180  6.189   1.00 0.36 ? 44 CYS A CB   1 
ATOM 638  S SG   . CYS A 1 44 ? -3.705  -6.855  6.840   1.00 0.58 ? 44 CYS A SG   1 
ATOM 639  H H    . CYS A 1 44 ? -2.588  -6.810  3.900   1.00 0.33 ? 44 CYS A H    1 
ATOM 640  H HA   . CYS A 1 44 ? -0.781  -7.158  6.256   1.00 0.26 ? 44 CYS A HA   1 
ATOM 641  H HB2  . CYS A 1 44 ? -3.216  -8.759  5.470   1.00 0.51 ? 44 CYS A HB2  1 
ATOM 642  H HB3  . CYS A 1 44 ? -2.355  -8.820  6.993   1.00 0.57 ? 44 CYS A HB3  1 
ATOM 643  N N    . ALA A 1 45 ? 0.115   -9.466  5.448   1.00 0.31 ? 45 ALA A N    1 
ATOM 644  C CA   . ALA A 1 45 ? 0.846   -10.576 4.785   1.00 0.36 ? 45 ALA A CA   1 
ATOM 645  C C    . ALA A 1 45 ? 1.562   -11.441 5.824   1.00 0.39 ? 45 ALA A C    1 
ATOM 646  O O    . ALA A 1 45 ? 1.887   -10.987 6.906   1.00 0.39 ? 45 ALA A O    1 
ATOM 647  C CB   . ALA A 1 45 ? 1.857   -9.902  3.861   1.00 0.37 ? 45 ALA A CB   1 
ATOM 648  H H    . ALA A 1 45 ? 0.232   -9.311  6.400   1.00 0.30 ? 45 ALA A H    1 
ATOM 649  H HA   . ALA A 1 45 ? 0.161   -11.172 4.215   1.00 0.42 ? 45 ALA A HA   1 
ATOM 650  H HB1  . ALA A 1 45 ? 1.395   -9.054  3.379   1.00 0.99 ? 45 ALA A HB1  1 
ATOM 651  H HB2  . ALA A 1 45 ? 2.705   -9.570  4.441   1.00 1.14 ? 45 ALA A HB2  1 
ATOM 652  H HB3  . ALA A 1 45 ? 2.188   -10.608 3.113   1.00 1.11 ? 45 ALA A HB3  1 
ATOM 653  N N    . ALA A 1 46 ? 1.815   -12.680 5.504   1.00 0.47 ? 46 ALA A N    1 
ATOM 654  C CA   . ALA A 1 46 ? 2.517   -13.570 6.471   1.00 0.53 ? 46 ALA A CA   1 
ATOM 655  C C    . ALA A 1 46 ? 3.912   -13.010 6.761   1.00 0.55 ? 46 ALA A C    1 
ATOM 656  O O    . ALA A 1 46 ? 4.341   -12.930 7.896   1.00 0.62 ? 46 ALA A O    1 
ATOM 657  C CB   . ALA A 1 46 ? 2.619   -14.921 5.766   1.00 0.65 ? 46 ALA A CB   1 
ATOM 658  H H    . ALA A 1 46 ? 1.548   -13.025 4.626   1.00 0.52 ? 46 ALA A H    1 
ATOM 659  H HA   . ALA A 1 46 ? 1.946   -13.667 7.377   1.00 0.55 ? 46 ALA A HA   1 
ATOM 660  H HB1  . ALA A 1 46 ? 1.639   -15.229 5.433   1.00 1.35 ? 46 ALA A HB1  1 
ATOM 661  H HB2  . ALA A 1 46 ? 3.277   -14.835 4.914   1.00 1.14 ? 46 ALA A HB2  1 
ATOM 662  H HB3  . ALA A 1 46 ? 3.013   -15.657 6.452   1.00 1.04 ? 46 ALA A HB3  1 
ATOM 663  N N    . THR A 1 47 ? 4.608   -12.612 5.733   1.00 0.54 ? 47 THR A N    1 
ATOM 664  C CA   . THR A 1 47 ? 5.974   -12.039 5.900   1.00 0.64 ? 47 THR A CA   1 
ATOM 665  C C    . THR A 1 47 ? 6.304   -11.212 4.658   1.00 0.66 ? 47 THR A C    1 
ATOM 666  O O    . THR A 1 47 ? 5.623   -11.319 3.658   1.00 0.74 ? 47 THR A O    1 
ATOM 667  C CB   . THR A 1 47 ? 6.914   -13.244 6.005   1.00 0.75 ? 47 THR A CB   1 
ATOM 668  O OG1  . THR A 1 47 ? 6.821   -14.018 4.817   1.00 1.56 ? 47 THR A OG1  1 
ATOM 669  C CG2  . THR A 1 47 ? 6.525   -14.107 7.206   1.00 1.56 ? 47 THR A CG2  1 
ATOM 670  H H    . THR A 1 47 ? 4.225   -12.683 4.834   1.00 0.53 ? 47 THR A H    1 
ATOM 671  H HA   . THR A 1 47 ? 6.031   -11.435 6.792   1.00 0.67 ? 47 THR A HA   1 
ATOM 672  H HB   . THR A 1 47 ? 7.929   -12.899 6.131   1.00 1.21 ? 47 THR A HB   1 
ATOM 673  H HG1  . THR A 1 47 ? 7.583   -14.600 4.782   1.00 1.95 ? 47 THR A HG1  1 
ATOM 674  H HG21 . THR A 1 47 ? 6.372   -13.475 8.069   1.00 2.12 ? 47 THR A HG21 1 
ATOM 675  H HG22 . THR A 1 47 ? 5.612   -14.642 6.985   1.00 2.12 ? 47 THR A HG22 1 
ATOM 676  H HG23 . THR A 1 47 ? 7.315   -14.812 7.413   1.00 2.07 ? 47 THR A HG23 1 
ATOM 677  N N    . CYS A 1 48 ? 7.330   -10.396 4.703   1.00 0.71 ? 48 CYS A N    1 
ATOM 678  C CA   . CYS A 1 48 ? 7.684   -9.575  3.503   1.00 0.78 ? 48 CYS A CA   1 
ATOM 679  C C    . CYS A 1 48 ? 7.584   -10.449 2.241   1.00 0.77 ? 48 CYS A C    1 
ATOM 680  O O    . CYS A 1 48 ? 8.447   -11.260 1.971   1.00 0.84 ? 48 CYS A O    1 
ATOM 681  C CB   . CYS A 1 48 ? 9.121   -9.111  3.748   1.00 0.88 ? 48 CYS A CB   1 
ATOM 682  S SG   . CYS A 1 48 ? 9.216   -8.190  5.312   1.00 1.24 ? 48 CYS A SG   1 
ATOM 683  H H    . CYS A 1 48 ? 7.866   -10.325 5.521   1.00 0.79 ? 48 CYS A H    1 
ATOM 684  H HA   . CYS A 1 48 ? 7.027   -8.724  3.428   1.00 0.78 ? 48 CYS A HA   1 
ATOM 685  H HB2  . CYS A 1 48 ? 9.770   -9.971  3.799   1.00 0.85 ? 48 CYS A HB2  1 
ATOM 686  H HB3  . CYS A 1 48 ? 9.435   -8.472  2.935   1.00 1.07 ? 48 CYS A HB3  1 
ATOM 687  N N    . PRO A 1 49 ? 6.487   -10.282 1.547   1.00 0.75 ? 49 PRO A N    1 
ATOM 688  C CA   . PRO A 1 49 ? 6.197   -11.096 0.333   1.00 0.79 ? 49 PRO A CA   1 
ATOM 689  C C    . PRO A 1 49 ? 6.981   -10.659 -0.910  1.00 1.01 ? 49 PRO A C    1 
ATOM 690  O O    . PRO A 1 49 ? 6.708   -11.124 -1.999  1.00 1.24 ? 49 PRO A O    1 
ATOM 691  C CB   . PRO A 1 49 ? 4.714   -10.868 0.105   1.00 0.83 ? 49 PRO A CB   1 
ATOM 692  C CG   . PRO A 1 49 ? 4.396   -9.557  0.751   1.00 0.88 ? 49 PRO A CG   1 
ATOM 693  C CD   . PRO A 1 49 ? 5.420   -9.316  1.830   1.00 0.75 ? 49 PRO A CD   1 
ATOM 694  H HA   . PRO A 1 49 ? 6.368   -12.140 0.534   1.00 0.77 ? 49 PRO A HA   1 
ATOM 695  H HB2  . PRO A 1 49 ? 4.518   -10.817 -0.953  1.00 0.96 ? 49 PRO A HB2  1 
ATOM 696  H HB3  . PRO A 1 49 ? 4.138   -11.655 0.562   1.00 0.80 ? 49 PRO A HB3  1 
ATOM 697  H HG2  . PRO A 1 49 ? 4.444   -8.771  0.014   1.00 1.13 ? 49 PRO A HG2  1 
ATOM 698  H HG3  . PRO A 1 49 ? 3.411   -9.591  1.187   1.00 0.92 ? 49 PRO A HG3  1 
ATOM 699  H HD2  . PRO A 1 49 ? 5.798   -8.304  1.769   1.00 0.92 ? 49 PRO A HD2  1 
ATOM 700  H HD3  . PRO A 1 49 ? 4.995   -9.502  2.803   1.00 0.60 ? 49 PRO A HD3  1 
ATOM 701  N N    . SER A 1 50 ? 7.934   -9.785  -0.767  1.00 1.53 ? 50 SER A N    1 
ATOM 702  C CA   . SER A 1 50 ? 8.732   -9.334  -1.960  1.00 1.79 ? 50 SER A CA   1 
ATOM 703  C C    . SER A 1 50 ? 9.060   -10.539 -2.856  1.00 1.47 ? 50 SER A C    1 
ATOM 704  O O    . SER A 1 50 ? 9.195   -11.644 -2.374  1.00 2.21 ? 50 SER A O    1 
ATOM 705  C CB   . SER A 1 50 ? 10.006  -8.727  -1.380  1.00 2.66 ? 50 SER A CB   1 
ATOM 706  O OG   . SER A 1 50 ? 10.149  -7.399  -1.867  1.00 3.35 ? 50 SER A OG   1 
ATOM 707  H H    . SER A 1 50 ? 8.125   -9.426  0.119   1.00 1.96 ? 50 SER A H    1 
ATOM 708  H HA   . SER A 1 50 ? 8.186   -8.588  -2.516  1.00 2.20 ? 50 SER A HA   1 
ATOM 709  H HB2  . SER A 1 50 ? 9.943   -8.707  -0.304  1.00 3.02 ? 50 SER A HB2  1 
ATOM 710  H HB3  . SER A 1 50 ? 10.858  -9.324  -1.676  1.00 3.02 ? 50 SER A HB3  1 
ATOM 711  H HG   . SER A 1 50 ? 10.710  -6.918  -1.256  1.00 3.70 ? 50 SER A HG   1 
ATOM 712  N N    . LYS A 1 51 ? 9.155   -10.362 -4.156  1.00 1.44 ? 51 LYS A N    1 
ATOM 713  C CA   . LYS A 1 51 ? 9.426   -11.550 -5.024  1.00 1.96 ? 51 LYS A CA   1 
ATOM 714  C C    . LYS A 1 51 ? 10.652  -11.399 -5.932  1.00 1.80 ? 51 LYS A C    1 
ATOM 715  O O    . LYS A 1 51 ? 11.772  -11.448 -5.468  1.00 2.55 ? 51 LYS A O    1 
ATOM 716  C CB   . LYS A 1 51 ? 8.125   -11.790 -5.797  1.00 3.19 ? 51 LYS A CB   1 
ATOM 717  C CG   . LYS A 1 51 ? 7.150   -12.538 -4.885  1.00 3.92 ? 51 LYS A CG   1 
ATOM 718  C CD   . LYS A 1 51 ? 7.200   -14.033 -5.206  1.00 4.97 ? 51 LYS A CD   1 
ATOM 719  C CE   . LYS A 1 51 ? 8.543   -14.622 -4.756  1.00 5.74 ? 51 LYS A CE   1 
ATOM 720  N NZ   . LYS A 1 51 ? 8.571   -14.460 -3.272  1.00 6.51 ? 51 LYS A NZ   1 
ATOM 721  H H    . LYS A 1 51 ? 9.017   -9.476  -4.550  1.00 1.84 ? 51 LYS A H    1 
ATOM 722  H HA   . LYS A 1 51 ? 9.596   -12.395 -4.417  1.00 2.33 ? 51 LYS A HA   1 
ATOM 723  H HB2  . LYS A 1 51 ? 7.696   -10.845 -6.098  1.00 3.60 ? 51 LYS A HB2  1 
ATOM 724  H HB3  . LYS A 1 51 ? 8.320   -12.397 -6.667  1.00 3.70 ? 51 LYS A HB3  1 
ATOM 725  H HG2  . LYS A 1 51 ? 7.428   -12.381 -3.853  1.00 4.09 ? 51 LYS A HG2  1 
ATOM 726  H HG3  . LYS A 1 51 ? 6.150   -12.171 -5.050  1.00 4.09 ? 51 LYS A HG3  1 
ATOM 727  H HD2  . LYS A 1 51 ? 6.396   -14.537 -4.692  1.00 5.27 ? 51 LYS A HD2  1 
ATOM 728  H HD3  . LYS A 1 51 ? 7.089   -14.174 -6.269  1.00 5.25 ? 51 LYS A HD3  1 
ATOM 729  H HE2  . LYS A 1 51 ? 8.597   -15.669 -5.023  1.00 5.96 ? 51 LYS A HE2  1 
ATOM 730  H HE3  . LYS A 1 51 ? 9.359   -14.080 -5.202  1.00 5.86 ? 51 LYS A HE3  1 
ATOM 731  H HZ1  . LYS A 1 51 ? 7.608   -14.301 -2.915  1.00 6.87 ? 51 LYS A HZ1  1 
ATOM 732  H HZ2  . LYS A 1 51 ? 8.963   -15.319 -2.835  1.00 6.85 ? 51 LYS A HZ2  1 
ATOM 733  H HZ3  . LYS A 1 51 ? 9.166   -13.645 -3.023  1.00 6.61 ? 51 LYS A HZ3  1 
ATOM 734  N N    . LYS A 1 52 ? 10.470  -11.323 -7.215  1.00 1.50 ? 52 LYS A N    1 
ATOM 735  C CA   . LYS A 1 52 ? 11.661  -11.295 -8.112  1.00 1.99 ? 52 LYS A CA   1 
ATOM 736  C C    . LYS A 1 52 ? 11.755  -10.075 -9.067  1.00 1.87 ? 52 LYS A C    1 
ATOM 737  O O    . LYS A 1 52 ? 12.655  -9.274  -8.921  1.00 2.40 ? 52 LYS A O    1 
ATOM 738  C CB   . LYS A 1 52 ? 11.541  -12.602 -8.906  1.00 2.68 ? 52 LYS A CB   1 
ATOM 739  C CG   . LYS A 1 52 ? 11.980  -13.788 -8.046  1.00 3.45 ? 52 LYS A CG   1 
ATOM 740  C CD   . LYS A 1 52 ? 10.752  -14.658 -7.751  1.00 4.05 ? 52 LYS A CD   1 
ATOM 741  C CE   . LYS A 1 52 ? 11.191  -16.011 -7.186  1.00 4.76 ? 52 LYS A CE   1 
ATOM 742  N NZ   . LYS A 1 52 ? 9.938   -16.814 -7.098  1.00 5.30 ? 52 LYS A NZ   1 
ATOM 743  H H    . LYS A 1 52 ? 9.580   -11.364 -7.578  1.00 1.58 ? 52 LYS A H    1 
ATOM 744  H HA   . LYS A 1 52 ? 12.556  -11.343 -7.515  1.00 2.45 ? 52 LYS A HA   1 
ATOM 745  H HB2  . LYS A 1 52 ? 10.514  -12.757 -9.188  1.00 2.54 ? 52 LYS A HB2  1 
ATOM 746  H HB3  . LYS A 1 52 ? 12.157  -12.551 -9.790  1.00 3.14 ? 52 LYS A HB3  1 
ATOM 747  H HG2  . LYS A 1 52 ? 12.718  -14.369 -8.581  1.00 3.99 ? 52 LYS A HG2  1 
ATOM 748  H HG3  . LYS A 1 52 ? 12.400  -13.430 -7.118  1.00 3.47 ? 52 LYS A HG3  1 
ATOM 749  H HD2  . LYS A 1 52 ? 10.121  -14.156 -7.031  1.00 4.16 ? 52 LYS A HD2  1 
ATOM 750  H HD3  . LYS A 1 52 ? 10.199  -14.816 -8.666  1.00 4.36 ? 52 LYS A HD3  1 
ATOM 751  H HE2  . LYS A 1 52 ? 11.897  -16.485 -7.854  1.00 5.00 ? 52 LYS A HE2  1 
ATOM 752  H HE3  . LYS A 1 52 ? 11.621  -15.888 -6.206  1.00 5.04 ? 52 LYS A HE3  1 
ATOM 753  H HZ1  . LYS A 1 52 ? 9.129   -16.181 -6.934  1.00 5.58 ? 52 LYS A HZ1  1 
ATOM 754  H HZ2  . LYS A 1 52 ? 9.794   -17.334 -7.987  1.00 5.70 ? 52 LYS A HZ2  1 
ATOM 755  H HZ3  . LYS A 1 52 ? 10.015  -17.491 -6.310  1.00 5.38 ? 52 LYS A HZ3  1 
ATOM 756  N N    . PRO A 1 53 ? 10.896  -10.001 -10.069 1.00 1.74 ? 53 PRO A N    1 
ATOM 757  C CA   . PRO A 1 53 ? 11.009  -8.906  -11.080 1.00 2.09 ? 53 PRO A CA   1 
ATOM 758  C C    . PRO A 1 53 ? 10.707  -7.500  -10.520 1.00 1.60 ? 53 PRO A C    1 
ATOM 759  O O    . PRO A 1 53 ? 11.581  -6.844  -9.988  1.00 1.72 ? 53 PRO A O    1 
ATOM 760  C CB   . PRO A 1 53 ? 10.001  -9.313  -12.147 1.00 2.78 ? 53 PRO A CB   1 
ATOM 761  C CG   . PRO A 1 53 ? 9.002   -10.146 -11.430 1.00 2.71 ? 53 PRO A CG   1 
ATOM 762  C CD   . PRO A 1 53 ? 9.761   -10.883 -10.369 1.00 2.07 ? 53 PRO A CD   1 
ATOM 763  H HA   . PRO A 1 53 ? 11.994  -8.913  -11.516 1.00 2.62 ? 53 PRO A HA   1 
ATOM 764  H HB2  . PRO A 1 53 ? 9.543   -8.455  -12.578 1.00 2.99 ? 53 PRO A HB2  1 
ATOM 765  H HB3  . PRO A 1 53 ? 10.484  -9.901  -12.908 1.00 3.40 ? 53 PRO A HB3  1 
ATOM 766  H HG2  . PRO A 1 53 ? 8.244   -9.515  -10.981 1.00 2.75 ? 53 PRO A HG2  1 
ATOM 767  H HG3  . PRO A 1 53 ? 8.547   -10.848 -12.110 1.00 3.37 ? 53 PRO A HG3  1 
ATOM 768  H HD2  . PRO A 1 53 ? 9.142   -11.029 -9.497  1.00 2.04 ? 53 PRO A HD2  1 
ATOM 769  H HD3  . PRO A 1 53 ? 10.113  -11.822 -10.759 1.00 2.39 ? 53 PRO A HD3  1 
ATOM 770  N N    . TYR A 1 54 ? 9.502   -7.002  -10.676 1.00 1.29 ? 54 TYR A N    1 
ATOM 771  C CA   . TYR A 1 54 ? 9.203   -5.610  -10.190 1.00 1.21 ? 54 TYR A CA   1 
ATOM 772  C C    . TYR A 1 54 ? 8.238   -5.612  -9.008  1.00 1.03 ? 54 TYR A C    1 
ATOM 773  O O    . TYR A 1 54 ? 7.841   -4.568  -8.532  1.00 1.25 ? 54 TYR A O    1 
ATOM 774  C CB   . TYR A 1 54 ? 8.576   -4.834  -11.374 1.00 1.54 ? 54 TYR A CB   1 
ATOM 775  C CG   . TYR A 1 54 ? 7.751   -5.752  -12.252 1.00 1.75 ? 54 TYR A CG   1 
ATOM 776  C CD1  . TYR A 1 54 ? 8.390   -6.525  -13.218 1.00 2.30 ? 54 TYR A CD1  1 
ATOM 777  C CD2  . TYR A 1 54 ? 6.365   -5.845  -12.083 1.00 2.16 ? 54 TYR A CD2  1 
ATOM 778  C CE1  . TYR A 1 54 ? 7.655   -7.399  -14.021 1.00 2.78 ? 54 TYR A CE1  1 
ATOM 779  C CE2  . TYR A 1 54 ? 5.622   -6.717  -12.891 1.00 2.62 ? 54 TYR A CE2  1 
ATOM 780  C CZ   . TYR A 1 54 ? 6.270   -7.496  -13.861 1.00 2.78 ? 54 TYR A CZ   1 
ATOM 781  O OH   . TYR A 1 54 ? 5.545   -8.362  -14.653 1.00 3.40 ? 54 TYR A OH   1 
ATOM 782  H H    . TYR A 1 54 ? 8.809   -7.519  -11.134 1.00 1.36 ? 54 TYR A H    1 
ATOM 783  H HA   . TYR A 1 54 ? 10.122  -5.127  -9.901  1.00 1.41 ? 54 TYR A HA   1 
ATOM 784  H HB2  . TYR A 1 54 ? 7.941   -4.052  -10.986 1.00 1.75 ? 54 TYR A HB2  1 
ATOM 785  H HB3  . TYR A 1 54 ? 9.365   -4.389  -11.963 1.00 1.75 ? 54 TYR A HB3  1 
ATOM 786  H HD1  . TYR A 1 54 ? 9.461   -6.454  -13.342 1.00 2.70 ? 54 TYR A HD1  1 
ATOM 787  H HD2  . TYR A 1 54 ? 5.870   -5.244  -11.335 1.00 2.53 ? 54 TYR A HD2  1 
ATOM 788  H HE1  . TYR A 1 54 ? 8.159   -8.002  -14.762 1.00 3.44 ? 54 TYR A HE1  1 
ATOM 789  H HE2  . TYR A 1 54 ? 4.554   -6.790  -12.765 1.00 3.17 ? 54 TYR A HE2  1 
ATOM 790  H HH   . TYR A 1 54 ? 6.074   -9.152  -14.788 1.00 3.71 ? 54 TYR A HH   1 
ATOM 791  N N    . GLU A 1 55 ? 7.866   -6.752  -8.509  1.00 0.84 ? 55 GLU A N    1 
ATOM 792  C CA   . GLU A 1 55 ? 6.947   -6.751  -7.340  1.00 0.78 ? 55 GLU A CA   1 
ATOM 793  C C    . GLU A 1 55 ? 7.719   -6.210  -6.138  1.00 0.80 ? 55 GLU A C    1 
ATOM 794  O O    . GLU A 1 55 ? 8.355   -6.947  -5.412  1.00 1.26 ? 55 GLU A O    1 
ATOM 795  C CB   . GLU A 1 55 ? 6.556   -8.213  -7.128  1.00 0.86 ? 55 GLU A CB   1 
ATOM 796  C CG   . GLU A 1 55 ? 5.195   -8.478  -7.773  1.00 1.04 ? 55 GLU A CG   1 
ATOM 797  C CD   . GLU A 1 55 ? 4.786   -9.929  -7.515  1.00 1.48 ? 55 GLU A CD   1 
ATOM 798  O OE1  . GLU A 1 55 ? 5.541   -10.810 -7.889  1.00 2.18 ? 55 GLU A OE1  1 
ATOM 799  O OE2  . GLU A 1 55 ? 3.727   -10.133 -6.945  1.00 2.05 ? 55 GLU A OE2  1 
ATOM 800  H H    . GLU A 1 55 ? 8.199   -7.594  -8.883  1.00 0.94 ? 55 GLU A H    1 
ATOM 801  H HA   . GLU A 1 55 ? 6.071   -6.148  -7.543  1.00 0.87 ? 55 GLU A HA   1 
ATOM 802  H HB2  . GLU A 1 55 ? 7.300   -8.854  -7.579  1.00 1.00 ? 55 GLU A HB2  1 
ATOM 803  H HB3  . GLU A 1 55 ? 6.497   -8.419  -6.070  1.00 1.04 ? 55 GLU A HB3  1 
ATOM 804  H HG2  . GLU A 1 55 ? 4.459   -7.812  -7.346  1.00 1.56 ? 55 GLU A HG2  1 
ATOM 805  H HG3  . GLU A 1 55 ? 5.261   -8.309  -8.837  1.00 1.49 ? 55 GLU A HG3  1 
ATOM 806  N N    . GLU A 1 56 ? 7.691   -4.919  -5.940  1.00 0.52 ? 56 GLU A N    1 
ATOM 807  C CA   . GLU A 1 56 ? 8.449   -4.320  -4.809  1.00 0.63 ? 56 GLU A CA   1 
ATOM 808  C C    . GLU A 1 56 ? 7.577   -4.245  -3.563  1.00 0.57 ? 56 GLU A C    1 
ATOM 809  O O    . GLU A 1 56 ? 6.872   -3.280  -3.346  1.00 0.91 ? 56 GLU A O    1 
ATOM 810  C CB   . GLU A 1 56 ? 8.821   -2.917  -5.288  1.00 0.77 ? 56 GLU A CB   1 
ATOM 811  C CG   . GLU A 1 56 ? 10.333  -2.714  -5.169  1.00 1.22 ? 56 GLU A CG   1 
ATOM 812  C CD   . GLU A 1 56 ? 10.676  -1.253  -5.462  1.00 1.83 ? 56 GLU A CD   1 
ATOM 813  O OE1  . GLU A 1 56 ? 10.063  -0.389  -4.858  1.00 2.34 ? 56 GLU A OE1  1 
ATOM 814  O OE2  . GLU A 1 56 ? 11.547  -1.023  -6.285  1.00 2.52 ? 56 GLU A OE2  1 
ATOM 815  H H    . GLU A 1 56 ? 7.183   -4.340  -6.546  1.00 0.58 ? 56 GLU A H    1 
ATOM 816  H HA   . GLU A 1 56 ? 9.343   -4.890  -4.610  1.00 0.74 ? 56 GLU A HA   1 
ATOM 817  H HB2  . GLU A 1 56 ? 8.522   -2.799  -6.320  1.00 0.90 ? 56 GLU A HB2  1 
ATOM 818  H HB3  . GLU A 1 56 ? 8.313   -2.183  -4.682  1.00 1.01 ? 56 GLU A HB3  1 
ATOM 819  H HG2  . GLU A 1 56 ? 10.652  -2.966  -4.168  1.00 1.53 ? 56 GLU A HG2  1 
ATOM 820  H HG3  . GLU A 1 56 ? 10.839  -3.351  -5.880  1.00 1.74 ? 56 GLU A HG3  1 
ATOM 821  N N    . VAL A 1 57 ? 7.619   -5.249  -2.739  1.00 0.43 ? 57 VAL A N    1 
ATOM 822  C CA   . VAL A 1 57 ? 6.789   -5.214  -1.511  1.00 0.41 ? 57 VAL A CA   1 
ATOM 823  C C    . VAL A 1 57 ? 7.653   -4.915  -0.289  1.00 0.40 ? 57 VAL A C    1 
ATOM 824  O O    . VAL A 1 57 ? 8.864   -5.011  -0.325  1.00 0.46 ? 57 VAL A O    1 
ATOM 825  C CB   . VAL A 1 57 ? 6.164   -6.600  -1.392  1.00 0.44 ? 57 VAL A CB   1 
ATOM 826  C CG1  . VAL A 1 57 ? 5.015   -6.534  -0.387  1.00 1.46 ? 57 VAL A CG1  1 
ATOM 827  C CG2  . VAL A 1 57 ? 5.631   -7.042  -2.757  1.00 1.43 ? 57 VAL A CG2  1 
ATOM 828  H H    . VAL A 1 57 ? 8.195   -6.020  -2.926  1.00 0.64 ? 57 VAL A H    1 
ATOM 829  H HA   . VAL A 1 57 ? 6.014   -4.473  -1.611  1.00 0.46 ? 57 VAL A HA   1 
ATOM 830  H HB   . VAL A 1 57 ? 6.909   -7.301  -1.046  1.00 1.17 ? 57 VAL A HB   1 
ATOM 831  H HG11 . VAL A 1 57 ? 4.728   -5.503  -0.237  1.00 1.84 ? 57 VAL A HG11 1 
ATOM 832  H HG12 . VAL A 1 57 ? 4.169   -7.089  -0.768  1.00 2.09 ? 57 VAL A HG12 1 
ATOM 833  H HG13 . VAL A 1 57 ? 5.332   -6.958  0.552   1.00 2.10 ? 57 VAL A HG13 1 
ATOM 834  H HG21 . VAL A 1 57 ? 5.514   -6.178  -3.396  1.00 2.02 ? 57 VAL A HG21 1 
ATOM 835  H HG22 . VAL A 1 57 ? 6.327   -7.731  -3.209  1.00 1.93 ? 57 VAL A HG22 1 
ATOM 836  H HG23 . VAL A 1 57 ? 4.675   -7.528  -2.630  1.00 2.10 ? 57 VAL A HG23 1 
ATOM 837  N N    . THR A 1 58 ? 7.031   -4.562  0.796   1.00 0.36 ? 58 THR A N    1 
ATOM 838  C CA   . THR A 1 58 ? 7.794   -4.262  2.036   1.00 0.39 ? 58 THR A CA   1 
ATOM 839  C C    . THR A 1 58 ? 7.024   -4.799  3.239   1.00 0.33 ? 58 THR A C    1 
ATOM 840  O O    . THR A 1 58 ? 6.104   -5.580  3.096   1.00 0.31 ? 58 THR A O    1 
ATOM 841  C CB   . THR A 1 58 ? 7.886   -2.736  2.088   1.00 0.47 ? 58 THR A CB   1 
ATOM 842  O OG1  . THR A 1 58 ? 7.687   -2.206  0.784   1.00 0.83 ? 58 THR A OG1  1 
ATOM 843  C CG2  . THR A 1 58 ? 9.266   -2.325  2.604   1.00 0.69 ? 58 THR A CG2  1 
ATOM 844  H H    . THR A 1 58 ? 6.052   -4.505  0.800   1.00 0.34 ? 58 THR A H    1 
ATOM 845  H HA   . THR A 1 58 ? 8.780   -4.695  1.989   1.00 0.43 ? 58 THR A HA   1 
ATOM 846  H HB   . THR A 1 58 ? 7.127   -2.352  2.752   1.00 0.73 ? 58 THR A HB   1 
ATOM 847  H HG1  . THR A 1 58 ? 8.550   -2.071  0.385   1.00 1.04 ? 58 THR A HG1  1 
ATOM 848  H HG21 . THR A 1 58 ? 9.785   -3.197  2.974   1.00 1.16 ? 58 THR A HG21 1 
ATOM 849  H HG22 . THR A 1 58 ? 9.834   -1.882  1.799   1.00 1.33 ? 58 THR A HG22 1 
ATOM 850  H HG23 . THR A 1 58 ? 9.152   -1.607  3.402   1.00 1.31 ? 58 THR A HG23 1 
ATOM 851  N N    . CYS A 1 59 ? 7.374   -4.384  4.420   1.00 0.37 ? 59 CYS A N    1 
ATOM 852  C CA   . CYS A 1 59 ? 6.633   -4.877  5.610   1.00 0.35 ? 59 CYS A CA   1 
ATOM 853  C C    . CYS A 1 59 ? 6.316   -3.738  6.560   1.00 0.35 ? 59 CYS A C    1 
ATOM 854  O O    . CYS A 1 59 ? 6.711   -2.606  6.364   1.00 0.40 ? 59 CYS A O    1 
ATOM 855  C CB   . CYS A 1 59 ? 7.564   -5.845  6.319   1.00 0.42 ? 59 CYS A CB   1 
ATOM 856  S SG   . CYS A 1 59 ? 7.337   -7.519  5.653   1.00 0.50 ? 59 CYS A SG   1 
ATOM 857  H H    . CYS A 1 59 ? 8.110   -3.746  4.523   1.00 0.46 ? 59 CYS A H    1 
ATOM 858  H HA   . CYS A 1 59 ? 5.736   -5.389  5.312   1.00 0.35 ? 59 CYS A HA   1 
ATOM 859  H HB2  . CYS A 1 59 ? 8.582   -5.530  6.174   1.00 0.44 ? 59 CYS A HB2  1 
ATOM 860  H HB3  . CYS A 1 59 ? 7.331   -5.829  7.379   1.00 0.47 ? 59 CYS A HB3  1 
ATOM 861  N N    . CYS A 1 60 ? 5.634   -4.054  7.615   1.00 0.40 ? 60 CYS A N    1 
ATOM 862  C CA   . CYS A 1 60 ? 5.309   -3.024  8.629   1.00 0.47 ? 60 CYS A CA   1 
ATOM 863  C C    . CYS A 1 60 ? 4.710   -3.711  9.862   1.00 0.61 ? 60 CYS A C    1 
ATOM 864  O O    . CYS A 1 60 ? 3.628   -4.254  9.819   1.00 0.86 ? 60 CYS A O    1 
ATOM 865  C CB   . CYS A 1 60 ? 4.351   -2.039  7.907   1.00 0.62 ? 60 CYS A CB   1 
ATOM 866  S SG   . CYS A 1 60 ? 2.925   -1.518  8.923   1.00 1.12 ? 60 CYS A SG   1 
ATOM 867  H H    . CYS A 1 60 ? 5.358   -4.985  7.751   1.00 0.43 ? 60 CYS A H    1 
ATOM 868  H HA   . CYS A 1 60 ? 6.217   -2.520  8.899   1.00 0.47 ? 60 CYS A HA   1 
ATOM 869  H HB2  . CYS A 1 60 ? 4.907   -1.158  7.629   1.00 0.95 ? 60 CYS A HB2  1 
ATOM 870  H HB3  . CYS A 1 60 ? 3.986   -2.512  7.006   1.00 0.91 ? 60 CYS A HB3  1 
ATOM 871  N N    . SER A 1 61 ? 5.420   -3.698  10.960  1.00 0.57 ? 61 SER A N    1 
ATOM 872  C CA   . SER A 1 61 ? 4.906   -4.369  12.188  1.00 0.72 ? 61 SER A CA   1 
ATOM 873  C C    . SER A 1 61 ? 4.511   -3.354  13.276  1.00 0.69 ? 61 SER A C    1 
ATOM 874  O O    . SER A 1 61 ? 3.865   -3.708  14.243  1.00 0.94 ? 61 SER A O    1 
ATOM 875  C CB   . SER A 1 61 ? 6.069   -5.233  12.672  1.00 0.84 ? 61 SER A CB   1 
ATOM 876  O OG   . SER A 1 61 ? 7.131   -4.391  13.104  1.00 1.39 ? 61 SER A OG   1 
ATOM 877  H H    . SER A 1 61 ? 6.298   -3.261  10.971  1.00 0.58 ? 61 SER A H    1 
ATOM 878  H HA   . SER A 1 61 ? 4.067   -5.002  11.942  1.00 0.85 ? 61 SER A HA   1 
ATOM 879  H HB2  . SER A 1 61 ? 5.746   -5.846  13.498  1.00 1.11 ? 61 SER A HB2  1 
ATOM 880  H HB3  . SER A 1 61 ? 6.405   -5.868  11.864  1.00 1.26 ? 61 SER A HB3  1 
ATOM 881  H HG   . SER A 1 61 ? 7.957   -4.780  12.807  1.00 1.63 ? 61 SER A HG   1 
ATOM 882  N N    . THR A 1 62 ? 4.888   -2.103  13.151  1.00 0.70 ? 62 THR A N    1 
ATOM 883  C CA   . THR A 1 62 ? 4.510   -1.122  14.213  1.00 0.73 ? 62 THR A CA   1 
ATOM 884  C C    . THR A 1 62 ? 3.031   -0.747  14.085  1.00 0.70 ? 62 THR A C    1 
ATOM 885  O O    . THR A 1 62 ? 2.353   -1.158  13.165  1.00 0.73 ? 62 THR A O    1 
ATOM 886  C CB   . THR A 1 62 ? 5.398   0.104   13.983  1.00 0.76 ? 62 THR A CB   1 
ATOM 887  O OG1  . THR A 1 62 ? 6.553   -0.274  13.247  1.00 0.78 ? 62 THR A OG1  1 
ATOM 888  C CG2  . THR A 1 62 ? 5.821   0.690   15.332  1.00 0.89 ? 62 THR A CG2  1 
ATOM 889  H H    . THR A 1 62 ? 5.413   -1.811  12.374  1.00 0.90 ? 62 THR A H    1 
ATOM 890  H HA   . THR A 1 62 ? 4.705   -1.538  15.190  1.00 0.81 ? 62 THR A HA   1 
ATOM 891  H HB   . THR A 1 62 ? 4.847   0.849   13.433  1.00 0.74 ? 62 THR A HB   1 
ATOM 892  H HG1  . THR A 1 62 ? 6.657   0.344   12.520  1.00 1.22 ? 62 THR A HG1  1 
ATOM 893  H HG21 . THR A 1 62 ? 6.248   -0.090  15.946  1.00 1.20 ? 62 THR A HG21 1 
ATOM 894  H HG22 . THR A 1 62 ? 6.555   1.467   15.174  1.00 1.39 ? 62 THR A HG22 1 
ATOM 895  H HG23 . THR A 1 62 ? 4.958   1.105   15.829  1.00 1.49 ? 62 THR A HG23 1 
ATOM 896  N N    . ASP A 1 63 ? 2.523   0.027   15.005  1.00 0.73 ? 63 ASP A N    1 
ATOM 897  C CA   . ASP A 1 63 ? 1.087   0.423   14.932  1.00 0.76 ? 63 ASP A CA   1 
ATOM 898  C C    . ASP A 1 63 ? 0.865   1.377   13.756  1.00 0.62 ? 63 ASP A C    1 
ATOM 899  O O    . ASP A 1 63 ? 1.494   2.413   13.658  1.00 0.69 ? 63 ASP A O    1 
ATOM 900  C CB   . ASP A 1 63 ? 0.802   1.126   16.259  1.00 0.96 ? 63 ASP A CB   1 
ATOM 901  C CG   . ASP A 1 63 ? 0.171   0.133   17.236  1.00 1.25 ? 63 ASP A CG   1 
ATOM 902  O OD1  . ASP A 1 63 ? -0.219  -0.935  16.794  1.00 1.84 ? 63 ASP A OD1  1 
ATOM 903  O OD2  . ASP A 1 63 ? 0.091   0.457   18.410  1.00 1.67 ? 63 ASP A OD2  1 
ATOM 904  H H    . ASP A 1 63 ? 3.084   0.347   15.741  1.00 0.80 ? 63 ASP A H    1 
ATOM 905  H HA   . ASP A 1 63 ? 0.460   -0.449  14.834  1.00 0.85 ? 63 ASP A HA   1 
ATOM 906  H HB2  . ASP A 1 63 ? 1.727   1.503   16.672  1.00 1.02 ? 63 ASP A HB2  1 
ATOM 907  H HB3  . ASP A 1 63 ? 0.120   1.947   16.093  1.00 1.07 ? 63 ASP A HB3  1 
ATOM 908  N N    . LYS A 1 64 ? -0.019  1.036   12.860  1.00 0.61 ? 64 LYS A N    1 
ATOM 909  C CA   . LYS A 1 64 ? -0.273  1.926   11.691  1.00 0.69 ? 64 LYS A CA   1 
ATOM 910  C C    . LYS A 1 64 ? 1.047   2.273   11.000  1.00 0.59 ? 64 LYS A C    1 
ATOM 911  O O    . LYS A 1 64 ? 1.311   3.416   10.686  1.00 0.67 ? 64 LYS A O    1 
ATOM 912  C CB   . LYS A 1 64 ? -0.916  3.182   12.278  1.00 0.88 ? 64 LYS A CB   1 
ATOM 913  C CG   . LYS A 1 64 ? -2.292  2.836   12.850  1.00 1.27 ? 64 LYS A CG   1 
ATOM 914  C CD   . LYS A 1 64 ? -2.909  4.085   13.481  1.00 1.58 ? 64 LYS A CD   1 
ATOM 915  C CE   . LYS A 1 64 ? -4.365  3.803   13.857  1.00 2.18 ? 64 LYS A CE   1 
ATOM 916  N NZ   . LYS A 1 64 ? -4.855  5.067   14.475  1.00 2.46 ? 64 LYS A NZ   1 
ATOM 917  H H    . LYS A 1 64 ? -0.515  0.196   12.954  1.00 0.69 ? 64 LYS A H    1 
ATOM 918  H HA   . LYS A 1 64 ? -0.950  1.452   10.997  1.00 0.82 ? 64 LYS A HA   1 
ATOM 919  H HB2  . LYS A 1 64 ? -0.287  3.574   13.063  1.00 1.17 ? 64 LYS A HB2  1 
ATOM 920  H HB3  . LYS A 1 64 ? -1.028  3.924   11.502  1.00 1.34 ? 64 LYS A HB3  1 
ATOM 921  H HG2  . LYS A 1 64 ? -2.932  2.478   12.056  1.00 1.75 ? 64 LYS A HG2  1 
ATOM 922  H HG3  . LYS A 1 64 ? -2.187  2.068   13.602  1.00 1.69 ? 64 LYS A HG3  1 
ATOM 923  H HD2  . LYS A 1 64 ? -2.353  4.351   14.368  1.00 1.79 ? 64 LYS A HD2  1 
ATOM 924  H HD3  . LYS A 1 64 ? -2.873  4.901   12.776  1.00 2.12 ? 64 LYS A HD3  1 
ATOM 925  H HE2  . LYS A 1 64 ? -4.940  3.565   12.972  1.00 2.79 ? 64 LYS A HE2  1 
ATOM 926  H HE3  . LYS A 1 64 ? -4.420  2.997   14.572  1.00 2.51 ? 64 LYS A HE3  1 
ATOM 927  H HZ1  . LYS A 1 64 ? -4.722  5.853   13.805  1.00 3.01 ? 64 LYS A HZ1  1 
ATOM 928  H HZ2  . LYS A 1 64 ? -5.863  4.973   14.704  1.00 2.40 ? 64 LYS A HZ2  1 
ATOM 929  H HZ3  . LYS A 1 64 ? -4.318  5.259   15.344  1.00 2.81 ? 64 LYS A HZ3  1 
ATOM 930  N N    . CYS A 1 65 ? 1.874   1.294   10.752  1.00 0.52 ? 65 CYS A N    1 
ATOM 931  C CA   . CYS A 1 65 ? 3.176   1.584   10.062  1.00 0.53 ? 65 CYS A CA   1 
ATOM 932  C C    . CYS A 1 65 ? 3.022   1.439   8.542   1.00 0.46 ? 65 CYS A C    1 
ATOM 933  O O    . CYS A 1 65 ? 3.988   1.459   7.807   1.00 0.49 ? 65 CYS A O    1 
ATOM 934  C CB   . CYS A 1 65 ? 4.250   0.625   10.612  1.00 0.67 ? 65 CYS A CB   1 
ATOM 935  S SG   . CYS A 1 65 ? 3.649   -1.071  10.747  1.00 0.97 ? 65 CYS A SG   1 
ATOM 936  H H    . CYS A 1 65 ? 1.627   0.387   11.006  1.00 0.55 ? 65 CYS A H    1 
ATOM 937  H HA   . CYS A 1 65 ? 3.473   2.589   10.292  1.00 0.61 ? 65 CYS A HA   1 
ATOM 938  H HB2  . CYS A 1 65 ? 5.102   0.640   9.951   1.00 0.93 ? 65 CYS A HB2  1 
ATOM 939  H HB3  . CYS A 1 65 ? 4.558   0.972   11.586  1.00 1.16 ? 65 CYS A HB3  1 
ATOM 940  N N    . ASN A 1 66 ? 1.806   1.316   8.063   1.00 0.42 ? 66 ASN A N    1 
ATOM 941  C CA   . ASN A 1 66 ? 1.588   1.195   6.591   1.00 0.39 ? 66 ASN A CA   1 
ATOM 942  C C    . ASN A 1 66 ? 1.146   2.530   5.911   1.00 0.44 ? 66 ASN A C    1 
ATOM 943  O O    . ASN A 1 66 ? 0.590   2.473   4.833   1.00 0.42 ? 66 ASN A O    1 
ATOM 944  C CB   . ASN A 1 66 ? 0.450   0.168   6.470   1.00 0.38 ? 66 ASN A CB   1 
ATOM 945  C CG   . ASN A 1 66 ? 0.925   -1.120  5.794   1.00 0.31 ? 66 ASN A CG   1 
ATOM 946  O OD1  . ASN A 1 66 ? 0.148   -1.795  5.150   1.00 0.32 ? 66 ASN A OD1  1 
ATOM 947  N ND2  . ASN A 1 66 ? 2.155   -1.510  5.934   1.00 0.34 ? 66 ASN A ND2  1 
ATOM 948  H H    . ASN A 1 66 ? 1.040   1.316   8.673   1.00 0.45 ? 66 ASN A H    1 
ATOM 949  H HA   . ASN A 1 66 ? 2.469   0.823   6.121   1.00 0.39 ? 66 ASN A HA   1 
ATOM 950  H HB2  . ASN A 1 66 ? 0.079   -0.071  7.453   1.00 0.44 ? 66 ASN A HB2  1 
ATOM 951  H HB3  . ASN A 1 66 ? -0.351  0.595   5.885   1.00 0.44 ? 66 ASN A HB3  1 
ATOM 952  H HD21 . ASN A 1 66 ? 2.775   -0.989  6.472   1.00 0.38 ? 66 ASN A HD21 1 
ATOM 953  H HD22 . ASN A 1 66 ? 2.460   -2.328  5.498   1.00 0.37 ? 66 ASN A HD22 1 
ATOM 954  N N    . PRO A 1 67 ? 1.368   3.690   6.520   1.00 0.57 ? 67 PRO A N    1 
ATOM 955  C CA   . PRO A 1 67 ? 0.926   4.949   5.871   1.00 0.66 ? 67 PRO A CA   1 
ATOM 956  C C    . PRO A 1 67 ? 1.950   5.403   4.836   1.00 0.55 ? 67 PRO A C    1 
ATOM 957  O O    . PRO A 1 67 ? 2.853   6.156   5.144   1.00 0.79 ? 67 PRO A O    1 
ATOM 958  C CB   . PRO A 1 67 ? 0.880   5.954   7.013   1.00 0.90 ? 67 PRO A CB   1 
ATOM 959  C CG   . PRO A 1 67 ? 1.859   5.445   8.022   1.00 0.95 ? 67 PRO A CG   1 
ATOM 960  C CD   . PRO A 1 67 ? 2.016   3.961   7.810   1.00 0.71 ? 67 PRO A CD   1 
ATOM 961  H HA   . PRO A 1 67 ? -0.052  4.838   5.430   1.00 0.70 ? 67 PRO A HA   1 
ATOM 962  H HB2  . PRO A 1 67 ? 1.173   6.933   6.661   1.00 0.96 ? 67 PRO A HB2  1 
ATOM 963  H HB3  . PRO A 1 67 ? -0.109  5.988   7.443   1.00 1.03 ? 67 PRO A HB3  1 
ATOM 964  H HG2  . PRO A 1 67 ? 2.811   5.940   7.887   1.00 1.00 ? 67 PRO A HG2  1 
ATOM 965  H HG3  . PRO A 1 67 ? 1.487   5.631   9.018   1.00 1.14 ? 67 PRO A HG3  1 
ATOM 966  H HD2  . PRO A 1 67 ? 3.064   3.693   7.774   1.00 0.69 ? 67 PRO A HD2  1 
ATOM 967  H HD3  . PRO A 1 67 ? 1.516   3.427   8.590   1.00 0.73 ? 67 PRO A HD3  1 
ATOM 968  N N    . HIS A 1 68 ? 1.832   4.967   3.616   1.00 0.54 ? 68 HIS A N    1 
ATOM 969  C CA   . HIS A 1 68 ? 2.825   5.409   2.612   1.00 0.56 ? 68 HIS A CA   1 
ATOM 970  C C    . HIS A 1 68 ? 2.907   6.945   2.633   1.00 0.71 ? 68 HIS A C    1 
ATOM 971  O O    . HIS A 1 68 ? 2.151   7.579   3.345   1.00 0.67 ? 68 HIS A O    1 
ATOM 972  C CB   . HIS A 1 68 ? 2.387   4.809   1.252   1.00 0.49 ? 68 HIS A CB   1 
ATOM 973  C CG   . HIS A 1 68 ? 0.935   5.072   0.885   1.00 0.48 ? 68 HIS A CG   1 
ATOM 974  N ND1  . HIS A 1 68 ? 0.609   5.778   -0.262  1.00 0.57 ? 68 HIS A ND1  1 
ATOM 975  C CD2  . HIS A 1 68 ? -0.281  4.736   1.462   1.00 0.49 ? 68 HIS A CD2  1 
ATOM 976  C CE1  . HIS A 1 68 ? -0.730  5.870   -0.323  1.00 0.62 ? 68 HIS A CE1  1 
ATOM 977  N NE2  . HIS A 1 68 ? -1.320  5.245   0.691   1.00 0.59 ? 68 HIS A NE2  1 
ATOM 978  H H    . HIS A 1 68 ? 1.110   4.366   3.374   1.00 0.78 ? 68 HIS A H    1 
ATOM 979  H HA   . HIS A 1 68 ? 3.792   5.007   2.878   1.00 0.66 ? 68 HIS A HA   1 
ATOM 980  H HB2  . HIS A 1 68 ? 3.007   5.228   0.478   1.00 0.54 ? 68 HIS A HB2  1 
ATOM 981  H HB3  . HIS A 1 68 ? 2.552   3.744   1.286   1.00 0.54 ? 68 HIS A HB3  1 
ATOM 982  H HD1  . HIS A 1 68 ? 1.240   6.134   -0.928  1.00 0.63 ? 68 HIS A HD1  1 
ATOM 983  H HD2  . HIS A 1 68 ? -0.421  4.128   2.335   1.00 0.48 ? 68 HIS A HD2  1 
ATOM 984  H HE1  . HIS A 1 68 ? -1.236  6.521   -1.012  1.00 0.72 ? 68 HIS A HE1  1 
ATOM 985  N N    . PRO A 1 69 ? 3.873   7.487   1.922   1.00 1.05 ? 69 PRO A N    1 
ATOM 986  C CA   . PRO A 1 69 ? 4.112   8.957   1.897   1.00 1.33 ? 69 PRO A CA   1 
ATOM 987  C C    . PRO A 1 69 ? 3.504   9.637   0.654   1.00 1.47 ? 69 PRO A C    1 
ATOM 988  O O    . PRO A 1 69 ? 4.050   9.551   -0.429  1.00 1.97 ? 69 PRO A O    1 
ATOM 989  C CB   . PRO A 1 69 ? 5.634   9.018   1.811   1.00 1.87 ? 69 PRO A CB   1 
ATOM 990  C CG   . PRO A 1 69 ? 6.062   7.716   1.170   1.00 1.90 ? 69 PRO A CG   1 
ATOM 991  C CD   . PRO A 1 69 ? 4.856   6.801   1.099   1.00 1.28 ? 69 PRO A CD   1 
ATOM 992  H HA   . PRO A 1 69 ? 3.774   9.426   2.805   1.00 1.25 ? 69 PRO A HA   1 
ATOM 993  H HB2  . PRO A 1 69 ? 5.939   9.857   1.200   1.00 2.16 ? 69 PRO A HB2  1 
ATOM 994  H HB3  . PRO A 1 69 ? 6.061   9.097   2.798   1.00 2.03 ? 69 PRO A HB3  1 
ATOM 995  H HG2  . PRO A 1 69 ? 6.435   7.907   0.173   1.00 2.13 ? 69 PRO A HG2  1 
ATOM 996  H HG3  . PRO A 1 69 ? 6.832   7.251   1.765   1.00 2.23 ? 69 PRO A HG3  1 
ATOM 997  H HD2  . PRO A 1 69 ? 4.509   6.709   0.079   1.00 1.17 ? 69 PRO A HD2  1 
ATOM 998  H HD3  . PRO A 1 69 ? 5.084   5.834   1.516   1.00 1.33 ? 69 PRO A HD3  1 
ATOM 999  N N    . LYS A 1 70 ? 2.371   10.279  0.781   1.00 1.30 ? 70 LYS A N    1 
ATOM 1000 C CA   . LYS A 1 70 ? 1.744   10.909  -0.406  1.00 1.77 ? 70 LYS A CA   1 
ATOM 1001 C C    . LYS A 1 70 ? 0.854   12.109  -0.037  1.00 1.34 ? 70 LYS A C    1 
ATOM 1002 O O    . LYS A 1 70 ? 0.620   12.954  -0.869  1.00 1.26 ? 70 LYS A O    1 
ATOM 1003 C CB   . LYS A 1 70 ? 0.869   9.847   -1.102  1.00 2.45 ? 70 LYS A CB   1 
ATOM 1004 C CG   . LYS A 1 70 ? 0.974   8.422   -0.513  1.00 3.27 ? 70 LYS A CG   1 
ATOM 1005 C CD   . LYS A 1 70 ? 0.569   8.322   0.997   1.00 4.20 ? 70 LYS A CD   1 
ATOM 1006 C CE   . LYS A 1 70 ? -0.521  9.301   1.384   1.00 4.86 ? 70 LYS A CE   1 
ATOM 1007 N NZ   . LYS A 1 70 ? -0.238  9.615   2.814   1.00 4.74 ? 70 LYS A NZ   1 
ATOM 1008 H H    . LYS A 1 70 ? 1.911   10.295  1.634   1.00 1.07 ? 70 LYS A H    1 
ATOM 1009 H HA   . LYS A 1 70 ? 2.513   11.230  -1.091  1.00 2.34 ? 70 LYS A HA   1 
ATOM 1010 H HB2  . LYS A 1 70 ? -0.157  10.161  -1.065  1.00 2.75 ? 70 LYS A HB2  1 
ATOM 1011 H HB3  . LYS A 1 70 ? 1.175   9.800   -2.132  1.00 2.50 ? 70 LYS A HB3  1 
ATOM 1012 H HG2  . LYS A 1 70 ? 0.338   7.797   -1.097  1.00 3.68 ? 70 LYS A HG2  1 
ATOM 1013 H HG3  . LYS A 1 70 ? 1.992   8.078   -0.626  1.00 3.20 ? 70 LYS A HG3  1 
ATOM 1014 H HD2  . LYS A 1 70 ? 0.213   7.346   1.221   1.00 4.54 ? 70 LYS A HD2  1 
ATOM 1015 H HD3  . LYS A 1 70 ? 1.419   8.488   1.604   1.00 4.46 ? 70 LYS A HD3  1 
ATOM 1016 H HE2  . LYS A 1 70 ? -0.488  10.180  0.777   1.00 5.36 ? 70 LYS A HE2  1 
ATOM 1017 H HE3  . LYS A 1 70 ? -1.471  8.824   1.301   1.00 5.17 ? 70 LYS A HE3  1 
ATOM 1018 H HZ1  . LYS A 1 70 ? 0.790   9.617   2.972   1.00 4.71 ? 70 LYS A HZ1  1 
ATOM 1019 H HZ2  . LYS A 1 70 ? -0.626  10.543  3.053   1.00 4.85 ? 70 LYS A HZ2  1 
ATOM 1020 H HZ3  . LYS A 1 70 ? -0.675  8.892   3.418   1.00 4.93 ? 70 LYS A HZ3  1 
ATOM 1021 N N    . GLN A 1 71 ? 0.321   12.184  1.163   1.00 1.45 ? 71 GLN A N    1 
ATOM 1022 C CA   . GLN A 1 71 ? -0.577  13.328  1.497   1.00 1.32 ? 71 GLN A CA   1 
ATOM 1023 C C    . GLN A 1 71 ? 0.204   14.638  1.467   1.00 1.07 ? 71 GLN A C    1 
ATOM 1024 O O    . GLN A 1 71 ? 0.724   15.089  2.468   1.00 1.29 ? 71 GLN A O    1 
ATOM 1025 C CB   . GLN A 1 71 ? -1.073  13.051  2.920   1.00 1.83 ? 71 GLN A CB   1 
ATOM 1026 C CG   . GLN A 1 71 ? -2.311  12.159  2.866   1.00 2.22 ? 71 GLN A CG   1 
ATOM 1027 C CD   . GLN A 1 71 ? -2.644  11.640  4.265   1.00 2.08 ? 71 GLN A CD   1 
ATOM 1028 O OE1  . GLN A 1 71 ? -2.970  12.405  5.150   1.00 2.34 ? 71 GLN A OE1  1 
ATOM 1029 N NE2  . GLN A 1 71 ? -2.571  10.357  4.501   1.00 1.88 ? 71 GLN A NE2  1 
ATOM 1030 H H    . GLN A 1 71 ? 0.468   11.474  1.821   1.00 1.84 ? 71 GLN A H    1 
ATOM 1031 H HA   . GLN A 1 71 ? -1.411  13.365  0.817   1.00 1.44 ? 71 GLN A HA   1 
ATOM 1032 H HB2  . GLN A 1 71 ? -0.294  12.555  3.484   1.00 2.22 ? 71 GLN A HB2  1 
ATOM 1033 H HB3  . GLN A 1 71 ? -1.325  13.983  3.402   1.00 2.14 ? 71 GLN A HB3  1 
ATOM 1034 H HG2  . GLN A 1 71 ? -3.147  12.723  2.479   1.00 2.71 ? 71 GLN A HG2  1 
ATOM 1035 H HG3  . GLN A 1 71 ? -2.111  11.324  2.218   1.00 2.73 ? 71 GLN A HG3  1 
ATOM 1036 H HE21 . GLN A 1 71 ? -2.305  9.744   3.787   1.00 1.87 ? 71 GLN A HE21 1 
ATOM 1037 H HE22 . GLN A 1 71 ? -2.788  10.007  5.389   1.00 1.87 ? 71 GLN A HE22 1 
ATOM 1038 N N    . ARG A 1 72 ? 0.285   15.255  0.319   1.00 1.04 ? 72 ARG A N    1 
ATOM 1039 C CA   . ARG A 1 72 ? 1.028   16.540  0.224   1.00 1.50 ? 72 ARG A CA   1 
ATOM 1040 C C    . ARG A 1 72 ? 1.013   17.053  -1.218  1.00 1.98 ? 72 ARG A C    1 
ATOM 1041 O O    . ARG A 1 72 ? 1.353   16.330  -2.133  1.00 2.67 ? 72 ARG A O    1 
ATOM 1042 C CB   . ARG A 1 72 ? 2.453   16.200  0.657   1.00 2.44 ? 72 ARG A CB   1 
ATOM 1043 C CG   . ARG A 1 72 ? 3.379   17.366  0.310   1.00 3.20 ? 72 ARG A CG   1 
ATOM 1044 C CD   . ARG A 1 72 ? 4.829   16.974  0.600   1.00 4.12 ? 72 ARG A CD   1 
ATOM 1045 N NE   . ARG A 1 72 ? 5.448   18.199  1.175   1.00 4.93 ? 72 ARG A NE   1 
ATOM 1046 C CZ   . ARG A 1 72 ? 6.429   18.097  2.029   1.00 5.77 ? 72 ARG A CZ   1 
ATOM 1047 N NH1  . ARG A 1 72 ? 6.179   17.830  3.280   1.00 6.38 ? 72 ARG A NH1  1 
ATOM 1048 N NH2  . ARG A 1 72 ? 7.659   18.265  1.631   1.00 6.26 ? 72 ARG A NH2  1 
ATOM 1049 H H    . ARG A 1 72 ? -0.145  14.872  -0.483  1.00 1.00 ? 72 ARG A H    1 
ATOM 1050 H HA   . ARG A 1 72 ? 0.604   17.269  0.894   1.00 1.89 ? 72 ARG A HA   1 
ATOM 1051 H HB2  . ARG A 1 72 ? 2.473   16.028  1.723   1.00 2.80 ? 72 ARG A HB2  1 
ATOM 1052 H HB3  . ARG A 1 72 ? 2.784   15.313  0.141   1.00 2.86 ? 72 ARG A HB3  1 
ATOM 1053 H HG2  . ARG A 1 72 ? 3.274   17.608  -0.738  1.00 3.28 ? 72 ARG A HG2  1 
ATOM 1054 H HG3  . ARG A 1 72 ? 3.115   18.227  0.906   1.00 3.56 ? 72 ARG A HG3  1 
ATOM 1055 H HD2  . ARG A 1 72 ? 4.862   16.160  1.313   1.00 4.38 ? 72 ARG A HD2  1 
ATOM 1056 H HD3  . ARG A 1 72 ? 5.334   16.698  -0.313  1.00 4.36 ? 72 ARG A HD3  1 
ATOM 1057 H HE   . ARG A 1 72 ? 5.119   19.083  0.912   1.00 5.07 ? 72 ARG A HE   1 
ATOM 1058 H HH11 . ARG A 1 72 ? 5.234   17.703  3.585   1.00 6.29 ? 72 ARG A HH11 1 
ATOM 1059 H HH12 . ARG A 1 72 ? 6.929   17.753  3.936   1.00 7.10 ? 72 ARG A HH12 1 
ATOM 1060 H HH21 . ARG A 1 72 ? 7.851   18.470  0.672   1.00 6.06 ? 72 ARG A HH21 1 
ATOM 1061 H HH22 . ARG A 1 72 ? 8.411   18.187  2.286   1.00 6.99 ? 72 ARG A HH22 1 
ATOM 1062 N N    . PRO A 1 73 ? 0.619   18.288  -1.373  1.00 2.47 ? 73 PRO A N    1 
ATOM 1063 C CA   . PRO A 1 73 ? 0.566   18.896  -2.721  1.00 3.53 ? 73 PRO A CA   1 
ATOM 1064 C C    . PRO A 1 73 ? 1.981   19.202  -3.217  1.00 3.88 ? 73 PRO A C    1 
ATOM 1065 O O    . PRO A 1 73 ? 2.855   19.551  -2.449  1.00 3.68 ? 73 PRO A O    1 
ATOM 1066 C CB   . PRO A 1 73 ? -0.226  20.181  -2.506  1.00 4.23 ? 73 PRO A CB   1 
ATOM 1067 C CG   . PRO A 1 73 ? -0.033  20.521  -1.063  1.00 3.84 ? 73 PRO A CG   1 
ATOM 1068 C CD   . PRO A 1 73 ? 0.192   19.225  -0.327  1.00 2.82 ? 73 PRO A CD   1 
ATOM 1069 H HA   . PRO A 1 73 ? 0.048   18.250  -3.413  1.00 3.96 ? 73 PRO A HA   1 
ATOM 1070 H HB2  . PRO A 1 73 ? 0.162   20.969  -3.137  1.00 4.83 ? 73 PRO A HB2  1 
ATOM 1071 H HB3  . PRO A 1 73 ? -1.272  20.015  -2.710  1.00 4.72 ? 73 PRO A HB3  1 
ATOM 1072 H HG2  . PRO A 1 73 ? 0.826   21.167  -0.950  1.00 3.95 ? 73 PRO A HG2  1 
ATOM 1073 H HG3  . PRO A 1 73 ? -0.916  21.007  -0.678  1.00 4.52 ? 73 PRO A HG3  1 
ATOM 1074 H HD2  . PRO A 1 73 ? 0.966   19.343  0.419   1.00 2.77 ? 73 PRO A HD2  1 
ATOM 1075 H HD3  . PRO A 1 73 ? -0.725  18.881  0.127   1.00 2.97 ? 73 PRO A HD3  1 
ATOM 1076 N N    . GLY A 1 74 ? 2.214   19.071  -4.493  1.00 4.77 ? 74 GLY A N    1 
ATOM 1077 C CA   . GLY A 1 74 ? 3.573   19.353  -5.034  1.00 5.47 ? 74 GLY A CA   1 
ATOM 1078 C C    . GLY A 1 74 ? 4.095   20.665  -4.446  1.00 6.18 ? 74 GLY A C    1 
ATOM 1079 O O    . GLY A 1 74 ? 3.299   21.394  -3.877  1.00 6.53 ? 74 GLY A O    1 
ATOM 1080 O OXT  . GLY A 1 74 ? 5.281   20.919  -4.573  1.00 6.67 ? 74 GLY A OXT  1 
ATOM 1081 H H    . GLY A 1 74 ? 1.495   18.786  -5.095  1.00 5.16 ? 74 GLY A H    1 
ATOM 1082 H HA2  . GLY A 1 74 ? 4.241   18.545  -4.766  1.00 5.77 ? 74 GLY A HA2  1 
ATOM 1083 H HA3  . GLY A 1 74 ? 3.522   19.438  -6.109  1.00 5.52 ? 74 GLY A HA3  1 
ATOM 1084 N N    . MET B 2 1  ? -7.845  8.567   -9.422  1.00 2.32 ? 1  MET B N    1 
ATOM 1085 C CA   . MET B 2 1  ? -8.538  8.177   -8.161  1.00 2.00 ? 1  MET B CA   1 
ATOM 1086 C C    . MET B 2 1  ? -7.784  7.037   -7.481  1.00 1.73 ? 1  MET B C    1 
ATOM 1087 O O    . MET B 2 1  ? -8.173  5.889   -7.557  1.00 2.28 ? 1  MET B O    1 
ATOM 1088 C CB   . MET B 2 1  ? -9.930  7.718   -8.603  1.00 2.42 ? 1  MET B CB   1 
ATOM 1089 C CG   . MET B 2 1  ? -10.988 8.335   -7.686  1.00 2.88 ? 1  MET B CG   1 
ATOM 1090 S SD   . MET B 2 1  ? -12.626 8.123   -8.428  1.00 3.71 ? 1  MET B SD   1 
ATOM 1091 C CE   . MET B 2 1  ? -13.346 9.674   -7.834  1.00 4.41 ? 1  MET B CE   1 
ATOM 1092 H H1   . MET B 2 1  ? -7.401  7.728   -9.848  1.00 2.51 ? 1  MET B H1   1 
ATOM 1093 H H2   . MET B 2 1  ? -8.535  8.970   -10.088 1.00 2.53 ? 1  MET B H2   1 
ATOM 1094 H H3   . MET B 2 1  ? -7.111  9.273   -9.211  1.00 2.77 ? 1  MET B H3   1 
ATOM 1095 H HA   . MET B 2 1  ? -8.622  9.023   -7.499  1.00 1.91 ? 1  MET B HA   1 
ATOM 1096 H HB2  . MET B 2 1  ? -10.105 8.036   -9.620  1.00 2.73 ? 1  MET B HB2  1 
ATOM 1097 H HB3  . MET B 2 1  ? -9.990  6.642   -8.546  1.00 2.53 ? 1  MET B HB3  1 
ATOM 1098 H HG2  . MET B 2 1  ? -10.962 7.843   -6.725  1.00 3.02 ? 1  MET B HG2  1 
ATOM 1099 H HG3  . MET B 2 1  ? -10.784 9.388   -7.558  1.00 3.12 ? 1  MET B HG3  1 
ATOM 1100 H HE1  . MET B 2 1  ? -12.790 10.028  -6.982  1.00 4.81 ? 1  MET B HE1  1 
ATOM 1101 H HE2  . MET B 2 1  ? -13.305 10.414  -8.621  1.00 4.80 ? 1  MET B HE2  1 
ATOM 1102 H HE3  . MET B 2 1  ? -14.374 9.504   -7.546  1.00 4.53 ? 1  MET B HE3  1 
ATOM 1103 N N    . ARG B 2 2  ? -6.700  7.340   -6.819  1.00 1.02 ? 2  ARG B N    1 
ATOM 1104 C CA   . ARG B 2 2  ? -5.923  6.262   -6.145  1.00 0.84 ? 2  ARG B CA   1 
ATOM 1105 C C    . ARG B 2 2  ? -5.137  6.804   -4.961  1.00 0.72 ? 2  ARG B C    1 
ATOM 1106 O O    . ARG B 2 2  ? -5.063  7.990   -4.722  1.00 0.77 ? 2  ARG B O    1 
ATOM 1107 C CB   . ARG B 2 2  ? -4.934  5.755   -7.202  1.00 0.82 ? 2  ARG B CB   1 
ATOM 1108 C CG   . ARG B 2 2  ? -5.558  4.576   -7.952  1.00 1.11 ? 2  ARG B CG   1 
ATOM 1109 C CD   . ARG B 2 2  ? -4.608  4.093   -9.051  1.00 1.52 ? 2  ARG B CD   1 
ATOM 1110 N NE   . ARG B 2 2  ? -5.495  3.528   -10.107 1.00 2.01 ? 2  ARG B NE   1 
ATOM 1111 C CZ   . ARG B 2 2  ? -6.391  2.626   -9.801  1.00 2.32 ? 2  ARG B CZ   1 
ATOM 1112 N NH1  . ARG B 2 2  ? -6.052  1.580   -9.099  1.00 2.88 ? 2  ARG B NH1  1 
ATOM 1113 N NH2  . ARG B 2 2  ? -7.628  2.774   -10.193 1.00 2.72 ? 2  ARG B NH2  1 
ATOM 1114 H H    . ARG B 2 2  ? -6.396  8.271   -6.771  1.00 0.84 ? 2  ARG B H    1 
ATOM 1115 H HA   . ARG B 2 2  ? -6.573  5.460   -5.836  1.00 0.96 ? 2  ARG B HA   1 
ATOM 1116 H HB2  . ARG B 2 2  ? -4.706  6.552   -7.897  1.00 0.92 ? 2  ARG B HB2  1 
ATOM 1117 H HB3  . ARG B 2 2  ? -4.014  5.435   -6.717  1.00 0.79 ? 2  ARG B HB3  1 
ATOM 1118 H HG2  . ARG B 2 2  ? -5.746  3.769   -7.259  1.00 1.64 ? 2  ARG B HG2  1 
ATOM 1119 H HG3  . ARG B 2 2  ? -6.490  4.889   -8.399  1.00 1.69 ? 2  ARG B HG3  1 
ATOM 1120 H HD2  . ARG B 2 2  ? -4.035  4.924   -9.440  1.00 2.01 ? 2  ARG B HD2  1 
ATOM 1121 H HD3  . ARG B 2 2  ? -3.952  3.327   -8.670  1.00 2.01 ? 2  ARG B HD3  1 
ATOM 1122 H HE   . ARG B 2 2  ? -5.408  3.834   -11.034 1.00 2.57 ? 2  ARG B HE   1 
ATOM 1123 H HH11 . ARG B 2 2  ? -5.106  1.466   -8.796  1.00 3.17 ? 2  ARG B HH11 1 
ATOM 1124 H HH12 . ARG B 2 2  ? -6.737  0.890   -8.866  1.00 3.34 ? 2  ARG B HH12 1 
ATOM 1125 H HH21 . ARG B 2 2  ? -7.889  3.578   -10.729 1.00 2.90 ? 2  ARG B HH21 1 
ATOM 1126 H HH22 . ARG B 2 2  ? -8.313  2.085   -9.958  1.00 3.21 ? 2  ARG B HH22 1 
ATOM 1127 N N    . TYR B 2 3  ? -4.492  5.922   -4.268  1.00 0.61 ? 3  TYR B N    1 
ATOM 1128 C CA   . TYR B 2 3  ? -3.615  6.327   -3.133  1.00 0.58 ? 3  TYR B CA   1 
ATOM 1129 C C    . TYR B 2 3  ? -2.227  6.164   -3.702  1.00 0.54 ? 3  TYR B C    1 
ATOM 1130 O O    . TYR B 2 3  ? -1.399  5.438   -3.191  1.00 0.54 ? 3  TYR B O    1 
ATOM 1131 C CB   . TYR B 2 3  ? -3.829  5.348   -1.942  1.00 0.55 ? 3  TYR B CB   1 
ATOM 1132 C CG   . TYR B 2 3  ? -5.164  4.637   -2.036  1.00 0.58 ? 3  TYR B CG   1 
ATOM 1133 C CD1  . TYR B 2 3  ? -5.283  3.518   -2.863  1.00 1.19 ? 3  TYR B CD1  1 
ATOM 1134 C CD2  . TYR B 2 3  ? -6.273  5.107   -1.324  1.00 1.10 ? 3  TYR B CD2  1 
ATOM 1135 C CE1  . TYR B 2 3  ? -6.509  2.863   -2.982  1.00 1.24 ? 3  TYR B CE1  1 
ATOM 1136 C CE2  . TYR B 2 3  ? -7.502  4.453   -1.444  1.00 1.14 ? 3  TYR B CE2  1 
ATOM 1137 C CZ   . TYR B 2 3  ? -7.620  3.328   -2.275  1.00 0.74 ? 3  TYR B CZ   1 
ATOM 1138 O OH   . TYR B 2 3  ? -8.831  2.680   -2.401  1.00 0.85 ? 3  TYR B OH   1 
ATOM 1139 H H    . TYR B 2 3  ? -4.537  4.981   -4.531  1.00 0.60 ? 3  TYR B H    1 
ATOM 1140 H HA   . TYR B 2 3  ? -3.801  7.351   -2.843  1.00 0.69 ? 3  TYR B HA   1 
ATOM 1141 H HB2  . TYR B 2 3  ? -3.038  4.611   -1.946  1.00 0.52 ? 3  TYR B HB2  1 
ATOM 1142 H HB3  . TYR B 2 3  ? -3.782  5.903   -1.015  1.00 0.63 ? 3  TYR B HB3  1 
ATOM 1143 H HD1  . TYR B 2 3  ? -4.422  3.159   -3.411  1.00 1.86 ? 3  TYR B HD1  1 
ATOM 1144 H HD2  . TYR B 2 3  ? -6.183  5.978   -0.688  1.00 1.77 ? 3  TYR B HD2  1 
ATOM 1145 H HE1  . TYR B 2 3  ? -6.600  2.002   -3.626  1.00 1.92 ? 3  TYR B HE1  1 
ATOM 1146 H HE2  . TYR B 2 3  ? -8.358  4.812   -0.893  1.00 1.81 ? 3  TYR B HE2  1 
ATOM 1147 H HH   . TYR B 2 3  ? -8.785  2.114   -3.174  1.00 1.21 ? 3  TYR B HH   1 
ATOM 1148 N N    . TYR B 2 4  ? -2.008  6.785   -4.824  1.00 0.57 ? 4  TYR B N    1 
ATOM 1149 C CA   . TYR B 2 4  ? -0.716  6.620   -5.516  1.00 0.61 ? 4  TYR B CA   1 
ATOM 1150 C C    . TYR B 2 4  ? 0.417   7.180   -4.689  1.00 0.68 ? 4  TYR B C    1 
ATOM 1151 O O    . TYR B 2 4  ? 0.264   7.589   -3.556  1.00 0.89 ? 4  TYR B O    1 
ATOM 1152 C CB   . TYR B 2 4  ? -0.843  7.425   -6.809  1.00 0.72 ? 4  TYR B CB   1 
ATOM 1153 C CG   . TYR B 2 4  ? -0.657  6.525   -8.010  1.00 0.72 ? 4  TYR B CG   1 
ATOM 1154 C CD1  . TYR B 2 4  ? -1.533  5.458   -8.231  1.00 1.29 ? 4  TYR B CD1  1 
ATOM 1155 C CD2  . TYR B 2 4  ? 0.392   6.766   -8.908  1.00 1.54 ? 4  TYR B CD2  1 
ATOM 1156 C CE1  . TYR B 2 4  ? -1.363  4.631   -9.348  1.00 1.50 ? 4  TYR B CE1  1 
ATOM 1157 C CE2  . TYR B 2 4  ? 0.562   5.939   -10.023 1.00 1.72 ? 4  TYR B CE2  1 
ATOM 1158 C CZ   . TYR B 2 4  ? -0.315  4.870   -10.243 1.00 1.31 ? 4  TYR B CZ   1 
ATOM 1159 O OH   . TYR B 2 4  ? -0.147  4.056   -11.344 1.00 1.70 ? 4  TYR B OH   1 
ATOM 1160 H H    . TYR B 2 4  ? -2.723  7.314   -5.242  1.00 0.59 ? 4  TYR B H    1 
ATOM 1161 H HA   . TYR B 2 4  ? -0.544  5.580   -5.748  1.00 0.59 ? 4  TYR B HA   1 
ATOM 1162 H HB2  . TYR B 2 4  ? -1.814  7.879   -6.850  1.00 0.82 ? 4  TYR B HB2  1 
ATOM 1163 H HB3  . TYR B 2 4  ? -0.088  8.198   -6.823  1.00 0.98 ? 4  TYR B HB3  1 
ATOM 1164 H HD1  . TYR B 2 4  ? -2.339  5.270   -7.541  1.00 2.03 ? 4  TYR B HD1  1 
ATOM 1165 H HD2  . TYR B 2 4  ? 1.069   7.592   -8.741  1.00 2.31 ? 4  TYR B HD2  1 
ATOM 1166 H HE1  . TYR B 2 4  ? -2.041  3.808   -9.519  1.00 2.27 ? 4  TYR B HE1  1 
ATOM 1167 H HE2  . TYR B 2 4  ? 1.371   6.124   -10.714 1.00 2.54 ? 4  TYR B HE2  1 
ATOM 1168 H HH   . TYR B 2 4  ? -0.790  4.316   -12.007 1.00 1.99 ? 4  TYR B HH   1 
ATOM 1169 N N    . GLU B 2 5  ? 1.556   7.163   -5.272  1.00 0.63 ? 5  GLU B N    1 
ATOM 1170 C CA   . GLU B 2 5  ? 2.780   7.660   -4.572  1.00 0.73 ? 5  GLU B CA   1 
ATOM 1171 C C    . GLU B 2 5  ? 2.960   9.176   -4.753  1.00 0.84 ? 5  GLU B C    1 
ATOM 1172 O O    . GLU B 2 5  ? 4.070   9.669   -4.799  1.00 1.05 ? 5  GLU B O    1 
ATOM 1173 C CB   . GLU B 2 5  ? 3.939   6.902   -5.223  1.00 0.77 ? 5  GLU B CB   1 
ATOM 1174 C CG   . GLU B 2 5  ? 4.181   7.440   -6.635  1.00 1.46 ? 5  GLU B CG   1 
ATOM 1175 C CD   . GLU B 2 5  ? 5.501   6.886   -7.174  1.00 1.91 ? 5  GLU B CD   1 
ATOM 1176 O OE1  . GLU B 2 5  ? 5.740   5.703   -6.999  1.00 2.53 ? 5  GLU B OE1  1 
ATOM 1177 O OE2  . GLU B 2 5  ? 6.250   7.655   -7.752  1.00 2.38 ? 5  GLU B OE2  1 
ATOM 1178 H H    . GLU B 2 5  ? 1.602   6.796   -6.183  1.00 0.66 ? 5  GLU B H    1 
ATOM 1179 H HA   . GLU B 2 5  ? 2.733   7.416   -3.524  1.00 0.72 ? 5  GLU B HA   1 
ATOM 1180 H HB2  . GLU B 2 5  ? 4.832   7.031   -4.629  1.00 1.11 ? 5  GLU B HB2  1 
ATOM 1181 H HB3  . GLU B 2 5  ? 3.693   5.852   -5.279  1.00 1.11 ? 5  GLU B HB3  1 
ATOM 1182 H HG2  . GLU B 2 5  ? 3.371   7.135   -7.280  1.00 1.87 ? 5  GLU B HG2  1 
ATOM 1183 H HG3  . GLU B 2 5  ? 4.234   8.518   -6.607  1.00 2.06 ? 5  GLU B HG3  1 
ATOM 1184 N N    . SER B 2 6  ? 1.892   9.922   -4.854  1.00 0.92 ? 6  SER B N    1 
ATOM 1185 C CA   . SER B 2 6  ? 2.043   11.403  -5.027  1.00 1.04 ? 6  SER B CA   1 
ATOM 1186 C C    . SER B 2 6  ? 0.818   12.156  -4.487  1.00 0.97 ? 6  SER B C    1 
ATOM 1187 O O    . SER B 2 6  ? 0.642   13.326  -4.756  1.00 1.22 ? 6  SER B O    1 
ATOM 1188 C CB   . SER B 2 6  ? 2.171   11.607  -6.535  1.00 1.25 ? 6  SER B CB   1 
ATOM 1189 O OG   . SER B 2 6  ? 1.811   12.943  -6.860  1.00 2.01 ? 6  SER B OG   1 
ATOM 1190 H H    . SER B 2 6  ? 1.003   9.515   -4.817  1.00 1.04 ? 6  SER B H    1 
ATOM 1191 H HA   . SER B 2 6  ? 2.939   11.746  -4.535  1.00 1.21 ? 6  SER B HA   1 
ATOM 1192 H HB2  . SER B 2 6  ? 3.190   11.431  -6.839  1.00 1.71 ? 6  SER B HB2  1 
ATOM 1193 H HB3  . SER B 2 6  ? 1.520   10.912  -7.049  1.00 1.42 ? 6  SER B HB3  1 
ATOM 1194 H HG   . SER B 2 6  ? 1.411   12.938  -7.733  1.00 2.30 ? 6  SER B HG   1 
ATOM 1195 N N    . SER B 2 7  ? -0.012  11.495  -3.720  1.00 0.85 ? 7  SER B N    1 
ATOM 1196 C CA   . SER B 2 7  ? -1.231  12.131  -3.138  1.00 0.98 ? 7  SER B CA   1 
ATOM 1197 C C    . SER B 2 7  ? -2.024  11.033  -2.422  1.00 0.93 ? 7  SER B C    1 
ATOM 1198 O O    . SER B 2 7  ? -1.675  9.872   -2.493  1.00 1.03 ? 7  SER B O    1 
ATOM 1199 C CB   . SER B 2 7  ? -2.032  12.699  -4.315  1.00 1.21 ? 7  SER B CB   1 
ATOM 1200 O OG   . SER B 2 7  ? -3.214  13.314  -3.818  1.00 1.80 ? 7  SER B OG   1 
ATOM 1201 H H    . SER B 2 7  ? 0.170   10.563  -3.508  1.00 0.87 ? 7  SER B H    1 
ATOM 1202 H HA   . SER B 2 7  ? -0.957  12.917  -2.450  1.00 1.22 ? 7  SER B HA   1 
ATOM 1203 H HB2  . SER B 2 7  ? -1.453  13.437  -4.836  1.00 1.68 ? 7  SER B HB2  1 
ATOM 1204 H HB3  . SER B 2 7  ? -2.287  11.899  -4.994  1.00 1.65 ? 7  SER B HB3  1 
ATOM 1205 H HG   . SER B 2 7  ? -3.206  14.234  -4.094  1.00 2.31 ? 7  SER B HG   1 
ATOM 1206 N N    . LEU B 2 8  ? -3.068  11.366  -1.722  1.00 0.98 ? 8  LEU B N    1 
ATOM 1207 C CA   . LEU B 2 8  ? -3.824  10.297  -1.003  1.00 1.09 ? 8  LEU B CA   1 
ATOM 1208 C C    . LEU B 2 8  ? -5.336  10.489  -1.146  1.00 1.09 ? 8  LEU B C    1 
ATOM 1209 O O    . LEU B 2 8  ? -6.091  9.537   -1.164  1.00 1.53 ? 8  LEU B O    1 
ATOM 1210 C CB   . LEU B 2 8  ? -3.382  10.469  0.448   1.00 1.44 ? 8  LEU B CB   1 
ATOM 1211 C CG   . LEU B 2 8  ? -3.768  9.257   1.300   1.00 1.38 ? 8  LEU B CG   1 
ATOM 1212 C CD1  . LEU B 2 8  ? -5.231  9.361   1.694   1.00 2.11 ? 8  LEU B CD1  1 
ATOM 1213 C CD2  . LEU B 2 8  ? -3.506  7.953   0.532   1.00 1.60 ? 8  LEU B CD2  1 
ATOM 1214 H H    . LEU B 2 8  ? -3.345  12.304  -1.653  1.00 1.07 ? 8  LEU B H    1 
ATOM 1215 H HA   . LEU B 2 8  ? -3.534  9.328   -1.365  1.00 1.19 ? 8  LEU B HA   1 
ATOM 1216 H HB2  . LEU B 2 8  ? -2.309  10.593  0.478   1.00 1.93 ? 8  LEU B HB2  1 
ATOM 1217 H HB3  . LEU B 2 8  ? -3.851  11.352  0.858   1.00 2.15 ? 8  LEU B HB3  1 
ATOM 1218 H HG   . LEU B 2 8  ? -3.169  9.261   2.197   1.00 1.86 ? 8  LEU B HG   1 
ATOM 1219 H HD11 . LEU B 2 8  ? -5.690  10.169  1.148   1.00 2.38 ? 8  LEU B HD11 1 
ATOM 1220 H HD12 . LEU B 2 8  ? -5.734  8.435   1.469   1.00 2.61 ? 8  LEU B HD12 1 
ATOM 1221 H HD13 . LEU B 2 8  ? -5.294  9.560   2.752   1.00 2.64 ? 8  LEU B HD13 1 
ATOM 1222 H HD21 . LEU B 2 8  ? -2.720  8.113   -0.193  1.00 2.06 ? 8  LEU B HD21 1 
ATOM 1223 H HD22 . LEU B 2 8  ? -3.195  7.181   1.226   1.00 2.02 ? 8  LEU B HD22 1 
ATOM 1224 H HD23 . LEU B 2 8  ? -4.406  7.642   0.026   1.00 1.88 ? 8  LEU B HD23 1 
ATOM 1225 N N    . LYS B 2 9  ? -5.788  11.705  -1.244  1.00 1.25 ? 9  LYS B N    1 
ATOM 1226 C CA   . LYS B 2 9  ? -7.255  11.941  -1.381  1.00 1.49 ? 9  LYS B CA   1 
ATOM 1227 C C    . LYS B 2 9  ? -7.723  11.485  -2.762  1.00 1.62 ? 9  LYS B C    1 
ATOM 1228 O O    . LYS B 2 9  ? -7.276  12.009  -3.752  1.00 2.21 ? 9  LYS B O    1 
ATOM 1229 C CB   . LYS B 2 9  ? -7.436  13.456  -1.242  1.00 1.89 ? 9  LYS B CB   1 
ATOM 1230 C CG   . LYS B 2 9  ? -6.658  13.972  -0.029  1.00 2.12 ? 9  LYS B CG   1 
ATOM 1231 C CD   . LYS B 2 9  ? -5.784  15.153  -0.451  1.00 2.73 ? 9  LYS B CD   1 
ATOM 1232 C CE   . LYS B 2 9  ? -6.055  16.344  0.470   1.00 3.08 ? 9  LYS B CE   1 
ATOM 1233 N NZ   . LYS B 2 9  ? -6.645  17.387  -0.414  1.00 3.74 ? 9  LYS B NZ   1 
ATOM 1234 H H    . LYS B 2 9  ? -5.167  12.462  -1.225  1.00 1.59 ? 9  LYS B H    1 
ATOM 1235 H HA   . LYS B 2 9  ? -7.799  11.429  -0.603  1.00 1.53 ? 9  LYS B HA   1 
ATOM 1236 H HB2  . LYS B 2 9  ? -7.072  13.943  -2.135  1.00 2.12 ? 9  LYS B HB2  1 
ATOM 1237 H HB3  . LYS B 2 9  ? -8.484  13.681  -1.115  1.00 2.24 ? 9  LYS B HB3  1 
ATOM 1238 H HG2  . LYS B 2 9  ? -7.353  14.293  0.732   1.00 2.27 ? 9  LYS B HG2  1 
ATOM 1239 H HG3  . LYS B 2 9  ? -6.032  13.188  0.363   1.00 2.36 ? 9  LYS B HG3  1 
ATOM 1240 H HD2  . LYS B 2 9  ? -4.743  14.873  -0.383  1.00 3.15 ? 9  LYS B HD2  1 
ATOM 1241 H HD3  . LYS B 2 9  ? -6.017  15.428  -1.470  1.00 3.05 ? 9  LYS B HD3  1 
ATOM 1242 H HE2  . LYS B 2 9  ? -6.754  16.065  1.246   1.00 3.18 ? 9  LYS B HE2  1 
ATOM 1243 H HE3  . LYS B 2 9  ? -5.134  16.704  0.902   1.00 3.31 ? 9  LYS B HE3  1 
ATOM 1244 H HZ1  . LYS B 2 9  ? -6.156  17.377  -1.334  1.00 4.10 ? 9  LYS B HZ1  1 
ATOM 1245 H HZ2  . LYS B 2 9  ? -7.655  17.190  -0.556  1.00 3.99 ? 9  LYS B HZ2  1 
ATOM 1246 H HZ3  . LYS B 2 9  ? -6.534  18.321  0.028   1.00 4.08 ? 9  LYS B HZ3  1 
ATOM 1247 N N    . SER B 2 10 ? -8.606  10.511  -2.826  1.00 1.42 ? 10 SER B N    1 
ATOM 1248 C CA   . SER B 2 10 ? -9.109  10.003  -4.152  1.00 1.75 ? 10 SER B CA   1 
ATOM 1249 C C    . SER B 2 10 ? -9.226  11.139  -5.179  1.00 1.88 ? 10 SER B C    1 
ATOM 1250 O O    . SER B 2 10 ? -10.057 12.017  -5.064  1.00 2.26 ? 10 SER B O    1 
ATOM 1251 C CB   . SER B 2 10 ? -10.486 9.416   -3.850  1.00 2.18 ? 10 SER B CB   1 
ATOM 1252 O OG   . SER B 2 10 ? -10.410 8.623   -2.672  1.00 2.95 ? 10 SER B OG   1 
ATOM 1253 H H    . SER B 2 10 ? -8.936  10.102  -1.997  1.00 1.38 ? 10 SER B H    1 
ATOM 1254 H HA   . SER B 2 10 ? -8.458  9.229   -4.524  1.00 1.89 ? 10 SER B HA   1 
ATOM 1255 H HB2  . SER B 2 10 ? -11.195 10.212  -3.696  1.00 2.36 ? 10 SER B HB2  1 
ATOM 1256 H HB3  . SER B 2 10 ? -10.807 8.807   -4.685  1.00 2.45 ? 10 SER B HB3  1 
ATOM 1257 H HG   . SER B 2 10 ? -10.190 7.726   -2.932  1.00 3.14 ? 10 SER B HG   1 
ATOM 1258 N N    . TYR B 2 11 ? -8.377  11.126  -6.173  1.00 1.85 ? 11 TYR B N    1 
ATOM 1259 C CA   . TYR B 2 11 ? -8.407  12.211  -7.213  1.00 2.30 ? 11 TYR B CA   1 
ATOM 1260 C C    . TYR B 2 11 ? -9.186  11.735  -8.441  1.00 2.81 ? 11 TYR B C    1 
ATOM 1261 O O    . TYR B 2 11 ? -9.077  10.598  -8.845  1.00 2.97 ? 11 TYR B O    1 
ATOM 1262 C CB   . TYR B 2 11 ? -6.938  12.559  -7.624  1.00 2.34 ? 11 TYR B CB   1 
ATOM 1263 C CG   . TYR B 2 11 ? -5.887  11.710  -6.914  1.00 2.52 ? 11 TYR B CG   1 
ATOM 1264 C CD1  . TYR B 2 11 ? -5.493  12.028  -5.607  1.00 2.86 ? 11 TYR B CD1  1 
ATOM 1265 C CD2  . TYR B 2 11 ? -5.319  10.604  -7.562  1.00 2.96 ? 11 TYR B CD2  1 
ATOM 1266 C CE1  . TYR B 2 11 ? -4.536  11.244  -4.955  1.00 3.41 ? 11 TYR B CE1  1 
ATOM 1267 C CE2  . TYR B 2 11 ? -4.361  9.824   -6.908  1.00 3.46 ? 11 TYR B CE2  1 
ATOM 1268 C CZ   . TYR B 2 11 ? -3.970  10.146  -5.605  1.00 3.61 ? 11 TYR B CZ   1 
ATOM 1269 O OH   . TYR B 2 11 ? -3.025  9.377   -4.955  1.00 4.32 ? 11 TYR B OH   1 
ATOM 1270 H H    . TYR B 2 11 ? -7.711  10.409  -6.234  1.00 1.73 ? 11 TYR B H    1 
ATOM 1271 H HA   . TYR B 2 11 ? -8.882  13.089  -6.803  1.00 2.53 ? 11 TYR B HA   1 
ATOM 1272 H HB2  . TYR B 2 11 ? -6.833  12.413  -8.687  1.00 2.73 ? 11 TYR B HB2  1 
ATOM 1273 H HB3  . TYR B 2 11 ? -6.756  13.601  -7.400  1.00 2.43 ? 11 TYR B HB3  1 
ATOM 1274 H HD1  . TYR B 2 11 ? -5.922  12.883  -5.104  1.00 3.03 ? 11 TYR B HD1  1 
ATOM 1275 H HD2  . TYR B 2 11 ? -5.621  10.352  -8.566  1.00 3.23 ? 11 TYR B HD2  1 
ATOM 1276 H HE1  . TYR B 2 11 ? -4.238  11.482  -3.946  1.00 3.94 ? 11 TYR B HE1  1 
ATOM 1277 H HE2  . TYR B 2 11 ? -3.921  8.974   -7.409  1.00 3.99 ? 11 TYR B HE2  1 
ATOM 1278 H HH   . TYR B 2 11 ? -2.189  9.486   -5.413  1.00 4.78 ? 11 TYR B HH   1 
ATOM 1279 N N    . PRO B 2 12 ? -9.950  12.632  -9.000  1.00 3.28 ? 12 PRO B N    1 
ATOM 1280 C CA   . PRO B 2 12 ? -10.758 12.301  -10.200 1.00 3.96 ? 12 PRO B CA   1 
ATOM 1281 C C    . PRO B 2 12 ? -9.852  12.159  -11.427 1.00 4.12 ? 12 PRO B C    1 
ATOM 1282 O O    . PRO B 2 12 ? -9.837  11.138  -12.085 1.00 4.29 ? 12 PRO B O    1 
ATOM 1283 C CB   . PRO B 2 12 ? -11.692 13.500  -10.343 1.00 4.45 ? 12 PRO B CB   1 
ATOM 1284 C CG   . PRO B 2 12 ? -10.980 14.628  -9.666  1.00 4.12 ? 12 PRO B CG   1 
ATOM 1285 C CD   . PRO B 2 12 ? -10.133 14.024  -8.576  1.00 3.43 ? 12 PRO B CD   1 
ATOM 1286 H HA   . PRO B 2 12 ? -11.330 11.402  -10.039 1.00 4.15 ? 12 PRO B HA   1 
ATOM 1287 H HB2  . PRO B 2 12 ? -11.854 13.727  -11.388 1.00 4.86 ? 12 PRO B HB2  1 
ATOM 1288 H HB3  . PRO B 2 12 ? -12.630 13.308  -9.848  1.00 4.73 ? 12 PRO B HB3  1 
ATOM 1289 H HG2  . PRO B 2 12 ? -10.355 15.148  -10.379 1.00 4.17 ? 12 PRO B HG2  1 
ATOM 1290 H HG3  . PRO B 2 12 ? -11.696 15.310  -9.234  1.00 4.46 ? 12 PRO B HG3  1 
ATOM 1291 H HD2  . PRO B 2 12 ? -9.180  14.532  -8.512  1.00 3.24 ? 12 PRO B HD2  1 
ATOM 1292 H HD3  . PRO B 2 12 ? -10.649 14.059  -7.630  1.00 3.45 ? 12 PRO B HD3  1 
ATOM 1293 N N    . ASP B 2 13 ? -9.094  13.176  -11.737 1.00 4.43 ? 13 ASP B N    1 
ATOM 1294 C CA   . ASP B 2 13 ? -8.187  13.098  -12.918 1.00 4.75 ? 13 ASP B CA   1 
ATOM 1295 C C    . ASP B 2 13 ? -7.456  14.428  -13.114 1.00 4.77 ? 13 ASP B C    1 
ATOM 1296 O O    . ASP B 2 13 ? -7.441  15.214  -12.181 1.00 4.96 ? 13 ASP B O    1 
ATOM 1297 C CB   . ASP B 2 13 ? -9.108  12.813  -14.106 1.00 5.62 ? 13 ASP B CB   1 
ATOM 1298 C CG   . ASP B 2 13 ? -8.450  11.783  -15.026 1.00 5.93 ? 13 ASP B CG   1 
ATOM 1299 O OD1  . ASP B 2 13 ? -8.037  10.751  -14.527 1.00 6.10 ? 13 ASP B OD1  1 
ATOM 1300 O OD2  . ASP B 2 13 ? -8.373  12.045  -16.216 1.00 6.34 ? 13 ASP B OD2  1 
ATOM 1301 O OXT  . ASP B 2 13 ? -6.925  14.637  -14.192 1.00 5.01 ? 13 ASP B OXT  1 
ATOM 1302 H H    . ASP B 2 13 ? -9.118  13.990  -11.192 1.00 4.67 ? 13 ASP B H    1 
ATOM 1303 H HA   . ASP B 2 13 ? -7.480  12.292  -12.799 1.00 4.74 ? 13 ASP B HA   1 
ATOM 1304 H HB2  . ASP B 2 13 ? -10.050 12.427  -13.746 1.00 6.04 ? 13 ASP B HB2  1 
ATOM 1305 H HB3  . ASP B 2 13 ? -9.279  13.727  -14.656 1.00 5.93 ? 13 ASP B HB3  1 
# 
